data_1FP4
#
_entry.id   1FP4
#
_cell.length_a   107.200
_cell.length_b   130.200
_cell.length_c   80.400
_cell.angle_alpha   90.00
_cell.angle_beta   111.20
_cell.angle_gamma   90.00
#
_symmetry.space_group_name_H-M   'P 1 21 1'
#
loop_
_entity.id
_entity.type
_entity.pdbx_description
1 polymer 'NITROGENASE MOLYBDENUM-IRON PROTEIN ALPHA CHAIN'
2 polymer 'NITROGENASE MOLYBDENUM-IRON PROTEIN BETA CHAIN'
3 non-polymer '3-HYDROXY-3-CARBOXY-ADIPIC ACID'
4 non-polymer 'FE-MO-S CLUSTER'
5 non-polymer 'FE-S CLUSTER'
6 non-polymer 'CALCIUM ION'
7 water water
#
loop_
_entity_poly.entity_id
_entity_poly.type
_entity_poly.pdbx_seq_one_letter_code
_entity_poly.pdbx_strand_id
1 'polypeptide(L)'
;MTGMSREEVESLIQEVLEVYPEKARKDRNKHLAVNDPAVTQSKKCIISNKKSQPGLMTIRGCAYAGSKGVVWGPIKDMIH
ISHGPVGCGQYSRAGRRNYYIGTTGVNAFVTMNFTSDFQEKDIVFGGDKKLAKLIDEVETLFPLNKGISVQSECPIGLIG
DDIESVSKVKGAELSKTIVPVRCEGFRGVSQSLGQHIANDAVRDWVLGKRDEDTTFASTPYDVAIIGDYNIGGDAWSSRI
LLEEMGLRCVAQWSGDGSISEIELTPKVKLNLVHCYRSMNYISRHMEEKYGIPWMEYNFFGPTKTIESLRAIAAKFDESI
QKKCEEVIAKYKPEWEAVVAKYRPRLEGKRVMLYIGGLRPRHVIGAYEDLGMEVVGTGYEFAHNDDYDRTMKEMGDSTLL
YDDVTGYEFEEFVKRIKPDLIGSGIKEKFIFQKMGIPFREMHSWDYSGPYHGFDGFAIFARDMDMTLNNPCWKKLQAPWE
ASEGAEKVAASA
;
A,C
2 'polypeptide(L)'
;MSQQVDKIKASYPLFLDQDYKDMLAKKRDGFEEKYPQDKIDEVFQWTTTKEYQELNFQREALTVNPAKACQPLGAVLCAL
GFEKTMPYVHGSQGCVAYFRSYFNRHFREPVSCVSDSMTEDAAVFGGQQNMKDGLQNCKATYKPDMIAVSTTCMAEVIGD
DLNAFINNSKKEGFIPDEFPVPFAHTPSFVGSHVTGWDNMFEGIARYFTLKSMDDKVVGSNKKINIVPGFETYLGNFRVI
KRMLSEMGVGYSLLSDPEEVLDTPADGQFRMYAGGTTQEEMKDAPNALNTVLLQPWHLEKTKKFVEGTWKHEVPKLNIPM
GLDWTDEFLMKVSEISGQPIPASLTKERGRLVDMMTDSHTWLHGKRFALWGDPDFVMGLVKFLLELGCEPVHILCHNGNK
RWKKAVDAILAASPYGKNATVYIGKDLWHLRSLVFTDKPDFMIGNSYGKFIQRDTLHKGKEFEVPLIRIGFPIFDRHHLH
RSTTLGYEGAMQILTTLVNSILERLDEETRGMQATDYNHDLVR
;
B,D
#
# COMPACT_ATOMS: atom_id res chain seq x y z
N SER A 5 -50.03 12.62 9.94
CA SER A 5 -49.54 12.58 11.31
C SER A 5 -49.26 13.96 11.92
N ARG A 6 -49.77 15.03 11.27
CA ARG A 6 -49.55 16.44 11.55
C ARG A 6 -49.40 17.00 12.95
N GLU A 7 -49.97 16.36 13.99
CA GLU A 7 -49.83 16.81 15.37
C GLU A 7 -48.57 16.25 16.02
N GLU A 8 -48.14 15.05 15.59
CA GLU A 8 -46.88 14.43 16.00
C GLU A 8 -45.71 15.31 15.57
N VAL A 9 -45.82 15.83 14.34
CA VAL A 9 -44.84 16.73 13.71
C VAL A 9 -44.88 18.08 14.41
N GLU A 10 -46.08 18.59 14.70
CA GLU A 10 -46.30 19.87 15.37
C GLU A 10 -45.73 19.88 16.78
N SER A 11 -45.91 18.73 17.43
CA SER A 11 -45.46 18.50 18.79
C SER A 11 -43.96 18.25 18.87
N LEU A 12 -43.38 17.72 17.79
CA LEU A 12 -41.97 17.39 17.65
C LEU A 12 -41.13 18.67 17.66
N ILE A 13 -41.53 19.59 16.78
CA ILE A 13 -40.92 20.90 16.62
C ILE A 13 -40.83 21.59 17.97
N GLN A 14 -41.96 21.65 18.66
CA GLN A 14 -42.08 22.26 19.97
C GLN A 14 -41.14 21.63 21.03
N GLU A 15 -41.06 20.29 21.07
CA GLU A 15 -40.20 19.55 22.00
C GLU A 15 -38.72 19.78 21.84
N VAL A 16 -38.24 19.70 20.59
CA VAL A 16 -36.85 19.97 20.21
C VAL A 16 -36.45 21.37 20.68
N LEU A 17 -37.31 22.35 20.39
CA LEU A 17 -37.06 23.74 20.75
C LEU A 17 -37.02 24.08 22.25
N GLU A 18 -37.41 23.20 23.17
CA GLU A 18 -37.34 23.53 24.60
C GLU A 18 -35.96 23.59 25.21
N VAL A 19 -34.96 22.95 24.57
CA VAL A 19 -33.56 22.94 25.05
C VAL A 19 -32.86 24.29 24.87
N TYR A 20 -33.44 25.13 24.00
CA TYR A 20 -32.92 26.46 23.73
C TYR A 20 -33.19 27.48 24.84
N PRO A 21 -32.37 28.54 24.92
CA PRO A 21 -32.73 29.85 25.47
C PRO A 21 -33.90 30.53 24.75
N GLU A 22 -34.44 31.64 25.29
CA GLU A 22 -35.62 32.29 24.71
C GLU A 22 -35.51 32.91 23.32
N LYS A 23 -34.56 33.80 22.98
CA LYS A 23 -34.57 34.37 21.64
C LYS A 23 -34.19 33.38 20.54
N ALA A 24 -33.50 32.28 20.92
CA ALA A 24 -33.18 31.19 20.00
C ALA A 24 -34.46 30.44 19.67
N ARG A 25 -35.20 30.04 20.73
CA ARG A 25 -36.50 29.36 20.65
C ARG A 25 -37.51 30.04 19.75
N LYS A 26 -37.60 31.38 19.87
CA LYS A 26 -38.55 32.19 19.11
C LYS A 26 -38.13 32.22 17.65
N ASP A 27 -36.83 32.43 17.40
CA ASP A 27 -36.29 32.52 16.04
C ASP A 27 -36.30 31.21 15.25
N ARG A 28 -36.00 30.12 15.94
CA ARG A 28 -35.97 28.80 15.33
C ARG A 28 -37.36 28.25 15.09
N ASN A 29 -38.36 28.71 15.87
CA ASN A 29 -39.74 28.31 15.69
C ASN A 29 -40.29 28.86 14.37
N LYS A 30 -39.82 30.06 14.04
CA LYS A 30 -40.10 30.69 12.77
C LYS A 30 -39.48 29.97 11.57
N HIS A 31 -38.35 29.29 11.81
CA HIS A 31 -37.62 28.55 10.79
C HIS A 31 -37.90 27.03 10.73
N LEU A 32 -38.98 26.55 11.35
CA LEU A 32 -39.41 25.15 11.32
C LEU A 32 -40.92 25.11 11.03
N ALA A 33 -41.29 24.41 9.95
CA ALA A 33 -42.68 24.34 9.51
C ALA A 33 -43.15 22.97 9.02
N VAL A 34 -44.47 22.75 9.13
CA VAL A 34 -45.15 21.57 8.62
C VAL A 34 -45.78 22.03 7.30
N ASN A 35 -45.57 21.29 6.21
CA ASN A 35 -46.07 21.67 4.88
C ASN A 35 -47.56 21.39 4.72
N CYS A 45 -46.39 27.55 6.32
CA CYS A 45 -45.39 28.52 5.93
C CYS A 45 -44.26 28.73 6.94
N ILE A 46 -43.19 29.31 6.38
CA ILE A 46 -41.90 29.47 7.06
C ILE A 46 -41.14 30.75 6.69
N ILE A 47 -40.32 31.35 7.58
CA ILE A 47 -39.46 32.45 7.14
C ILE A 47 -38.06 31.88 6.90
N SER A 48 -37.41 32.53 5.95
CA SER A 48 -36.14 32.04 5.48
C SER A 48 -35.16 33.17 5.28
N ASN A 49 -33.98 32.77 4.75
CA ASN A 49 -32.81 33.61 4.55
C ASN A 49 -32.41 34.79 5.44
N LYS A 50 -32.27 34.72 6.77
CA LYS A 50 -31.84 35.87 7.60
C LYS A 50 -30.59 35.21 8.18
N LYS A 51 -30.11 35.72 9.31
CA LYS A 51 -29.17 35.16 10.19
C LYS A 51 -29.34 33.87 10.99
N SER A 52 -28.15 33.29 11.22
CA SER A 52 -27.98 32.13 12.06
C SER A 52 -27.81 32.62 13.49
N GLN A 53 -28.32 31.76 14.36
CA GLN A 53 -28.28 32.02 15.76
C GLN A 53 -26.94 31.54 16.33
N PRO A 54 -26.21 32.38 17.11
CA PRO A 54 -24.89 32.09 17.67
C PRO A 54 -24.79 30.89 18.58
N GLY A 55 -23.72 30.13 18.35
CA GLY A 55 -23.41 28.95 19.11
C GLY A 55 -24.30 27.76 18.81
N LEU A 56 -25.05 27.71 17.70
CA LEU A 56 -25.94 26.58 17.48
C LEU A 56 -25.60 25.58 16.39
N MET A 57 -24.35 25.59 15.90
CA MET A 57 -23.85 24.65 14.91
C MET A 57 -24.65 24.49 13.62
N THR A 58 -24.69 25.66 13.04
CA THR A 58 -25.22 25.90 11.71
C THR A 58 -24.36 25.15 10.72
N ILE A 59 -25.00 24.65 9.66
CA ILE A 59 -24.31 23.91 8.61
C ILE A 59 -23.81 24.84 7.49
N ARG A 60 -24.40 26.05 7.44
CA ARG A 60 -24.05 27.12 6.52
C ARG A 60 -22.60 27.61 6.49
N GLY A 61 -22.19 27.94 5.25
CA GLY A 61 -20.92 28.60 4.95
C GLY A 61 -21.07 30.13 4.83
N CYS A 62 -20.04 30.73 4.23
CA CYS A 62 -19.98 32.19 4.07
C CYS A 62 -20.17 32.71 2.65
N ALA A 63 -20.15 34.05 2.47
CA ALA A 63 -20.31 34.65 1.15
C ALA A 63 -19.15 34.35 0.20
N TYR A 64 -17.96 34.04 0.79
CA TYR A 64 -16.76 33.66 0.04
C TYR A 64 -16.95 32.29 -0.61
N ALA A 65 -17.53 31.36 0.14
CA ALA A 65 -17.83 30.04 -0.38
C ALA A 65 -18.81 30.16 -1.55
N GLY A 66 -19.79 31.09 -1.46
CA GLY A 66 -20.79 31.31 -2.50
C GLY A 66 -20.20 31.86 -3.78
N SER A 67 -19.11 32.63 -3.66
CA SER A 67 -18.50 33.27 -4.81
C SER A 67 -17.36 32.44 -5.37
N LYS A 68 -16.26 32.28 -4.61
CA LYS A 68 -15.12 31.47 -5.02
C LYS A 68 -15.46 30.00 -5.18
N GLY A 69 -16.19 29.44 -4.21
CA GLY A 69 -16.51 28.02 -4.20
C GLY A 69 -17.50 27.62 -5.28
N VAL A 70 -18.58 28.38 -5.49
CA VAL A 70 -19.56 27.96 -6.48
C VAL A 70 -19.60 28.77 -7.78
N VAL A 71 -19.57 30.12 -7.82
CA VAL A 71 -19.69 30.78 -9.12
C VAL A 71 -18.35 30.92 -9.83
N TRP A 72 -17.41 31.64 -9.23
CA TRP A 72 -16.14 31.85 -9.87
C TRP A 72 -15.22 30.65 -9.97
N GLY A 73 -14.83 29.97 -8.88
CA GLY A 73 -13.91 28.84 -8.87
C GLY A 73 -13.93 27.88 -10.06
N PRO A 74 -15.10 27.37 -10.50
CA PRO A 74 -15.22 26.55 -11.69
C PRO A 74 -14.81 27.08 -13.06
N ILE A 75 -14.65 28.41 -13.20
CA ILE A 75 -14.19 29.00 -14.45
C ILE A 75 -12.70 28.72 -14.59
N LYS A 76 -12.66 27.75 -15.51
CA LYS A 76 -11.53 26.98 -16.00
C LYS A 76 -10.24 27.69 -16.40
N ASP A 77 -10.31 28.58 -17.37
CA ASP A 77 -9.13 29.26 -17.89
C ASP A 77 -8.80 30.59 -17.21
N MET A 78 -9.34 30.79 -16.01
CA MET A 78 -9.06 31.97 -15.23
C MET A 78 -8.45 31.50 -13.95
N ILE A 79 -7.66 32.43 -13.40
CA ILE A 79 -7.01 32.20 -12.13
C ILE A 79 -7.79 32.99 -11.10
N HIS A 80 -8.18 32.29 -10.05
CA HIS A 80 -8.97 32.89 -8.99
C HIS A 80 -8.06 33.01 -7.80
N ILE A 81 -7.99 34.25 -7.28
CA ILE A 81 -7.11 34.57 -6.16
C ILE A 81 -7.92 34.76 -4.89
N SER A 82 -7.73 33.85 -3.92
CA SER A 82 -8.32 34.02 -2.62
C SER A 82 -7.38 34.98 -1.89
N HIS A 83 -7.88 36.22 -1.83
CA HIS A 83 -7.15 37.35 -1.30
C HIS A 83 -7.40 37.51 0.18
N GLY A 84 -6.41 37.09 0.93
CA GLY A 84 -6.52 37.13 2.38
C GLY A 84 -5.55 36.13 2.95
N PRO A 85 -5.74 35.69 4.19
CA PRO A 85 -4.96 34.61 4.80
C PRO A 85 -5.11 33.26 4.12
N VAL A 86 -4.27 32.32 4.58
CA VAL A 86 -4.13 31.05 3.90
C VAL A 86 -5.28 30.05 4.05
N GLY A 87 -6.06 30.18 5.13
CA GLY A 87 -7.15 29.28 5.46
C GLY A 87 -8.15 28.98 4.35
N CYS A 88 -8.96 29.98 3.97
CA CYS A 88 -10.04 29.87 2.99
C CYS A 88 -9.69 29.17 1.70
N GLY A 89 -8.58 29.60 1.10
CA GLY A 89 -8.07 28.98 -0.09
C GLY A 89 -7.74 27.50 0.14
N GLN A 90 -7.22 27.11 1.32
CA GLN A 90 -6.90 25.71 1.60
C GLN A 90 -8.07 24.79 1.74
N TYR A 91 -9.02 25.20 2.59
CA TYR A 91 -10.19 24.41 2.89
C TYR A 91 -11.06 24.26 1.68
N SER A 92 -11.09 25.28 0.82
CA SER A 92 -11.87 25.19 -0.39
C SER A 92 -11.06 24.64 -1.55
N ARG A 93 -9.75 24.33 -1.41
CA ARG A 93 -8.98 23.75 -2.53
C ARG A 93 -9.47 22.34 -2.82
N ALA A 94 -10.01 22.21 -4.03
CA ALA A 94 -10.55 20.99 -4.62
C ALA A 94 -11.59 20.20 -3.82
N GLY A 95 -12.31 20.93 -2.96
CA GLY A 95 -13.37 20.36 -2.13
C GLY A 95 -14.63 20.08 -2.93
N ARG A 96 -14.95 20.94 -3.91
CA ARG A 96 -16.16 20.74 -4.70
C ARG A 96 -15.74 20.18 -6.05
N ARG A 97 -16.51 19.19 -6.50
CA ARG A 97 -16.18 18.49 -7.73
C ARG A 97 -16.87 19.07 -8.95
N ASN A 98 -16.48 20.31 -9.29
CA ASN A 98 -16.98 21.04 -10.46
C ASN A 98 -16.05 20.72 -11.62
N TYR A 99 -16.42 19.63 -12.30
CA TYR A 99 -15.58 19.04 -13.34
C TYR A 99 -15.26 19.82 -14.59
N TYR A 100 -14.04 19.61 -15.10
CA TYR A 100 -13.55 20.32 -16.26
C TYR A 100 -12.52 19.57 -17.11
N ILE A 101 -12.41 20.03 -18.37
CA ILE A 101 -11.41 19.49 -19.28
C ILE A 101 -10.33 20.56 -19.46
N GLY A 102 -9.09 20.18 -19.15
CA GLY A 102 -7.95 21.08 -19.27
C GLY A 102 -6.63 20.51 -18.82
N THR A 103 -5.61 21.34 -18.95
CA THR A 103 -4.26 20.99 -18.52
C THR A 103 -4.01 21.94 -17.35
N THR A 104 -4.22 21.43 -16.13
CA THR A 104 -4.11 22.26 -14.95
C THR A 104 -2.70 22.75 -14.73
N GLY A 105 -2.59 24.04 -14.38
CA GLY A 105 -1.31 24.73 -14.19
C GLY A 105 -0.75 25.35 -15.47
N VAL A 106 -1.28 24.96 -16.64
CA VAL A 106 -0.85 25.49 -17.93
C VAL A 106 -1.96 26.36 -18.53
N ASN A 107 -3.09 25.77 -18.94
CA ASN A 107 -4.16 26.58 -19.47
C ASN A 107 -5.41 26.51 -18.58
N ALA A 108 -5.55 25.53 -17.71
CA ALA A 108 -6.71 25.38 -16.85
C ALA A 108 -6.26 25.44 -15.40
N PHE A 109 -7.06 25.89 -14.41
CA PHE A 109 -6.51 26.11 -13.08
C PHE A 109 -7.44 25.79 -11.91
N VAL A 110 -8.59 25.15 -12.17
CA VAL A 110 -9.65 24.99 -11.16
C VAL A 110 -9.24 24.38 -9.82
N THR A 111 -8.43 23.33 -9.84
CA THR A 111 -8.02 22.63 -8.62
C THR A 111 -6.78 23.16 -7.90
N MET A 112 -6.21 24.28 -8.37
CA MET A 112 -5.06 24.92 -7.75
C MET A 112 -5.52 25.98 -6.76
N ASN A 113 -4.63 26.34 -5.84
CA ASN A 113 -4.91 27.34 -4.85
C ASN A 113 -3.98 28.56 -5.02
N PHE A 114 -4.52 29.62 -5.60
CA PHE A 114 -3.79 30.87 -5.73
C PHE A 114 -4.27 31.75 -4.57
N THR A 115 -3.34 32.22 -3.75
CA THR A 115 -3.69 33.05 -2.60
C THR A 115 -2.65 34.14 -2.35
N SER A 116 -3.10 35.26 -1.75
CA SER A 116 -2.18 36.33 -1.40
C SER A 116 -1.56 36.13 -0.03
N ASP A 117 -2.00 35.09 0.74
CA ASP A 117 -1.42 34.68 2.02
C ASP A 117 -0.97 35.80 2.96
N PHE A 118 -1.98 36.54 3.40
CA PHE A 118 -1.78 37.63 4.33
C PHE A 118 -1.07 37.31 5.62
N GLN A 119 -0.08 38.15 5.86
CA GLN A 119 0.71 38.13 7.08
C GLN A 119 0.36 39.40 7.87
N GLU A 120 0.90 39.62 9.07
CA GLU A 120 0.53 40.82 9.79
C GLU A 120 0.95 42.09 9.09
N LYS A 121 2.04 42.17 8.31
CA LYS A 121 2.39 43.41 7.61
C LYS A 121 1.35 43.84 6.59
N ASP A 122 0.68 42.87 5.97
CA ASP A 122 -0.36 43.13 4.98
C ASP A 122 -1.64 43.60 5.62
N ILE A 123 -1.97 43.12 6.82
CA ILE A 123 -3.14 43.56 7.55
C ILE A 123 -2.97 45.02 7.99
N VAL A 124 -1.76 45.33 8.47
CA VAL A 124 -1.43 46.63 9.03
C VAL A 124 -1.29 47.71 7.97
N PHE A 125 -0.62 47.37 6.87
CA PHE A 125 -0.37 48.35 5.83
C PHE A 125 -1.35 48.32 4.67
N GLY A 126 -2.13 47.25 4.51
CA GLY A 126 -3.00 47.12 3.37
C GLY A 126 -2.37 46.15 2.36
N GLY A 127 -3.20 45.36 1.69
CA GLY A 127 -2.70 44.35 0.77
C GLY A 127 -2.75 44.72 -0.70
N ASP A 128 -2.93 46.00 -1.06
CA ASP A 128 -3.04 46.39 -2.47
C ASP A 128 -1.75 46.46 -3.27
N LYS A 129 -0.61 46.78 -2.65
CA LYS A 129 0.66 46.76 -3.36
C LYS A 129 1.02 45.29 -3.51
N LYS A 130 0.75 44.44 -2.49
CA LYS A 130 1.03 43.01 -2.58
C LYS A 130 0.18 42.36 -3.68
N LEU A 131 -1.07 42.81 -3.85
CA LEU A 131 -1.96 42.31 -4.90
C LEU A 131 -1.44 42.67 -6.27
N ALA A 132 -0.99 43.93 -6.46
CA ALA A 132 -0.44 44.39 -7.72
C ALA A 132 0.75 43.56 -8.20
N LYS A 133 1.67 43.23 -7.29
CA LYS A 133 2.83 42.43 -7.61
C LYS A 133 2.43 40.96 -7.85
N LEU A 134 1.42 40.48 -7.10
CA LEU A 134 0.85 39.14 -7.26
C LEU A 134 0.28 38.98 -8.66
N ILE A 135 -0.39 40.01 -9.20
CA ILE A 135 -0.94 39.94 -10.53
C ILE A 135 0.18 39.82 -11.55
N ASP A 136 1.29 40.54 -11.40
CA ASP A 136 2.41 40.40 -12.33
C ASP A 136 3.04 39.02 -12.29
N GLU A 137 3.21 38.48 -11.06
CA GLU A 137 3.74 37.15 -10.87
C GLU A 137 2.86 36.09 -11.51
N VAL A 138 1.54 36.21 -11.34
CA VAL A 138 0.56 35.36 -12.01
C VAL A 138 0.81 35.41 -13.52
N GLU A 139 0.99 36.60 -14.11
CA GLU A 139 1.27 36.74 -15.54
C GLU A 139 2.59 36.16 -16.00
N THR A 140 3.67 36.18 -15.20
CA THR A 140 4.91 35.64 -15.72
C THR A 140 4.90 34.13 -15.60
N LEU A 141 4.26 33.60 -14.55
CA LEU A 141 4.30 32.16 -14.36
C LEU A 141 3.19 31.36 -15.02
N PHE A 142 2.03 31.96 -15.23
CA PHE A 142 0.93 31.25 -15.87
C PHE A 142 0.47 32.13 -17.04
N PRO A 143 1.24 32.17 -18.14
CA PRO A 143 1.04 33.09 -19.28
C PRO A 143 -0.28 32.91 -20.02
N LEU A 144 -0.71 31.64 -20.07
CA LEU A 144 -1.92 31.21 -20.75
C LEU A 144 -3.24 31.45 -20.06
N ASN A 145 -3.27 32.09 -18.89
CA ASN A 145 -4.55 32.45 -18.28
C ASN A 145 -5.23 33.53 -19.13
N LYS A 146 -6.55 33.39 -19.20
CA LYS A 146 -7.39 34.26 -20.02
C LYS A 146 -8.10 35.34 -19.18
N GLY A 147 -7.76 35.44 -17.88
CA GLY A 147 -8.37 36.37 -16.96
C GLY A 147 -8.02 35.99 -15.52
N ILE A 148 -8.28 36.92 -14.58
CA ILE A 148 -7.96 36.76 -13.16
C ILE A 148 -9.11 37.30 -12.31
N SER A 149 -9.56 36.59 -11.27
CA SER A 149 -10.54 37.09 -10.29
C SER A 149 -9.78 37.25 -8.99
N VAL A 150 -10.22 38.19 -8.17
CA VAL A 150 -9.66 38.36 -6.85
C VAL A 150 -10.84 38.40 -5.87
N GLN A 151 -10.94 37.20 -5.27
CA GLN A 151 -11.95 36.85 -4.28
C GLN A 151 -11.58 37.33 -2.89
N SER A 152 -12.24 38.38 -2.40
CA SER A 152 -11.96 38.90 -1.07
C SER A 152 -12.42 38.03 0.09
N GLU A 153 -11.49 37.73 0.98
CA GLU A 153 -11.79 37.06 2.24
C GLU A 153 -12.10 38.16 3.28
N CYS A 154 -12.59 37.88 4.52
CA CYS A 154 -12.99 38.94 5.48
C CYS A 154 -12.12 40.17 5.62
N PRO A 155 -10.80 40.07 5.89
CA PRO A 155 -9.91 41.20 6.16
C PRO A 155 -9.90 42.35 5.16
N ILE A 156 -9.99 42.01 3.88
CA ILE A 156 -9.95 42.95 2.77
C ILE A 156 -10.91 44.15 2.93
N GLY A 157 -12.19 43.87 3.19
CA GLY A 157 -13.20 44.91 3.39
C GLY A 157 -13.02 45.64 4.72
N LEU A 158 -12.69 44.91 5.80
CA LEU A 158 -12.45 45.51 7.10
C LEU A 158 -11.25 46.44 7.12
N ILE A 159 -10.10 46.15 6.48
CA ILE A 159 -8.93 47.02 6.56
C ILE A 159 -8.97 48.14 5.53
N GLY A 160 -10.08 48.21 4.76
CA GLY A 160 -10.29 49.25 3.75
C GLY A 160 -9.37 49.22 2.54
N ASP A 161 -9.21 48.04 1.91
CA ASP A 161 -8.45 47.94 0.67
C ASP A 161 -9.34 48.26 -0.52
N ASP A 162 -8.74 48.76 -1.60
CA ASP A 162 -9.51 49.01 -2.78
C ASP A 162 -8.93 48.15 -3.90
N ILE A 163 -9.48 46.93 -3.92
CA ILE A 163 -9.09 45.96 -4.92
C ILE A 163 -9.65 46.34 -6.28
N GLU A 164 -10.68 47.21 -6.33
CA GLU A 164 -11.20 47.70 -7.61
C GLU A 164 -10.18 48.58 -8.32
N SER A 165 -9.49 49.45 -7.57
CA SER A 165 -8.45 50.30 -8.13
C SER A 165 -7.36 49.46 -8.75
N VAL A 166 -6.91 48.46 -7.98
CA VAL A 166 -5.84 47.58 -8.38
C VAL A 166 -6.26 46.84 -9.64
N SER A 167 -7.48 46.30 -9.68
CA SER A 167 -8.02 45.61 -10.86
C SER A 167 -8.10 46.43 -12.15
N LYS A 168 -8.44 47.72 -12.04
CA LYS A 168 -8.56 48.61 -13.19
C LYS A 168 -7.23 49.08 -13.75
N VAL A 169 -6.32 49.45 -12.85
CA VAL A 169 -5.01 49.95 -13.22
C VAL A 169 -4.22 48.79 -13.78
N LYS A 170 -4.15 47.67 -13.06
CA LYS A 170 -3.49 46.46 -13.54
C LYS A 170 -4.15 45.83 -14.77
N GLY A 171 -5.48 45.80 -14.81
CA GLY A 171 -6.23 45.29 -15.94
C GLY A 171 -5.97 46.09 -17.20
N ALA A 172 -5.81 47.41 -17.07
CA ALA A 172 -5.51 48.29 -18.19
C ALA A 172 -4.06 48.15 -18.64
N GLU A 173 -3.17 48.17 -17.65
CA GLU A 173 -1.74 48.01 -17.81
C GLU A 173 -1.34 46.76 -18.59
N LEU A 174 -2.05 45.65 -18.30
CA LEU A 174 -1.78 44.35 -18.89
C LEU A 174 -2.80 43.92 -19.95
N SER A 175 -3.84 44.74 -20.22
CA SER A 175 -4.92 44.41 -21.16
C SER A 175 -5.58 43.04 -20.94
N LYS A 176 -5.77 42.78 -19.65
CA LYS A 176 -6.33 41.54 -19.14
C LYS A 176 -7.52 41.84 -18.23
N THR A 177 -8.52 40.97 -18.27
CA THR A 177 -9.71 41.08 -17.43
C THR A 177 -9.35 40.63 -16.00
N ILE A 178 -9.45 41.57 -15.04
CA ILE A 178 -9.20 41.28 -13.63
C ILE A 178 -10.47 41.70 -12.90
N VAL A 179 -11.23 40.70 -12.42
CA VAL A 179 -12.52 40.90 -11.77
C VAL A 179 -12.35 41.04 -10.27
N PRO A 180 -12.61 42.17 -9.59
CA PRO A 180 -12.68 42.26 -8.14
C PRO A 180 -14.03 41.82 -7.59
N VAL A 181 -13.94 40.86 -6.67
CA VAL A 181 -15.14 40.33 -6.06
C VAL A 181 -15.08 40.55 -4.55
N ARG A 182 -16.02 41.35 -4.07
CA ARG A 182 -16.08 41.67 -2.65
C ARG A 182 -17.09 40.77 -1.97
N CYS A 183 -16.59 39.54 -1.81
CA CYS A 183 -17.35 38.45 -1.26
C CYS A 183 -16.86 38.05 0.12
N GLU A 184 -16.45 39.03 0.93
CA GLU A 184 -15.94 38.81 2.28
C GLU A 184 -16.91 38.01 3.14
N GLY A 185 -16.43 36.95 3.79
CA GLY A 185 -17.28 36.04 4.55
C GLY A 185 -18.21 36.65 5.60
N PHE A 186 -17.91 37.87 6.08
CA PHE A 186 -18.75 38.57 7.05
C PHE A 186 -19.99 39.16 6.37
N ARG A 187 -19.84 39.48 5.09
CA ARG A 187 -20.92 39.98 4.26
C ARG A 187 -22.04 38.94 4.14
N GLY A 188 -23.28 39.40 4.27
CA GLY A 188 -24.44 38.52 4.19
C GLY A 188 -24.61 37.62 5.41
N VAL A 189 -25.49 36.65 5.24
CA VAL A 189 -25.82 35.72 6.32
C VAL A 189 -25.51 34.24 6.03
N SER A 190 -25.19 34.01 4.76
CA SER A 190 -24.95 32.68 4.21
C SER A 190 -24.17 32.81 2.91
N GLN A 191 -24.02 31.65 2.23
CA GLN A 191 -23.37 31.54 0.91
C GLN A 191 -24.13 32.29 -0.19
N SER A 192 -25.44 32.51 0.06
CA SER A 192 -26.35 33.18 -0.84
C SER A 192 -25.93 34.55 -1.34
N LEU A 193 -25.51 35.43 -0.42
CA LEU A 193 -25.13 36.78 -0.80
C LEU A 193 -23.90 36.72 -1.68
N GLY A 194 -23.02 35.78 -1.38
CA GLY A 194 -21.80 35.58 -2.16
C GLY A 194 -22.07 35.20 -3.60
N GLN A 195 -23.18 34.48 -3.83
CA GLN A 195 -23.64 34.12 -5.16
C GLN A 195 -24.07 35.38 -5.89
N HIS A 196 -24.89 36.20 -5.22
CA HIS A 196 -25.36 37.50 -5.72
C HIS A 196 -24.21 38.45 -6.08
N ILE A 197 -23.21 38.52 -5.19
CA ILE A 197 -22.04 39.36 -5.35
C ILE A 197 -21.23 38.90 -6.54
N ALA A 198 -21.19 37.57 -6.73
CA ALA A 198 -20.50 36.94 -7.83
C ALA A 198 -21.20 37.17 -9.16
N ASN A 199 -22.55 37.17 -9.20
CA ASN A 199 -23.33 37.44 -10.40
C ASN A 199 -23.15 38.88 -10.83
N ASP A 200 -23.23 39.81 -9.86
CA ASP A 200 -23.00 41.21 -10.15
C ASP A 200 -21.56 41.45 -10.56
N ALA A 201 -20.59 40.67 -10.05
CA ALA A 201 -19.21 40.81 -10.47
C ALA A 201 -19.03 40.41 -11.93
N VAL A 202 -19.75 39.37 -12.41
CA VAL A 202 -19.70 38.97 -13.82
C VAL A 202 -20.38 40.04 -14.65
N ARG A 203 -21.48 40.62 -14.18
CA ARG A 203 -22.23 41.63 -14.91
C ARG A 203 -21.40 42.87 -15.19
N ASP A 204 -20.74 43.36 -14.15
CA ASP A 204 -19.97 44.56 -14.26
C ASP A 204 -18.61 44.42 -14.94
N TRP A 205 -17.93 43.29 -14.82
CA TRP A 205 -16.59 43.18 -15.38
C TRP A 205 -16.41 42.17 -16.50
N VAL A 206 -17.40 41.34 -16.88
CA VAL A 206 -17.17 40.34 -17.93
C VAL A 206 -18.25 40.25 -19.02
N LEU A 207 -19.51 40.11 -18.63
CA LEU A 207 -20.62 39.86 -19.55
C LEU A 207 -20.82 40.85 -20.70
N GLY A 208 -20.56 42.11 -20.42
CA GLY A 208 -20.73 43.15 -21.41
C GLY A 208 -19.61 43.30 -22.40
N LYS A 209 -18.50 42.59 -22.26
CA LYS A 209 -17.33 42.75 -23.15
C LYS A 209 -17.60 42.60 -24.65
N ARG A 210 -18.55 41.76 -25.06
CA ARG A 210 -18.78 41.59 -26.48
C ARG A 210 -20.06 42.23 -27.00
N ASP A 211 -20.55 43.29 -26.32
CA ASP A 211 -21.75 43.98 -26.77
C ASP A 211 -21.56 44.68 -28.10
N GLU A 212 -20.32 45.05 -28.42
CA GLU A 212 -19.98 45.72 -29.66
C GLU A 212 -19.79 44.74 -30.80
N ASP A 213 -19.13 43.63 -30.43
CA ASP A 213 -18.80 42.52 -31.30
C ASP A 213 -20.07 41.83 -31.84
N THR A 214 -20.16 41.84 -33.18
CA THR A 214 -21.25 41.23 -33.92
C THR A 214 -20.80 40.02 -34.75
N THR A 215 -19.56 39.56 -34.56
CA THR A 215 -19.02 38.48 -35.38
C THR A 215 -19.32 37.04 -34.95
N PHE A 216 -20.07 36.81 -33.86
CA PHE A 216 -20.48 35.45 -33.48
C PHE A 216 -21.66 35.05 -34.35
N ALA A 217 -21.51 33.93 -35.06
CA ALA A 217 -22.57 33.44 -35.94
C ALA A 217 -23.59 32.62 -35.18
N SER A 218 -24.63 33.29 -34.69
CA SER A 218 -25.68 32.61 -33.96
C SER A 218 -26.63 31.79 -34.81
N THR A 219 -27.50 31.00 -34.16
CA THR A 219 -28.51 30.20 -34.85
C THR A 219 -29.78 30.33 -34.01
N PRO A 220 -30.97 30.03 -34.55
CA PRO A 220 -32.23 29.98 -33.81
C PRO A 220 -32.35 29.04 -32.61
N TYR A 221 -31.35 28.16 -32.46
CA TYR A 221 -31.35 27.18 -31.41
C TYR A 221 -30.28 27.41 -30.37
N ASP A 222 -29.70 28.62 -30.24
CA ASP A 222 -28.72 28.85 -29.22
C ASP A 222 -29.31 29.05 -27.84
N VAL A 223 -28.64 28.38 -26.93
CA VAL A 223 -29.09 28.24 -25.56
C VAL A 223 -27.86 28.27 -24.68
N ALA A 224 -28.04 28.43 -23.38
CA ALA A 224 -26.94 28.35 -22.44
C ALA A 224 -27.44 27.68 -21.18
N ILE A 225 -26.61 26.79 -20.62
CA ILE A 225 -26.90 26.19 -19.33
C ILE A 225 -26.34 27.17 -18.33
N ILE A 226 -27.26 27.70 -17.51
CA ILE A 226 -27.01 28.72 -16.49
C ILE A 226 -27.23 28.05 -15.14
N GLY A 227 -26.21 28.00 -14.28
CA GLY A 227 -26.35 27.42 -12.96
C GLY A 227 -26.25 25.90 -12.88
N ASP A 228 -25.42 25.30 -13.73
CA ASP A 228 -25.10 23.90 -13.58
C ASP A 228 -23.60 23.97 -13.46
N TYR A 229 -23.19 23.49 -12.28
CA TYR A 229 -21.81 23.52 -11.86
C TYR A 229 -21.03 22.23 -12.07
N ASN A 230 -21.62 21.35 -12.89
CA ASN A 230 -21.03 20.11 -13.36
C ASN A 230 -20.42 19.24 -12.27
N ILE A 231 -21.21 19.06 -11.21
CA ILE A 231 -20.76 18.23 -10.09
C ILE A 231 -20.78 16.79 -10.55
N GLY A 232 -19.58 16.23 -10.70
CA GLY A 232 -19.44 14.86 -11.15
C GLY A 232 -19.75 14.70 -12.63
N GLY A 233 -19.75 15.77 -13.42
CA GLY A 233 -20.12 15.68 -14.80
C GLY A 233 -21.59 16.03 -15.05
N ASP A 234 -22.33 16.48 -14.03
CA ASP A 234 -23.73 16.84 -14.14
C ASP A 234 -24.18 17.63 -15.36
N ALA A 235 -23.42 18.67 -15.71
CA ALA A 235 -23.72 19.50 -16.87
C ALA A 235 -23.48 18.81 -18.20
N TRP A 236 -22.50 17.90 -18.25
CA TRP A 236 -22.18 17.18 -19.46
C TRP A 236 -23.26 16.19 -19.84
N SER A 237 -23.91 15.67 -18.80
CA SER A 237 -25.05 14.78 -18.93
C SER A 237 -26.34 15.52 -19.26
N SER A 238 -26.35 16.83 -19.02
CA SER A 238 -27.49 17.65 -19.38
C SER A 238 -27.35 18.07 -20.84
N ARG A 239 -26.17 18.61 -21.15
CA ARG A 239 -25.81 19.16 -22.44
C ARG A 239 -26.00 18.17 -23.56
N ILE A 240 -25.60 16.90 -23.33
CA ILE A 240 -25.70 15.92 -24.39
C ILE A 240 -27.14 15.75 -24.87
N LEU A 241 -28.08 15.77 -23.92
CA LEU A 241 -29.49 15.60 -24.17
C LEU A 241 -30.08 16.79 -24.90
N LEU A 242 -29.67 18.00 -24.52
CA LEU A 242 -30.16 19.21 -25.14
C LEU A 242 -29.64 19.31 -26.55
N GLU A 243 -28.40 18.86 -26.78
CA GLU A 243 -27.82 18.95 -28.10
C GLU A 243 -28.29 17.86 -29.05
N GLU A 244 -28.67 16.67 -28.53
CA GLU A 244 -29.30 15.57 -29.27
C GLU A 244 -30.68 16.01 -29.75
N MET A 245 -31.32 16.86 -28.93
CA MET A 245 -32.60 17.46 -29.24
C MET A 245 -32.44 18.57 -30.28
N GLY A 246 -31.24 18.85 -30.80
CA GLY A 246 -31.04 19.82 -31.86
C GLY A 246 -30.52 21.19 -31.42
N LEU A 247 -30.60 21.48 -30.11
CA LEU A 247 -30.17 22.77 -29.59
C LEU A 247 -28.66 22.91 -29.50
N ARG A 248 -28.14 24.15 -29.58
CA ARG A 248 -26.72 24.41 -29.46
C ARG A 248 -26.40 25.08 -28.14
N CYS A 249 -25.55 24.45 -27.32
CA CYS A 249 -25.14 25.01 -26.05
C CYS A 249 -23.89 25.82 -26.19
N VAL A 250 -24.14 27.12 -26.22
CA VAL A 250 -23.10 28.11 -26.35
C VAL A 250 -22.34 28.22 -25.03
N ALA A 251 -23.06 28.21 -23.91
CA ALA A 251 -22.41 28.39 -22.64
C ALA A 251 -22.82 27.46 -21.53
N GLN A 252 -21.85 27.22 -20.66
CA GLN A 252 -22.07 26.44 -19.45
C GLN A 252 -21.56 27.27 -18.27
N TRP A 253 -22.52 27.68 -17.45
CA TRP A 253 -22.21 28.60 -16.37
C TRP A 253 -21.84 28.04 -15.02
N SER A 254 -20.52 28.31 -15.08
CA SER A 254 -19.44 28.00 -14.17
C SER A 254 -18.88 26.61 -14.40
N GLY A 255 -19.63 25.50 -14.25
CA GLY A 255 -19.10 24.14 -14.44
C GLY A 255 -18.45 23.87 -15.81
N ASP A 256 -17.12 23.70 -15.84
CA ASP A 256 -16.33 23.52 -17.06
C ASP A 256 -16.47 24.72 -18.04
N GLY A 257 -16.73 25.88 -17.47
CA GLY A 257 -16.94 27.06 -18.26
C GLY A 257 -15.66 27.83 -18.49
N SER A 258 -15.59 28.39 -19.69
CA SER A 258 -14.52 29.29 -20.06
C SER A 258 -15.07 30.72 -20.00
N ILE A 259 -14.15 31.71 -19.95
CA ILE A 259 -14.50 33.11 -19.91
C ILE A 259 -15.15 33.55 -21.22
N SER A 260 -14.72 33.00 -22.36
CA SER A 260 -15.29 33.34 -23.64
C SER A 260 -16.72 32.85 -23.81
N GLU A 261 -17.13 31.78 -23.10
CA GLU A 261 -18.51 31.28 -23.11
C GLU A 261 -19.43 32.21 -22.34
N ILE A 262 -18.88 32.73 -21.23
CA ILE A 262 -19.58 33.71 -20.40
C ILE A 262 -19.80 34.95 -21.28
N GLU A 263 -18.73 35.42 -21.95
CA GLU A 263 -18.78 36.58 -22.83
C GLU A 263 -19.71 36.45 -24.03
N LEU A 264 -19.92 35.19 -24.44
CA LEU A 264 -20.78 34.84 -25.54
C LEU A 264 -22.23 34.61 -25.16
N THR A 265 -22.53 34.41 -23.87
CA THR A 265 -23.92 34.18 -23.44
C THR A 265 -24.94 35.25 -23.83
N PRO A 266 -24.66 36.56 -23.93
CA PRO A 266 -25.58 37.52 -24.56
C PRO A 266 -26.04 37.30 -26.03
N LYS A 267 -25.45 36.29 -26.69
CA LYS A 267 -25.78 35.92 -28.06
C LYS A 267 -26.81 34.80 -28.18
N VAL A 268 -27.20 34.15 -27.07
CA VAL A 268 -28.15 33.04 -27.15
C VAL A 268 -29.60 33.52 -27.19
N LYS A 269 -30.42 32.58 -27.64
CA LYS A 269 -31.85 32.81 -27.75
C LYS A 269 -32.57 32.49 -26.45
N LEU A 270 -32.02 31.58 -25.63
CA LEU A 270 -32.68 31.22 -24.39
C LEU A 270 -31.69 30.83 -23.31
N ASN A 271 -31.96 31.27 -22.08
CA ASN A 271 -31.16 30.87 -20.93
C ASN A 271 -31.92 29.87 -20.10
N LEU A 272 -31.28 28.71 -19.93
CA LEU A 272 -31.83 27.59 -19.19
C LEU A 272 -31.26 27.54 -17.78
N VAL A 273 -32.07 28.04 -16.84
CA VAL A 273 -31.70 28.12 -15.43
C VAL A 273 -31.96 26.80 -14.70
N HIS A 274 -30.90 26.13 -14.23
CA HIS A 274 -31.10 24.92 -13.45
C HIS A 274 -31.18 25.42 -12.02
N CYS A 275 -30.05 25.96 -11.54
CA CYS A 275 -30.01 26.52 -10.20
C CYS A 275 -30.53 27.93 -10.23
N TYR A 276 -31.71 28.01 -9.63
CA TYR A 276 -32.39 29.27 -9.57
C TYR A 276 -31.74 30.15 -8.52
N ARG A 277 -31.49 29.67 -7.29
CA ARG A 277 -30.95 30.50 -6.21
C ARG A 277 -29.62 31.19 -6.48
N SER A 278 -28.75 30.57 -7.28
CA SER A 278 -27.45 31.12 -7.55
C SER A 278 -27.34 31.89 -8.84
N MET A 279 -28.28 31.69 -9.78
CA MET A 279 -28.20 32.31 -11.10
C MET A 279 -29.42 33.09 -11.57
N ASN A 280 -30.45 33.25 -10.73
CA ASN A 280 -31.62 34.00 -11.14
C ASN A 280 -31.30 35.47 -11.38
N TYR A 281 -30.37 36.00 -10.59
CA TYR A 281 -29.94 37.39 -10.62
C TYR A 281 -29.46 37.83 -12.01
N ILE A 282 -28.47 37.11 -12.58
CA ILE A 282 -27.92 37.43 -13.89
C ILE A 282 -28.86 37.06 -15.04
N SER A 283 -29.80 36.13 -14.80
CA SER A 283 -30.77 35.74 -15.81
C SER A 283 -31.79 36.83 -16.04
N ARG A 284 -32.20 37.48 -14.92
CA ARG A 284 -33.10 38.64 -14.92
C ARG A 284 -32.41 39.80 -15.59
N HIS A 285 -31.12 40.04 -15.27
CA HIS A 285 -30.34 41.05 -15.96
C HIS A 285 -30.19 40.74 -17.46
N MET A 286 -29.93 39.51 -17.93
CA MET A 286 -29.79 39.34 -19.38
C MET A 286 -31.10 39.48 -20.14
N GLU A 287 -32.25 39.32 -19.45
CA GLU A 287 -33.54 39.55 -20.07
C GLU A 287 -33.83 41.05 -20.11
N GLU A 288 -33.37 41.83 -19.11
CA GLU A 288 -33.53 43.28 -19.14
C GLU A 288 -32.68 43.91 -20.25
N LYS A 289 -31.36 43.76 -20.13
CA LYS A 289 -30.42 44.35 -21.07
C LYS A 289 -30.41 43.75 -22.49
N TYR A 290 -30.56 42.43 -22.65
CA TYR A 290 -30.47 41.82 -23.96
C TYR A 290 -31.74 41.19 -24.50
N GLY A 291 -32.81 41.14 -23.69
CA GLY A 291 -34.08 40.57 -24.14
C GLY A 291 -34.16 39.05 -24.13
N ILE A 292 -33.10 38.34 -23.64
CA ILE A 292 -33.05 36.88 -23.66
C ILE A 292 -33.99 36.30 -22.63
N PRO A 293 -35.04 35.59 -23.06
CA PRO A 293 -35.94 34.90 -22.15
C PRO A 293 -35.21 33.82 -21.37
N TRP A 294 -35.72 33.50 -20.18
CA TRP A 294 -35.13 32.43 -19.41
C TRP A 294 -36.17 31.54 -18.72
N MET A 295 -35.78 30.27 -18.55
CA MET A 295 -36.67 29.32 -17.90
C MET A 295 -35.99 28.33 -16.96
N GLU A 296 -36.77 27.92 -15.98
CA GLU A 296 -36.29 26.93 -15.03
C GLU A 296 -36.64 25.54 -15.52
N TYR A 297 -35.67 24.66 -15.32
CA TYR A 297 -35.83 23.27 -15.68
C TYR A 297 -35.24 22.38 -14.59
N ASN A 298 -35.52 21.08 -14.68
CA ASN A 298 -35.08 20.12 -13.70
C ASN A 298 -34.70 18.82 -14.39
N PHE A 299 -33.41 18.50 -14.31
CA PHE A 299 -32.88 17.28 -14.89
C PHE A 299 -32.52 16.19 -13.89
N PHE A 300 -33.34 16.12 -12.84
CA PHE A 300 -33.22 15.04 -11.87
C PHE A 300 -34.33 13.99 -12.04
N GLY A 301 -33.94 12.85 -12.62
CA GLY A 301 -34.82 11.70 -12.82
C GLY A 301 -35.62 11.76 -14.11
N PRO A 302 -36.19 10.65 -14.62
CA PRO A 302 -36.86 10.55 -15.93
C PRO A 302 -38.00 11.53 -16.11
N THR A 303 -38.99 11.44 -15.19
CA THR A 303 -40.19 12.28 -15.16
C THR A 303 -39.89 13.75 -15.39
N LYS A 304 -38.94 14.28 -14.59
CA LYS A 304 -38.55 15.67 -14.65
C LYS A 304 -37.70 16.01 -15.85
N THR A 305 -36.82 15.12 -16.29
CA THR A 305 -35.95 15.39 -17.45
C THR A 305 -36.83 15.40 -18.69
N ILE A 306 -37.88 14.58 -18.68
CA ILE A 306 -38.81 14.45 -19.77
C ILE A 306 -39.68 15.70 -19.83
N GLU A 307 -40.22 16.19 -18.70
CA GLU A 307 -41.10 17.33 -18.79
C GLU A 307 -40.31 18.58 -19.13
N SER A 308 -39.04 18.62 -18.68
CA SER A 308 -38.10 19.69 -18.99
C SER A 308 -37.72 19.72 -20.47
N LEU A 309 -37.38 18.55 -21.03
CA LEU A 309 -37.02 18.45 -22.44
C LEU A 309 -38.19 18.86 -23.33
N ARG A 310 -39.42 18.53 -22.90
CA ARG A 310 -40.63 18.90 -23.62
C ARG A 310 -40.91 20.39 -23.53
N ALA A 311 -40.67 20.99 -22.35
CA ALA A 311 -40.93 22.40 -22.13
C ALA A 311 -39.93 23.31 -22.82
N ILE A 312 -38.66 22.90 -22.88
CA ILE A 312 -37.61 23.66 -23.56
C ILE A 312 -37.88 23.59 -25.07
N ALA A 313 -38.28 22.40 -25.57
CA ALA A 313 -38.59 22.19 -26.97
C ALA A 313 -39.79 23.01 -27.42
N ALA A 314 -40.78 23.20 -26.55
CA ALA A 314 -41.97 24.02 -26.82
C ALA A 314 -41.66 25.51 -27.05
N LYS A 315 -40.49 25.98 -26.59
CA LYS A 315 -40.06 27.34 -26.84
C LYS A 315 -39.52 27.55 -28.26
N PHE A 316 -39.25 26.45 -28.98
CA PHE A 316 -38.72 26.50 -30.34
C PHE A 316 -39.73 26.03 -31.37
N ASP A 317 -39.30 25.51 -32.52
CA ASP A 317 -40.21 25.01 -33.54
C ASP A 317 -40.52 23.52 -33.46
N GLU A 318 -41.21 23.01 -34.49
CA GLU A 318 -41.56 21.60 -34.54
C GLU A 318 -40.39 20.66 -34.73
N SER A 319 -39.29 21.10 -35.36
CA SER A 319 -38.15 20.21 -35.56
C SER A 319 -37.41 19.91 -34.25
N ILE A 320 -37.54 20.78 -33.25
CA ILE A 320 -36.94 20.57 -31.92
C ILE A 320 -37.87 19.74 -31.05
N GLN A 321 -39.18 19.89 -31.26
CA GLN A 321 -40.18 19.07 -30.58
C GLN A 321 -40.16 17.63 -31.08
N LYS A 322 -39.78 17.42 -32.36
CA LYS A 322 -39.66 16.08 -32.96
C LYS A 322 -38.43 15.37 -32.48
N LYS A 323 -37.33 16.14 -32.47
CA LYS A 323 -36.07 15.66 -31.96
C LYS A 323 -36.18 15.38 -30.47
N CYS A 324 -37.02 16.16 -29.78
CA CYS A 324 -37.28 15.96 -28.36
C CYS A 324 -37.90 14.59 -28.15
N GLU A 325 -38.98 14.29 -28.89
CA GLU A 325 -39.65 13.01 -28.79
C GLU A 325 -38.82 11.82 -29.24
N GLU A 326 -37.84 12.04 -30.13
CA GLU A 326 -36.92 11.00 -30.56
C GLU A 326 -35.92 10.69 -29.46
N VAL A 327 -35.41 11.74 -28.81
CA VAL A 327 -34.48 11.65 -27.67
C VAL A 327 -35.17 10.93 -26.51
N ILE A 328 -36.44 11.28 -26.21
CA ILE A 328 -37.21 10.64 -25.15
C ILE A 328 -37.35 9.14 -25.44
N ALA A 329 -37.58 8.82 -26.73
CA ALA A 329 -37.74 7.44 -27.17
C ALA A 329 -36.47 6.63 -27.05
N LYS A 330 -35.30 7.20 -27.36
CA LYS A 330 -34.01 6.55 -27.27
C LYS A 330 -33.70 6.12 -25.84
N TYR A 331 -33.81 7.06 -24.91
CA TYR A 331 -33.49 6.80 -23.51
C TYR A 331 -34.57 6.08 -22.71
N LYS A 332 -35.78 5.90 -23.27
CA LYS A 332 -36.87 5.25 -22.55
C LYS A 332 -36.58 3.79 -22.18
N PRO A 333 -36.06 2.88 -23.04
CA PRO A 333 -35.57 1.57 -22.62
C PRO A 333 -34.54 1.58 -21.50
N GLU A 334 -33.64 2.56 -21.59
CA GLU A 334 -32.58 2.72 -20.62
C GLU A 334 -33.04 3.13 -19.24
N TRP A 335 -33.86 4.17 -19.05
CA TRP A 335 -34.31 4.48 -17.70
C TRP A 335 -35.35 3.47 -17.21
N GLU A 336 -36.12 2.82 -18.10
CA GLU A 336 -37.08 1.80 -17.64
C GLU A 336 -36.41 0.57 -17.08
N ALA A 337 -35.18 0.29 -17.52
CA ALA A 337 -34.43 -0.83 -16.98
C ALA A 337 -33.95 -0.45 -15.60
N VAL A 338 -33.54 0.82 -15.43
CA VAL A 338 -33.09 1.35 -14.15
C VAL A 338 -34.21 1.27 -13.10
N VAL A 339 -35.43 1.72 -13.41
CA VAL A 339 -36.49 1.64 -12.43
C VAL A 339 -36.88 0.19 -12.22
N ALA A 340 -36.81 -0.67 -13.25
CA ALA A 340 -37.15 -2.07 -13.11
C ALA A 340 -36.22 -2.82 -12.18
N LYS A 341 -34.97 -2.36 -12.09
CA LYS A 341 -33.99 -3.01 -11.27
C LYS A 341 -34.03 -2.47 -9.86
N TYR A 342 -34.05 -1.13 -9.77
CA TYR A 342 -33.89 -0.47 -8.49
C TYR A 342 -35.11 -0.05 -7.74
N ARG A 343 -36.21 0.26 -8.44
CA ARG A 343 -37.44 0.65 -7.77
C ARG A 343 -38.01 -0.46 -6.90
N PRO A 344 -38.04 -1.78 -7.24
CA PRO A 344 -38.41 -2.85 -6.32
C PRO A 344 -37.61 -2.86 -5.02
N ARG A 345 -36.35 -2.42 -5.14
CA ARG A 345 -35.39 -2.40 -4.05
C ARG A 345 -35.51 -1.18 -3.14
N LEU A 346 -36.17 -0.13 -3.61
CA LEU A 346 -36.28 1.12 -2.85
C LEU A 346 -37.69 1.63 -2.54
N GLU A 347 -38.71 0.92 -3.03
CA GLU A 347 -40.11 1.26 -2.84
C GLU A 347 -40.51 1.43 -1.38
N GLY A 348 -41.20 2.55 -1.16
CA GLY A 348 -41.70 2.92 0.15
C GLY A 348 -40.65 3.37 1.16
N LYS A 349 -39.36 3.46 0.79
CA LYS A 349 -38.34 3.92 1.72
C LYS A 349 -38.44 5.43 1.87
N ARG A 350 -38.26 5.88 3.11
CA ARG A 350 -38.43 7.27 3.46
C ARG A 350 -37.11 8.00 3.53
N VAL A 351 -37.06 9.13 2.84
CA VAL A 351 -35.84 9.91 2.70
C VAL A 351 -35.99 11.25 3.41
N MET A 352 -34.98 11.62 4.21
CA MET A 352 -34.93 12.94 4.80
C MET A 352 -33.75 13.68 4.17
N LEU A 353 -33.97 14.89 3.67
CA LEU A 353 -32.96 15.67 3.00
C LEU A 353 -32.56 16.98 3.67
N TYR A 354 -31.37 17.51 3.34
CA TYR A 354 -30.89 18.79 3.83
C TYR A 354 -29.70 19.18 2.98
N ILE A 355 -29.86 20.10 2.04
CA ILE A 355 -28.74 20.56 1.24
C ILE A 355 -28.72 22.10 1.33
N GLY A 356 -28.34 22.89 0.31
CA GLY A 356 -28.30 24.29 0.31
C GLY A 356 -29.35 25.16 -0.35
N GLY A 357 -29.50 25.24 -1.68
CA GLY A 357 -30.47 26.18 -2.23
C GLY A 357 -31.23 25.77 -3.48
N LEU A 358 -31.05 24.53 -3.96
CA LEU A 358 -31.79 24.03 -5.11
C LEU A 358 -32.20 22.58 -4.92
N ARG A 359 -31.18 21.75 -4.69
CA ARG A 359 -31.34 20.31 -4.49
C ARG A 359 -32.39 19.83 -3.48
N PRO A 360 -32.66 20.45 -2.30
CA PRO A 360 -33.78 20.08 -1.41
C PRO A 360 -35.17 19.88 -2.05
N ARG A 361 -35.39 20.58 -3.17
CA ARG A 361 -36.63 20.57 -3.94
C ARG A 361 -36.52 19.69 -5.19
N HIS A 362 -35.41 19.85 -5.91
CA HIS A 362 -35.17 19.26 -7.20
C HIS A 362 -34.96 17.76 -7.36
N VAL A 363 -34.37 17.14 -6.35
CA VAL A 363 -34.11 15.70 -6.41
C VAL A 363 -35.34 14.87 -6.01
N ILE A 364 -36.38 15.47 -5.43
CA ILE A 364 -37.59 14.78 -5.00
C ILE A 364 -38.20 13.95 -6.10
N GLY A 365 -38.26 14.53 -7.31
CA GLY A 365 -38.81 13.87 -8.47
C GLY A 365 -38.15 12.52 -8.73
N ALA A 366 -36.80 12.52 -8.74
CA ALA A 366 -35.99 11.33 -8.96
C ALA A 366 -36.19 10.29 -7.87
N TYR A 367 -36.35 10.69 -6.61
CA TYR A 367 -36.64 9.74 -5.54
C TYR A 367 -38.00 9.11 -5.75
N GLU A 368 -39.00 9.88 -6.21
CA GLU A 368 -40.35 9.36 -6.45
C GLU A 368 -40.45 8.40 -7.62
N ASP A 369 -39.52 8.55 -8.58
CA ASP A 369 -39.41 7.66 -9.73
C ASP A 369 -38.81 6.32 -9.35
N LEU A 370 -38.30 6.26 -8.13
CA LEU A 370 -37.81 5.02 -7.54
C LEU A 370 -38.71 4.62 -6.36
N GLY A 371 -39.92 5.17 -6.36
CA GLY A 371 -40.93 4.85 -5.37
C GLY A 371 -40.55 5.22 -3.96
N MET A 372 -39.72 6.26 -3.75
CA MET A 372 -39.29 6.67 -2.42
C MET A 372 -40.11 7.86 -1.96
N GLU A 373 -40.41 8.01 -0.66
CA GLU A 373 -41.13 9.17 -0.18
C GLU A 373 -40.13 10.08 0.53
N VAL A 374 -40.11 11.38 0.22
CA VAL A 374 -39.23 12.33 0.89
C VAL A 374 -40.08 12.91 2.01
N VAL A 375 -39.81 12.45 3.24
CA VAL A 375 -40.59 12.85 4.43
C VAL A 375 -40.17 14.15 5.14
N GLY A 376 -39.01 14.68 4.74
CA GLY A 376 -38.48 15.90 5.30
C GLY A 376 -37.45 16.45 4.34
N THR A 377 -37.43 17.77 4.16
CA THR A 377 -36.41 18.43 3.36
C THR A 377 -36.21 19.84 3.90
N GLY A 378 -35.08 20.42 3.54
CA GLY A 378 -34.73 21.75 4.02
C GLY A 378 -33.45 22.26 3.41
N TYR A 379 -33.38 23.59 3.41
CA TYR A 379 -32.30 24.33 2.81
C TYR A 379 -31.41 25.03 3.82
N GLU A 380 -30.12 25.20 3.47
CA GLU A 380 -29.19 25.94 4.31
C GLU A 380 -29.44 27.42 4.13
N PHE A 381 -29.24 27.89 2.91
CA PHE A 381 -29.21 29.30 2.61
C PHE A 381 -30.29 29.85 1.70
N ALA A 382 -31.32 29.06 1.39
CA ALA A 382 -32.37 29.50 0.48
C ALA A 382 -33.36 30.53 1.02
N HIS A 383 -33.87 31.24 0.02
CA HIS A 383 -34.88 32.27 0.23
C HIS A 383 -36.26 31.67 0.16
N ASN A 384 -37.23 32.57 0.39
CA ASN A 384 -38.64 32.26 0.37
C ASN A 384 -39.22 31.85 -0.98
N ASP A 385 -38.68 32.38 -2.09
CA ASP A 385 -39.13 31.99 -3.42
C ASP A 385 -38.73 30.55 -3.73
N ASP A 386 -37.73 30.02 -2.98
CA ASP A 386 -37.35 28.63 -3.08
C ASP A 386 -38.33 27.82 -2.25
N TYR A 387 -38.78 28.34 -1.11
CA TYR A 387 -39.75 27.64 -0.30
C TYR A 387 -41.17 27.65 -0.86
N ASP A 388 -41.50 28.59 -1.76
CA ASP A 388 -42.77 28.59 -2.47
C ASP A 388 -42.78 27.52 -3.54
N ARG A 389 -41.60 27.26 -4.14
CA ARG A 389 -41.39 26.19 -5.12
C ARG A 389 -41.38 24.80 -4.52
N THR A 390 -40.97 24.71 -3.25
CA THR A 390 -40.86 23.45 -2.50
C THR A 390 -42.21 22.87 -2.07
N MET A 391 -43.12 23.79 -1.68
CA MET A 391 -44.45 23.48 -1.17
C MET A 391 -45.20 22.47 -2.03
N LYS A 392 -45.16 22.73 -3.33
CA LYS A 392 -45.85 21.95 -4.35
C LYS A 392 -45.29 20.54 -4.54
N GLU A 393 -43.95 20.44 -4.42
CA GLU A 393 -43.23 19.19 -4.59
C GLU A 393 -43.34 18.22 -3.41
N MET A 394 -43.38 18.76 -2.19
CA MET A 394 -43.49 17.96 -0.98
C MET A 394 -44.93 17.56 -0.64
N GLY A 395 -45.11 16.45 0.06
CA GLY A 395 -46.42 15.99 0.43
C GLY A 395 -46.95 16.67 1.69
N ASP A 396 -48.14 16.23 2.11
CA ASP A 396 -48.76 16.70 3.33
C ASP A 396 -48.06 16.27 4.60
N SER A 397 -48.12 17.18 5.56
CA SER A 397 -47.57 16.98 6.89
C SER A 397 -46.09 16.56 6.96
N THR A 398 -45.33 16.82 5.89
CA THR A 398 -43.91 16.52 5.84
C THR A 398 -43.14 17.70 6.42
N LEU A 399 -41.99 17.40 7.04
CA LEU A 399 -41.20 18.43 7.72
C LEU A 399 -40.26 19.27 6.86
N LEU A 400 -40.42 20.58 7.06
CA LEU A 400 -39.57 21.60 6.45
C LEU A 400 -38.73 22.25 7.54
N TYR A 401 -37.46 22.51 7.21
CA TYR A 401 -36.52 23.14 8.13
C TYR A 401 -35.51 24.02 7.41
N ASP A 402 -35.49 25.29 7.82
CA ASP A 402 -34.58 26.32 7.29
C ASP A 402 -33.43 26.56 8.24
N ASP A 403 -32.22 26.43 7.68
CA ASP A 403 -30.97 26.57 8.38
C ASP A 403 -30.99 25.77 9.69
N VAL A 404 -31.26 24.45 9.52
CA VAL A 404 -31.37 23.53 10.65
C VAL A 404 -30.06 23.47 11.46
N THR A 405 -30.25 23.46 12.79
CA THR A 405 -29.12 23.35 13.70
C THR A 405 -28.72 21.88 13.82
N GLY A 406 -27.47 21.62 14.24
CA GLY A 406 -26.97 20.25 14.41
C GLY A 406 -27.84 19.39 15.32
N TYR A 407 -28.27 20.06 16.39
CA TYR A 407 -29.14 19.50 17.41
C TYR A 407 -30.49 19.08 16.84
N GLU A 408 -31.09 20.02 16.09
CA GLU A 408 -32.39 19.84 15.46
C GLU A 408 -32.40 18.68 14.47
N PHE A 409 -31.44 18.64 13.54
CA PHE A 409 -31.40 17.57 12.56
C PHE A 409 -31.23 16.20 13.21
N GLU A 410 -30.41 16.14 14.26
CA GLU A 410 -30.20 14.91 15.00
C GLU A 410 -31.51 14.48 15.68
N GLU A 411 -32.25 15.45 16.27
CA GLU A 411 -33.50 15.17 16.95
C GLU A 411 -34.69 14.82 16.08
N PHE A 412 -34.70 15.33 14.85
CA PHE A 412 -35.75 15.05 13.89
C PHE A 412 -35.60 13.63 13.36
N VAL A 413 -34.36 13.25 13.00
CA VAL A 413 -34.06 11.92 12.53
C VAL A 413 -34.37 10.85 13.55
N LYS A 414 -34.03 11.16 14.81
CA LYS A 414 -34.24 10.28 15.95
C LYS A 414 -35.69 9.81 16.04
N ARG A 415 -36.59 10.78 15.84
CA ARG A 415 -38.03 10.60 15.92
C ARG A 415 -38.62 10.03 14.64
N ILE A 416 -38.43 10.76 13.54
CA ILE A 416 -38.97 10.38 12.23
C ILE A 416 -38.35 9.10 11.68
N LYS A 417 -37.10 8.73 12.04
CA LYS A 417 -36.61 7.29 11.77
C LYS A 417 -36.55 6.97 10.26
N PRO A 418 -35.82 7.74 9.46
CA PRO A 418 -35.86 7.60 8.00
C PRO A 418 -34.99 6.44 7.49
N ASP A 419 -35.26 6.00 6.32
CA ASP A 419 -34.47 4.93 5.75
C ASP A 419 -33.19 5.43 5.07
N LEU A 420 -33.18 6.70 4.67
CA LEU A 420 -32.05 7.31 3.98
C LEU A 420 -31.94 8.77 4.42
N ILE A 421 -30.74 9.31 4.68
CA ILE A 421 -30.54 10.74 4.90
C ILE A 421 -29.63 11.21 3.77
N GLY A 422 -29.98 12.33 3.16
CA GLY A 422 -29.18 12.90 2.10
C GLY A 422 -28.79 14.31 2.46
N SER A 423 -27.55 14.51 2.90
CA SER A 423 -27.09 15.83 3.32
C SER A 423 -25.62 16.14 2.96
N GLY A 424 -24.85 16.94 3.72
CA GLY A 424 -23.47 17.18 3.38
C GLY A 424 -22.49 16.37 4.23
N ILE A 425 -21.21 16.72 4.03
CA ILE A 425 -20.10 16.05 4.68
C ILE A 425 -20.04 16.26 6.19
N LYS A 426 -20.51 17.41 6.68
CA LYS A 426 -20.53 17.65 8.12
C LYS A 426 -21.63 16.92 8.87
N GLU A 427 -22.46 16.20 8.09
CA GLU A 427 -23.60 15.44 8.59
C GLU A 427 -23.39 13.95 8.38
N LYS A 428 -22.64 13.58 7.34
CA LYS A 428 -22.48 12.17 6.96
C LYS A 428 -22.17 11.11 8.03
N PHE A 429 -21.10 11.35 8.79
CA PHE A 429 -20.64 10.38 9.78
C PHE A 429 -21.45 10.36 11.07
N ILE A 430 -22.27 11.40 11.31
CA ILE A 430 -23.19 11.44 12.45
C ILE A 430 -24.26 10.36 12.28
N PHE A 431 -24.95 10.41 11.13
CA PHE A 431 -26.05 9.49 10.86
C PHE A 431 -25.66 8.06 10.58
N GLN A 432 -24.45 7.85 10.03
CA GLN A 432 -23.95 6.51 9.82
C GLN A 432 -23.67 5.82 11.15
N LYS A 433 -23.27 6.59 12.17
CA LYS A 433 -23.09 6.08 13.52
C LYS A 433 -24.41 5.73 14.18
N MET A 434 -25.50 6.41 13.77
CA MET A 434 -26.85 6.14 14.25
C MET A 434 -27.54 4.98 13.51
N GLY A 435 -26.89 4.40 12.50
CA GLY A 435 -27.47 3.30 11.75
C GLY A 435 -28.34 3.74 10.59
N ILE A 436 -28.44 5.05 10.34
CA ILE A 436 -29.22 5.54 9.22
C ILE A 436 -28.33 5.56 7.96
N PRO A 437 -28.66 4.90 6.83
CA PRO A 437 -27.96 5.03 5.56
C PRO A 437 -27.80 6.48 5.10
N PHE A 438 -26.62 6.83 4.56
CA PHE A 438 -26.33 8.20 4.15
C PHE A 438 -25.66 8.31 2.80
N ARG A 439 -26.24 9.26 2.07
CA ARG A 439 -25.73 9.71 0.78
C ARG A 439 -25.56 11.22 0.80
N GLU A 440 -24.35 11.64 0.42
CA GLU A 440 -24.04 13.05 0.29
C GLU A 440 -24.78 13.52 -0.94
N MET A 441 -25.52 14.61 -0.75
CA MET A 441 -26.24 15.21 -1.85
C MET A 441 -25.59 16.49 -2.34
N HIS A 442 -24.32 16.67 -1.98
CA HIS A 442 -23.53 17.80 -2.46
C HIS A 442 -22.50 17.27 -3.46
N SER A 443 -21.58 16.47 -2.93
CA SER A 443 -20.48 15.90 -3.69
C SER A 443 -20.90 14.60 -4.33
N TRP A 444 -22.16 14.17 -4.08
CA TRP A 444 -22.67 12.92 -4.61
C TRP A 444 -21.90 11.72 -4.07
N ASP A 445 -21.15 11.94 -2.99
CA ASP A 445 -20.32 10.92 -2.41
C ASP A 445 -19.33 10.32 -3.41
N TYR A 446 -18.69 11.25 -4.15
CA TYR A 446 -17.63 10.98 -5.11
C TYR A 446 -18.02 10.12 -6.31
N SER A 447 -19.36 10.12 -6.49
CA SER A 447 -20.00 9.43 -7.60
C SER A 447 -20.60 10.42 -8.60
N GLY A 448 -21.84 10.30 -9.07
CA GLY A 448 -22.32 11.20 -10.10
C GLY A 448 -21.78 10.86 -11.49
N PRO A 449 -22.28 11.43 -12.59
CA PRO A 449 -23.36 12.43 -12.64
C PRO A 449 -24.70 11.95 -12.18
N TYR A 450 -25.49 12.85 -11.60
CA TYR A 450 -26.88 12.56 -11.26
C TYR A 450 -27.89 13.26 -12.19
N HIS A 451 -27.45 14.17 -13.08
CA HIS A 451 -28.35 14.79 -14.05
C HIS A 451 -28.57 13.96 -15.32
N GLY A 452 -29.71 14.23 -15.95
CA GLY A 452 -30.15 13.54 -17.15
C GLY A 452 -30.55 12.10 -16.92
N PHE A 453 -30.59 11.36 -18.04
CA PHE A 453 -30.92 9.95 -18.03
C PHE A 453 -29.75 9.09 -17.56
N ASP A 454 -28.52 9.31 -18.05
CA ASP A 454 -27.36 8.54 -17.57
C ASP A 454 -27.04 8.79 -16.10
N GLY A 455 -27.33 10.02 -15.68
CA GLY A 455 -27.22 10.38 -14.30
C GLY A 455 -28.27 9.65 -13.47
N PHE A 456 -29.47 9.34 -13.98
CA PHE A 456 -30.47 8.64 -13.19
C PHE A 456 -30.03 7.21 -12.87
N ALA A 457 -29.28 6.60 -13.80
CA ALA A 457 -28.81 5.25 -13.57
C ALA A 457 -27.80 5.19 -12.42
N ILE A 458 -26.89 6.17 -12.36
CA ILE A 458 -25.92 6.26 -11.29
C ILE A 458 -26.62 6.62 -9.97
N PHE A 459 -27.58 7.58 -9.99
CA PHE A 459 -28.29 7.98 -8.79
C PHE A 459 -28.96 6.80 -8.12
N ALA A 460 -29.67 6.03 -8.96
CA ALA A 460 -30.44 4.87 -8.56
C ALA A 460 -29.56 3.73 -8.08
N ARG A 461 -28.40 3.57 -8.73
CA ARG A 461 -27.43 2.57 -8.32
C ARG A 461 -26.93 2.94 -6.91
N ASP A 462 -26.72 4.25 -6.72
CA ASP A 462 -26.16 4.74 -5.48
C ASP A 462 -27.08 4.73 -4.29
N MET A 463 -28.37 5.09 -4.45
CA MET A 463 -29.30 5.03 -3.33
C MET A 463 -29.47 3.58 -2.90
N ASP A 464 -29.32 2.67 -3.83
CA ASP A 464 -29.53 1.26 -3.57
C ASP A 464 -28.37 0.67 -2.80
N MET A 465 -27.16 0.96 -3.29
CA MET A 465 -25.97 0.42 -2.69
C MET A 465 -25.79 0.82 -1.24
N THR A 466 -26.23 2.02 -0.90
CA THR A 466 -26.18 2.52 0.46
C THR A 466 -27.39 2.12 1.31
N LEU A 467 -28.65 2.29 0.87
CA LEU A 467 -29.79 1.87 1.66
C LEU A 467 -29.86 0.35 1.89
N ASN A 468 -29.43 -0.51 0.97
CA ASN A 468 -29.55 -1.94 1.17
C ASN A 468 -28.21 -2.64 1.36
N ASN A 469 -27.24 -1.86 1.89
CA ASN A 469 -25.92 -2.39 2.15
C ASN A 469 -25.93 -3.37 3.34
N PRO A 470 -25.22 -4.51 3.26
CA PRO A 470 -25.10 -5.44 4.38
C PRO A 470 -24.63 -4.83 5.69
N CYS A 471 -23.87 -3.73 5.63
CA CYS A 471 -23.30 -3.18 6.86
C CYS A 471 -24.31 -2.64 7.83
N TRP A 472 -25.43 -2.12 7.34
CA TRP A 472 -26.41 -1.51 8.23
C TRP A 472 -27.10 -2.48 9.16
N LYS A 473 -27.05 -3.79 8.88
CA LYS A 473 -27.68 -4.77 9.75
C LYS A 473 -26.80 -5.24 10.89
N LYS A 474 -25.58 -4.70 10.93
CA LYS A 474 -24.59 -5.10 11.89
C LYS A 474 -24.15 -3.95 12.78
N LEU A 475 -25.04 -3.01 13.09
CA LEU A 475 -24.67 -1.90 13.97
C LEU A 475 -24.63 -2.29 15.45
N GLN A 476 -25.26 -3.41 15.77
CA GLN A 476 -25.32 -3.89 17.14
C GLN A 476 -24.68 -5.26 17.27
N ALA A 477 -23.92 -5.33 18.36
CA ALA A 477 -23.19 -6.53 18.74
C ALA A 477 -24.16 -7.62 19.14
N PRO A 478 -23.96 -8.88 18.76
CA PRO A 478 -24.87 -9.98 19.11
C PRO A 478 -25.04 -10.30 20.61
N TRP A 479 -24.38 -9.52 21.47
CA TRP A 479 -24.44 -9.61 22.91
C TRP A 479 -24.89 -8.28 23.54
N GLU A 480 -24.96 -7.17 22.74
CA GLU A 480 -25.30 -5.75 23.04
C GLU A 480 -24.20 -4.72 23.42
N SER B 2 -25.70 7.35 -23.35
CA SER B 2 -26.19 6.02 -23.03
C SER B 2 -25.56 5.31 -21.86
N GLN B 3 -26.30 4.26 -21.50
CA GLN B 3 -26.03 3.50 -20.29
C GLN B 3 -26.51 2.04 -20.40
N GLN B 4 -25.67 1.07 -20.03
CA GLN B 4 -26.09 -0.34 -19.97
C GLN B 4 -26.43 -0.58 -18.50
N VAL B 5 -27.65 -0.97 -18.15
CA VAL B 5 -28.06 -1.08 -16.74
C VAL B 5 -27.33 -2.13 -15.87
N ASP B 6 -26.69 -3.14 -16.46
CA ASP B 6 -25.95 -4.14 -15.68
C ASP B 6 -24.50 -3.75 -15.43
N LYS B 7 -24.02 -2.76 -16.18
CA LYS B 7 -22.66 -2.28 -16.07
C LYS B 7 -22.74 -0.76 -16.12
N ILE B 8 -23.24 -0.13 -15.03
CA ILE B 8 -23.39 1.32 -14.98
C ILE B 8 -22.05 2.03 -14.79
N LYS B 9 -21.84 3.06 -15.61
CA LYS B 9 -20.62 3.83 -15.61
C LYS B 9 -20.76 5.17 -14.87
N ALA B 10 -19.89 5.41 -13.88
CA ALA B 10 -19.85 6.71 -13.20
C ALA B 10 -19.05 7.70 -14.07
N SER B 11 -18.81 8.96 -13.67
CA SER B 11 -18.14 9.98 -14.50
C SER B 11 -16.95 9.44 -15.28
N TYR B 12 -16.09 8.70 -14.58
CA TYR B 12 -15.07 7.91 -15.23
C TYR B 12 -15.68 6.50 -15.19
N PRO B 13 -15.85 5.74 -16.26
CA PRO B 13 -15.41 6.05 -17.61
C PRO B 13 -16.50 6.56 -18.55
N LEU B 14 -17.63 7.04 -18.05
CA LEU B 14 -18.73 7.44 -18.91
C LEU B 14 -18.41 8.52 -19.95
N PHE B 15 -17.59 9.52 -19.60
CA PHE B 15 -17.29 10.62 -20.52
C PHE B 15 -16.21 10.34 -21.53
N LEU B 16 -15.79 9.07 -21.48
CA LEU B 16 -14.88 8.52 -22.45
C LEU B 16 -15.67 7.89 -23.58
N ASP B 17 -17.00 7.70 -23.47
CA ASP B 17 -17.80 7.21 -24.59
C ASP B 17 -17.81 8.22 -25.74
N GLN B 18 -17.80 7.70 -26.98
CA GLN B 18 -17.68 8.50 -28.19
C GLN B 18 -18.63 9.68 -28.32
N ASP B 19 -19.93 9.52 -28.03
CA ASP B 19 -20.86 10.64 -28.11
C ASP B 19 -20.55 11.76 -27.12
N TYR B 20 -19.92 11.41 -25.99
CA TYR B 20 -19.47 12.39 -25.02
C TYR B 20 -18.18 13.07 -25.45
N LYS B 21 -17.28 12.25 -25.99
CA LYS B 21 -15.98 12.72 -26.44
C LYS B 21 -16.14 13.71 -27.60
N ASP B 22 -17.05 13.45 -28.53
CA ASP B 22 -17.32 14.35 -29.63
C ASP B 22 -18.02 15.62 -29.16
N MET B 23 -18.93 15.49 -28.19
CA MET B 23 -19.67 16.60 -27.62
C MET B 23 -18.78 17.65 -26.94
N LEU B 24 -17.77 17.14 -26.22
CA LEU B 24 -16.81 18.00 -25.54
C LEU B 24 -15.85 18.66 -26.51
N ALA B 25 -15.57 17.95 -27.62
CA ALA B 25 -14.74 18.46 -28.69
C ALA B 25 -15.49 19.60 -29.36
N LYS B 26 -16.83 19.48 -29.47
CA LYS B 26 -17.62 20.52 -30.09
C LYS B 26 -17.73 21.75 -29.23
N LYS B 27 -17.73 21.54 -27.91
CA LYS B 27 -17.82 22.62 -26.94
C LYS B 27 -16.57 23.47 -26.97
N ARG B 28 -15.41 22.81 -26.89
CA ARG B 28 -14.10 23.43 -26.95
C ARG B 28 -13.91 24.26 -28.21
N ASP B 29 -14.22 23.65 -29.36
CA ASP B 29 -14.06 24.28 -30.65
C ASP B 29 -15.05 25.38 -30.97
N GLY B 30 -16.29 25.26 -30.50
CA GLY B 30 -17.27 26.24 -30.82
C GLY B 30 -17.16 27.46 -29.92
N PHE B 31 -16.87 27.29 -28.62
CA PHE B 31 -17.09 28.36 -27.66
C PHE B 31 -16.01 28.68 -26.66
N GLU B 32 -15.07 27.76 -26.42
CA GLU B 32 -14.00 27.99 -25.45
C GLU B 32 -12.84 28.90 -25.83
N GLU B 33 -12.60 29.07 -27.14
CA GLU B 33 -11.48 29.81 -27.69
C GLU B 33 -10.20 29.38 -26.99
N LYS B 34 -10.05 28.05 -26.99
CA LYS B 34 -8.96 27.37 -26.30
C LYS B 34 -7.65 27.64 -27.00
N TYR B 35 -6.57 27.69 -26.21
CA TYR B 35 -5.24 27.81 -26.80
C TYR B 35 -4.92 26.58 -27.64
N PRO B 36 -4.21 26.68 -28.77
CA PRO B 36 -3.76 25.55 -29.56
C PRO B 36 -3.01 24.55 -28.67
N GLN B 37 -3.32 23.25 -28.83
CA GLN B 37 -2.71 22.18 -28.04
C GLN B 37 -1.20 22.19 -28.08
N ASP B 38 -0.66 22.47 -29.27
CA ASP B 38 0.79 22.60 -29.46
C ASP B 38 1.35 23.72 -28.59
N LYS B 39 0.60 24.81 -28.36
CA LYS B 39 1.02 25.89 -27.47
C LYS B 39 0.93 25.48 -26.00
N ILE B 40 -0.12 24.74 -25.61
CA ILE B 40 -0.28 24.24 -24.24
C ILE B 40 0.88 23.33 -23.88
N ASP B 41 1.31 22.51 -24.84
CA ASP B 41 2.45 21.61 -24.65
C ASP B 41 3.72 22.40 -24.44
N GLU B 42 3.90 23.44 -25.27
CA GLU B 42 5.06 24.31 -25.23
C GLU B 42 5.19 24.96 -23.88
N VAL B 43 4.07 25.45 -23.36
CA VAL B 43 4.05 26.15 -22.07
C VAL B 43 4.23 25.17 -20.93
N PHE B 44 3.69 23.93 -21.08
CA PHE B 44 3.88 22.88 -20.09
C PHE B 44 5.35 22.52 -19.96
N GLN B 45 6.05 22.38 -21.09
CA GLN B 45 7.45 22.02 -21.10
C GLN B 45 8.25 23.17 -20.54
N TRP B 46 7.80 24.42 -20.70
CA TRP B 46 8.48 25.54 -20.09
C TRP B 46 8.32 25.50 -18.56
N THR B 47 7.14 25.13 -18.02
CA THR B 47 6.90 24.99 -16.58
C THR B 47 7.77 23.96 -15.90
N THR B 48 8.38 23.06 -16.68
CA THR B 48 9.25 22.02 -16.14
C THR B 48 10.73 22.44 -16.10
N THR B 49 11.10 23.52 -16.80
CA THR B 49 12.50 23.92 -16.88
C THR B 49 13.09 24.62 -15.67
N LYS B 50 14.41 24.66 -15.77
CA LYS B 50 15.27 25.34 -14.81
C LYS B 50 15.07 26.86 -14.88
N GLU B 51 14.72 27.38 -16.07
CA GLU B 51 14.46 28.79 -16.30
C GLU B 51 13.17 29.21 -15.60
N TYR B 52 12.15 28.35 -15.69
CA TYR B 52 10.88 28.57 -15.04
C TYR B 52 11.05 28.54 -13.54
N GLN B 53 11.85 27.58 -13.06
CA GLN B 53 12.10 27.40 -11.64
C GLN B 53 12.73 28.65 -11.03
N GLU B 54 13.68 29.28 -11.74
CA GLU B 54 14.28 30.52 -11.29
C GLU B 54 13.18 31.59 -11.13
N LEU B 55 12.29 31.78 -12.12
CA LEU B 55 11.20 32.75 -12.04
C LEU B 55 10.16 32.43 -10.97
N ASN B 56 10.03 31.14 -10.67
CA ASN B 56 9.13 30.63 -9.67
C ASN B 56 9.63 30.99 -8.27
N PHE B 57 10.93 30.96 -8.01
CA PHE B 57 11.47 31.30 -6.71
C PHE B 57 11.69 32.80 -6.54
N GLN B 58 11.38 33.62 -7.55
CA GLN B 58 11.43 35.07 -7.39
C GLN B 58 10.11 35.62 -6.87
N ARG B 59 9.09 34.76 -6.70
CA ARG B 59 7.80 35.15 -6.16
C ARG B 59 7.91 35.74 -4.77
N GLU B 60 7.26 36.90 -4.63
CA GLU B 60 7.23 37.65 -3.38
C GLU B 60 5.80 37.84 -2.88
N ALA B 61 4.84 37.89 -3.80
CA ALA B 61 3.46 38.17 -3.45
C ALA B 61 2.48 37.01 -3.64
N LEU B 62 2.80 36.12 -4.59
CA LEU B 62 1.94 35.02 -4.95
C LEU B 62 2.40 33.69 -4.36
N THR B 63 1.49 33.13 -3.57
CA THR B 63 1.63 31.81 -3.01
C THR B 63 0.71 30.93 -3.85
N VAL B 64 1.23 29.78 -4.33
CA VAL B 64 0.46 28.85 -5.15
C VAL B 64 0.56 27.48 -4.51
N ASN B 65 -0.59 26.88 -4.20
CA ASN B 65 -0.68 25.57 -3.60
C ASN B 65 0.06 25.50 -2.26
N PRO B 66 -0.42 26.22 -1.23
CA PRO B 66 0.21 26.25 0.07
C PRO B 66 0.21 24.90 0.78
N ALA B 67 1.23 24.69 1.62
CA ALA B 67 1.31 23.49 2.42
C ALA B 67 1.22 23.88 3.90
N LYS B 68 0.15 24.59 4.21
CA LYS B 68 -0.17 25.01 5.57
C LYS B 68 -1.61 25.46 5.62
N ALA B 69 -2.17 25.57 6.82
CA ALA B 69 -3.53 26.10 6.99
C ALA B 69 -3.49 27.25 7.99
N CYS B 70 -4.65 27.75 8.46
CA CYS B 70 -4.64 28.93 9.31
C CYS B 70 -4.85 28.56 10.76
N GLN B 71 -4.37 29.48 11.62
CA GLN B 71 -4.36 29.30 13.06
C GLN B 71 -5.58 28.67 13.73
N PRO B 72 -6.83 29.12 13.57
CA PRO B 72 -7.99 28.51 14.22
C PRO B 72 -8.24 27.04 13.92
N LEU B 73 -7.75 26.50 12.78
CA LEU B 73 -7.90 25.08 12.49
C LEU B 73 -7.26 24.30 13.63
N GLY B 74 -6.05 24.74 13.98
CA GLY B 74 -5.24 24.12 15.04
C GLY B 74 -5.91 24.18 16.38
N ALA B 75 -6.42 25.37 16.71
CA ALA B 75 -7.16 25.61 17.94
C ALA B 75 -8.37 24.69 18.14
N VAL B 76 -9.00 24.28 17.03
CA VAL B 76 -10.13 23.37 17.11
C VAL B 76 -9.63 21.98 17.47
N LEU B 77 -8.59 21.49 16.79
CA LEU B 77 -8.06 20.17 17.09
C LEU B 77 -7.51 20.08 18.52
N CYS B 78 -6.96 21.19 19.03
CA CYS B 78 -6.44 21.26 20.37
C CYS B 78 -7.61 21.06 21.30
N ALA B 79 -8.64 21.89 21.10
CA ALA B 79 -9.87 21.87 21.89
C ALA B 79 -10.65 20.55 21.96
N LEU B 80 -10.79 19.83 20.82
CA LEU B 80 -11.43 18.51 20.73
C LEU B 80 -10.80 17.47 21.65
N GLY B 81 -9.55 17.72 22.04
CA GLY B 81 -8.78 16.84 22.87
C GLY B 81 -9.14 16.91 24.33
N PHE B 82 -10.00 17.83 24.70
CA PHE B 82 -10.40 17.99 26.09
C PHE B 82 -11.81 17.46 26.35
N GLU B 83 -12.02 16.95 27.56
CA GLU B 83 -13.28 16.32 27.95
C GLU B 83 -14.49 17.24 27.93
N LYS B 84 -15.45 16.74 27.13
CA LYS B 84 -16.74 17.36 26.89
C LYS B 84 -16.62 18.85 26.62
N THR B 85 -15.73 19.16 25.68
CA THR B 85 -15.39 20.52 25.33
C THR B 85 -15.92 20.84 23.94
N MET B 86 -16.56 22.00 23.80
CA MET B 86 -17.01 22.51 22.52
C MET B 86 -15.88 23.43 22.08
N PRO B 87 -15.17 23.17 20.97
CA PRO B 87 -14.44 24.23 20.29
C PRO B 87 -15.44 25.26 19.77
N TYR B 88 -15.06 26.52 19.95
CA TYR B 88 -15.93 27.64 19.60
C TYR B 88 -15.03 28.69 19.01
N VAL B 89 -15.34 29.20 17.82
CA VAL B 89 -14.47 30.16 17.18
C VAL B 89 -15.28 31.41 16.97
N HIS B 90 -14.96 32.38 17.84
CA HIS B 90 -15.52 33.72 17.78
C HIS B 90 -15.13 34.40 16.48
N GLY B 91 -16.16 34.76 15.71
CA GLY B 91 -16.02 35.42 14.43
C GLY B 91 -17.06 34.91 13.47
N SER B 92 -16.60 34.81 12.21
CA SER B 92 -17.35 34.32 11.06
C SER B 92 -17.68 32.84 11.07
N GLN B 93 -18.91 32.51 10.62
CA GLN B 93 -19.36 31.13 10.56
C GLN B 93 -18.86 30.27 9.40
N GLY B 94 -18.48 30.93 8.28
CA GLY B 94 -17.97 30.24 7.11
C GLY B 94 -16.72 29.48 7.49
N CYS B 95 -15.90 30.08 8.37
CA CYS B 95 -14.68 29.45 8.87
C CYS B 95 -14.94 28.11 9.50
N VAL B 96 -15.88 28.10 10.43
CA VAL B 96 -16.20 26.88 11.15
C VAL B 96 -16.74 25.81 10.21
N ALA B 97 -17.48 26.15 9.15
CA ALA B 97 -17.95 25.15 8.20
C ALA B 97 -16.78 24.50 7.44
N TYR B 98 -15.72 25.28 7.23
CA TYR B 98 -14.49 24.86 6.56
C TYR B 98 -13.56 24.01 7.41
N PHE B 99 -13.43 24.35 8.69
CA PHE B 99 -12.55 23.61 9.60
C PHE B 99 -13.18 22.28 9.92
N ARG B 100 -14.52 22.23 9.96
CA ARG B 100 -15.24 21.02 10.25
C ARG B 100 -15.11 20.09 9.08
N SER B 101 -15.37 20.59 7.86
CA SER B 101 -15.24 19.82 6.63
C SER B 101 -13.84 19.29 6.40
N TYR B 102 -12.83 20.12 6.67
CA TYR B 102 -11.46 19.79 6.42
C TYR B 102 -11.06 18.60 7.25
N PHE B 103 -11.44 18.63 8.53
CA PHE B 103 -11.16 17.51 9.42
C PHE B 103 -12.06 16.30 9.21
N ASN B 104 -13.32 16.53 8.78
CA ASN B 104 -14.29 15.47 8.51
C ASN B 104 -13.72 14.60 7.42
N ARG B 105 -13.23 15.17 6.32
CA ARG B 105 -12.69 14.42 5.21
C ARG B 105 -11.39 13.67 5.56
N HIS B 106 -10.51 14.20 6.43
CA HIS B 106 -9.29 13.51 6.85
C HIS B 106 -9.56 12.31 7.78
N PHE B 107 -10.38 12.50 8.84
CA PHE B 107 -10.67 11.46 9.82
C PHE B 107 -11.84 10.55 9.47
N ARG B 108 -12.63 11.00 8.49
CA ARG B 108 -13.91 10.43 8.12
C ARG B 108 -14.75 10.27 9.38
N GLU B 109 -14.93 11.31 10.19
CA GLU B 109 -15.64 11.26 11.45
C GLU B 109 -16.40 12.55 11.66
N PRO B 110 -17.35 12.65 12.60
CA PRO B 110 -17.96 13.92 13.00
C PRO B 110 -16.94 14.82 13.67
N VAL B 111 -16.96 16.11 13.35
CA VAL B 111 -16.06 17.08 13.97
C VAL B 111 -17.01 18.14 14.46
N SER B 112 -17.19 18.21 15.78
CA SER B 112 -18.14 19.17 16.37
C SER B 112 -17.39 20.43 16.78
N CYS B 113 -17.94 21.60 16.39
CA CYS B 113 -17.32 22.91 16.59
C CYS B 113 -18.35 23.98 16.25
N VAL B 114 -18.42 25.09 17.01
CA VAL B 114 -19.42 26.14 16.72
C VAL B 114 -18.79 27.48 16.45
N SER B 115 -19.65 28.36 15.92
CA SER B 115 -19.33 29.75 15.62
C SER B 115 -20.37 30.62 16.30
N ASP B 116 -20.04 31.87 16.57
CA ASP B 116 -21.07 32.77 17.06
C ASP B 116 -21.57 33.74 15.98
N SER B 117 -21.33 33.36 14.72
CA SER B 117 -21.94 33.96 13.55
C SER B 117 -21.96 35.50 13.46
N MET B 118 -20.75 36.04 13.51
CA MET B 118 -20.57 37.46 13.35
C MET B 118 -20.72 37.86 11.89
N THR B 119 -21.69 38.77 11.73
CA THR B 119 -22.04 39.37 10.45
C THR B 119 -21.37 40.74 10.25
N GLU B 120 -21.89 41.57 9.34
CA GLU B 120 -21.39 42.91 9.11
C GLU B 120 -21.66 43.89 10.23
N ASP B 121 -22.79 43.69 10.93
CA ASP B 121 -23.17 44.54 12.04
C ASP B 121 -22.11 44.53 13.12
N ALA B 122 -21.57 43.33 13.40
CA ALA B 122 -20.51 43.15 14.37
C ALA B 122 -19.23 43.88 13.99
N ALA B 123 -18.94 44.01 12.69
CA ALA B 123 -17.76 44.73 12.20
C ALA B 123 -17.67 46.18 12.64
N VAL B 124 -18.83 46.84 12.67
CA VAL B 124 -18.87 48.23 13.08
C VAL B 124 -19.17 48.38 14.56
N PHE B 125 -19.78 47.39 15.23
CA PHE B 125 -20.14 47.53 16.65
C PHE B 125 -19.60 46.45 17.58
N GLY B 126 -18.60 45.68 17.13
CA GLY B 126 -18.03 44.59 17.92
C GLY B 126 -18.90 43.33 17.99
N GLY B 127 -18.28 42.19 18.27
CA GLY B 127 -19.01 40.94 18.36
C GLY B 127 -19.42 40.56 19.77
N GLN B 128 -19.44 41.53 20.70
CA GLN B 128 -19.79 41.35 22.10
C GLN B 128 -21.08 40.60 22.38
N GLN B 129 -22.16 40.93 21.67
CA GLN B 129 -23.43 40.25 21.88
C GLN B 129 -23.39 38.84 21.33
N ASN B 130 -22.54 38.60 20.32
CA ASN B 130 -22.40 37.29 19.73
C ASN B 130 -21.70 36.37 20.72
N MET B 131 -20.78 36.92 21.53
CA MET B 131 -20.09 36.13 22.55
C MET B 131 -21.10 35.78 23.63
N LYS B 132 -21.88 36.78 24.08
CA LYS B 132 -22.91 36.57 25.11
C LYS B 132 -23.97 35.53 24.73
N ASP B 133 -24.62 35.71 23.58
CA ASP B 133 -25.62 34.77 23.12
C ASP B 133 -25.02 33.44 22.73
N GLY B 134 -23.92 33.52 21.97
CA GLY B 134 -23.18 32.37 21.48
C GLY B 134 -22.82 31.35 22.55
N LEU B 135 -22.16 31.78 23.63
CA LEU B 135 -21.81 30.88 24.73
C LEU B 135 -23.06 30.35 25.46
N GLN B 136 -24.12 31.15 25.60
CA GLN B 136 -25.34 30.71 26.28
C GLN B 136 -26.10 29.61 25.56
N ASN B 137 -26.26 29.81 24.24
CA ASN B 137 -26.94 28.87 23.37
C ASN B 137 -26.16 27.58 23.26
N CYS B 138 -24.84 27.72 23.09
CA CYS B 138 -23.95 26.59 22.97
C CYS B 138 -23.99 25.73 24.22
N LYS B 139 -23.88 26.35 25.40
CA LYS B 139 -23.91 25.65 26.69
C LYS B 139 -25.17 24.82 26.85
N ALA B 140 -26.30 25.42 26.49
CA ALA B 140 -27.61 24.79 26.61
C ALA B 140 -28.00 23.79 25.53
N THR B 141 -27.55 23.97 24.29
CA THR B 141 -27.97 23.10 23.20
C THR B 141 -27.15 21.84 23.08
N TYR B 142 -25.85 21.97 23.37
CA TYR B 142 -24.91 20.87 23.22
C TYR B 142 -24.31 20.32 24.50
N LYS B 143 -24.76 20.88 25.63
CA LYS B 143 -24.32 20.52 26.98
C LYS B 143 -22.84 20.27 27.21
N PRO B 144 -21.89 21.17 26.89
CA PRO B 144 -20.48 20.96 27.18
C PRO B 144 -20.01 21.32 28.60
N ASP B 145 -19.07 20.55 29.18
CA ASP B 145 -18.46 20.91 30.45
C ASP B 145 -17.48 22.05 30.28
N MET B 146 -17.02 22.33 29.04
CA MET B 146 -16.07 23.39 28.76
C MET B 146 -16.35 23.97 27.37
N ILE B 147 -15.98 25.22 27.11
CA ILE B 147 -16.07 25.81 25.79
C ILE B 147 -14.73 26.50 25.57
N ALA B 148 -13.99 26.12 24.52
CA ALA B 148 -12.71 26.76 24.25
C ALA B 148 -12.81 27.65 23.01
N VAL B 149 -12.71 28.96 23.31
CA VAL B 149 -12.86 30.03 22.33
C VAL B 149 -11.57 30.47 21.67
N SER B 150 -11.61 30.55 20.34
CA SER B 150 -10.53 31.06 19.52
C SER B 150 -11.17 32.08 18.60
N THR B 151 -10.43 32.62 17.61
CA THR B 151 -10.96 33.66 16.71
C THR B 151 -10.62 33.44 15.24
N THR B 152 -11.46 34.08 14.40
CA THR B 152 -11.25 34.10 12.97
C THR B 152 -10.69 35.49 12.66
N CYS B 153 -10.17 35.74 11.43
CA CYS B 153 -9.61 37.03 11.07
C CYS B 153 -10.52 38.20 11.29
N MET B 154 -11.82 38.08 10.97
CA MET B 154 -12.78 39.16 11.14
C MET B 154 -12.69 39.75 12.55
N ALA B 155 -12.79 38.88 13.56
CA ALA B 155 -12.73 39.27 14.96
C ALA B 155 -11.38 39.81 15.41
N GLU B 156 -10.31 39.42 14.71
CA GLU B 156 -8.98 39.89 15.01
C GLU B 156 -8.71 41.26 14.44
N VAL B 157 -9.09 41.49 13.19
CA VAL B 157 -8.88 42.77 12.52
C VAL B 157 -9.68 43.85 13.23
N ILE B 158 -10.91 43.60 13.69
CA ILE B 158 -11.64 44.64 14.41
C ILE B 158 -11.39 44.63 15.93
N GLY B 159 -10.42 43.83 16.38
CA GLY B 159 -9.89 43.86 17.75
C GLY B 159 -10.85 43.66 18.91
N ASP B 160 -11.63 42.59 18.80
CA ASP B 160 -12.53 42.23 19.87
C ASP B 160 -11.72 41.68 21.03
N ASP B 161 -11.93 42.27 22.20
CA ASP B 161 -11.26 41.76 23.36
C ASP B 161 -12.03 40.54 23.83
N LEU B 162 -11.44 39.36 23.56
CA LEU B 162 -12.04 38.10 23.97
C LEU B 162 -12.25 38.06 25.47
N ASN B 163 -11.19 38.44 26.21
CA ASN B 163 -11.24 38.42 27.67
C ASN B 163 -12.39 39.22 28.25
N ALA B 164 -12.56 40.47 27.79
CA ALA B 164 -13.63 41.31 28.28
C ALA B 164 -14.96 40.70 27.89
N PHE B 165 -15.12 40.32 26.61
CA PHE B 165 -16.37 39.76 26.13
C PHE B 165 -16.88 38.53 26.89
N ILE B 166 -15.95 37.65 27.31
CA ILE B 166 -16.24 36.47 28.11
C ILE B 166 -16.57 36.88 29.55
N ASN B 167 -15.85 37.85 30.14
CA ASN B 167 -16.16 38.29 31.50
C ASN B 167 -17.50 38.98 31.61
N ASN B 168 -17.90 39.78 30.60
CA ASN B 168 -19.21 40.45 30.56
C ASN B 168 -20.35 39.49 30.33
N SER B 169 -20.12 38.32 29.71
CA SER B 169 -21.20 37.37 29.50
C SER B 169 -21.43 36.52 30.75
N LYS B 170 -20.40 36.42 31.59
CA LYS B 170 -20.52 35.77 32.88
C LYS B 170 -21.25 36.67 33.86
N LYS B 171 -20.88 37.95 33.82
CA LYS B 171 -21.51 38.98 34.66
C LYS B 171 -22.98 39.16 34.39
N GLU B 172 -23.35 39.33 33.11
CA GLU B 172 -24.74 39.45 32.72
C GLU B 172 -25.55 38.15 32.85
N GLY B 173 -24.92 37.03 33.23
CA GLY B 173 -25.65 35.80 33.53
C GLY B 173 -25.98 34.90 32.35
N PHE B 174 -25.35 35.14 31.18
CA PHE B 174 -25.53 34.29 30.00
C PHE B 174 -24.93 32.89 30.19
N ILE B 175 -23.80 32.81 30.90
CA ILE B 175 -23.22 31.54 31.30
C ILE B 175 -22.84 31.65 32.78
N PRO B 176 -22.82 30.54 33.53
CA PRO B 176 -22.40 30.50 34.93
C PRO B 176 -21.01 31.05 35.13
N ASP B 177 -20.83 31.71 36.28
CA ASP B 177 -19.60 32.41 36.55
C ASP B 177 -18.32 31.58 36.57
N GLU B 178 -18.43 30.27 36.78
CA GLU B 178 -17.24 29.43 36.71
C GLU B 178 -17.41 28.22 35.81
N PHE B 179 -18.17 28.52 34.75
CA PHE B 179 -18.28 27.63 33.62
C PHE B 179 -16.98 27.92 32.84
N PRO B 180 -16.20 26.88 32.47
CA PRO B 180 -14.90 27.05 31.85
C PRO B 180 -14.91 27.56 30.42
N VAL B 181 -14.38 28.76 30.26
CA VAL B 181 -14.27 29.34 28.93
C VAL B 181 -12.85 29.89 28.76
N PRO B 182 -11.85 29.01 28.51
CA PRO B 182 -10.51 29.42 28.06
C PRO B 182 -10.58 29.98 26.66
N PHE B 183 -9.65 30.90 26.42
CA PHE B 183 -9.60 31.56 25.14
C PHE B 183 -8.18 31.77 24.65
N ALA B 184 -8.13 32.08 23.36
CA ALA B 184 -6.89 32.36 22.69
C ALA B 184 -7.21 33.22 21.48
N HIS B 185 -6.41 34.27 21.25
CA HIS B 185 -6.55 35.04 20.02
C HIS B 185 -5.72 34.30 18.98
N THR B 186 -6.40 33.75 17.98
CA THR B 186 -5.76 32.99 16.92
C THR B 186 -5.93 33.65 15.55
N PRO B 187 -5.13 34.68 15.22
CA PRO B 187 -5.15 35.36 13.93
C PRO B 187 -4.56 34.55 12.78
N SER B 188 -5.44 34.32 11.80
CA SER B 188 -5.15 33.57 10.58
C SER B 188 -3.92 34.07 9.82
N PHE B 189 -3.59 35.36 9.98
CA PHE B 189 -2.49 36.03 9.30
C PHE B 189 -1.12 36.05 9.98
N VAL B 190 -1.09 35.48 11.18
CA VAL B 190 0.14 35.24 11.90
C VAL B 190 0.30 33.72 11.87
N GLY B 191 1.48 33.27 11.45
CA GLY B 191 1.88 31.86 11.46
C GLY B 191 0.99 30.95 10.63
N SER B 192 0.58 29.85 11.28
CA SER B 192 -0.24 28.82 10.65
C SER B 192 -1.07 28.06 11.67
N HIS B 193 -1.68 26.94 11.23
CA HIS B 193 -2.51 26.09 12.05
C HIS B 193 -1.81 25.53 13.27
N VAL B 194 -0.49 25.34 13.18
CA VAL B 194 0.25 24.82 14.32
C VAL B 194 0.38 25.89 15.42
N THR B 195 0.46 27.17 14.99
CA THR B 195 0.54 28.32 15.89
C THR B 195 -0.77 28.46 16.68
N GLY B 196 -1.88 28.12 16.02
CA GLY B 196 -3.18 28.15 16.65
C GLY B 196 -3.37 27.01 17.63
N TRP B 197 -2.70 25.86 17.42
CA TRP B 197 -2.81 24.77 18.37
C TRP B 197 -2.09 25.25 19.63
N ASP B 198 -0.90 25.85 19.47
CA ASP B 198 -0.06 26.29 20.57
C ASP B 198 -0.71 27.36 21.43
N ASN B 199 -1.27 28.36 20.75
CA ASN B 199 -1.96 29.44 21.38
C ASN B 199 -3.15 28.97 22.17
N MET B 200 -3.90 28.00 21.60
CA MET B 200 -5.06 27.47 22.27
C MET B 200 -4.68 26.72 23.55
N PHE B 201 -3.62 25.89 23.46
CA PHE B 201 -3.18 25.09 24.59
C PHE B 201 -2.67 25.97 25.72
N GLU B 202 -1.84 26.94 25.35
CA GLU B 202 -1.30 27.89 26.30
C GLU B 202 -2.46 28.62 26.99
N GLY B 203 -3.55 28.95 26.27
CA GLY B 203 -4.70 29.62 26.85
C GLY B 203 -5.48 28.76 27.84
N ILE B 204 -5.61 27.45 27.56
CA ILE B 204 -6.32 26.49 28.42
C ILE B 204 -5.46 26.19 29.64
N ALA B 205 -4.13 26.12 29.46
CA ALA B 205 -3.20 25.90 30.56
C ALA B 205 -3.25 27.10 31.51
N ARG B 206 -3.27 28.33 30.98
CA ARG B 206 -3.37 29.53 31.82
C ARG B 206 -4.68 29.57 32.56
N TYR B 207 -5.78 29.17 31.90
CA TYR B 207 -7.10 29.19 32.52
C TYR B 207 -7.15 28.26 33.73
N PHE B 208 -6.62 27.03 33.70
CA PHE B 208 -6.66 26.18 34.88
C PHE B 208 -5.53 26.36 35.88
N THR B 209 -4.50 27.12 35.51
CA THR B 209 -3.33 27.24 36.34
C THR B 209 -2.93 28.57 36.93
N LEU B 210 -2.89 29.60 36.09
CA LEU B 210 -2.25 30.85 36.43
C LEU B 210 -2.55 31.47 37.79
N LYS B 211 -3.82 31.44 38.15
CA LYS B 211 -4.27 32.01 39.41
C LYS B 211 -4.32 31.01 40.58
N SER B 212 -3.50 29.94 40.60
CA SER B 212 -3.53 28.94 41.67
C SER B 212 -2.22 28.18 41.93
N MET B 213 -1.11 28.81 41.51
CA MET B 213 0.23 28.24 41.60
C MET B 213 0.88 28.04 42.95
N ASP B 214 0.51 28.86 43.94
CA ASP B 214 1.10 28.79 45.29
C ASP B 214 0.82 27.53 46.09
N ASP B 215 -0.16 26.78 45.58
CA ASP B 215 -0.58 25.52 46.11
C ASP B 215 0.22 24.34 45.55
N LYS B 216 0.90 24.55 44.41
CA LYS B 216 1.56 23.48 43.66
C LYS B 216 3.03 23.19 43.95
N VAL B 217 3.36 21.90 44.05
CA VAL B 217 4.72 21.42 44.26
C VAL B 217 5.15 20.55 43.06
N VAL B 218 6.26 20.93 42.39
CA VAL B 218 6.73 20.17 41.23
C VAL B 218 7.19 18.75 41.59
N GLY B 219 6.55 17.77 40.93
CA GLY B 219 6.88 16.37 41.12
C GLY B 219 5.97 15.66 42.10
N SER B 220 5.07 16.36 42.79
CA SER B 220 4.21 15.72 43.78
C SER B 220 3.24 14.67 43.26
N ASN B 221 2.73 14.77 42.03
CA ASN B 221 1.85 13.70 41.56
C ASN B 221 2.61 12.57 40.89
N LYS B 222 3.94 12.72 40.78
CA LYS B 222 4.84 11.72 40.20
C LYS B 222 4.60 11.32 38.74
N LYS B 223 3.93 12.21 38.01
CA LYS B 223 3.58 12.01 36.61
C LYS B 223 4.40 12.91 35.70
N ILE B 224 4.37 12.64 34.38
CA ILE B 224 5.03 13.50 33.41
C ILE B 224 3.94 13.93 32.43
N ASN B 225 3.83 15.23 32.16
CA ASN B 225 2.83 15.70 31.21
C ASN B 225 3.35 15.60 29.78
N ILE B 226 2.49 15.21 28.85
CA ILE B 226 2.87 15.03 27.45
C ILE B 226 1.98 15.94 26.63
N VAL B 227 2.55 16.96 25.99
CA VAL B 227 1.77 17.82 25.13
C VAL B 227 2.04 17.37 23.69
N PRO B 228 1.03 16.84 22.99
CA PRO B 228 1.14 16.27 21.65
C PRO B 228 1.34 17.24 20.51
N GLY B 229 0.77 18.44 20.51
CA GLY B 229 0.83 19.31 19.36
C GLY B 229 -0.28 18.96 18.37
N PHE B 230 -0.23 19.57 17.18
CA PHE B 230 -1.17 19.35 16.09
C PHE B 230 -0.83 17.96 15.59
N GLU B 231 -1.74 17.03 15.88
CA GLU B 231 -1.55 15.66 15.58
C GLU B 231 -2.78 15.06 14.94
N THR B 232 -2.58 14.54 13.71
CA THR B 232 -3.69 13.98 12.97
C THR B 232 -3.57 12.50 12.63
N TYR B 233 -2.84 11.78 13.48
CA TYR B 233 -2.79 10.33 13.44
C TYR B 233 -3.15 9.79 14.81
N LEU B 234 -4.22 8.99 14.78
CA LEU B 234 -4.73 8.29 15.94
C LEU B 234 -3.68 7.37 16.56
N GLY B 235 -2.84 6.78 15.71
CA GLY B 235 -1.79 5.90 16.18
C GLY B 235 -0.65 6.61 16.94
N ASN B 236 -0.44 7.91 16.74
CA ASN B 236 0.57 8.64 17.48
C ASN B 236 0.20 8.95 18.92
N PHE B 237 -1.08 9.26 19.16
CA PHE B 237 -1.60 9.44 20.50
C PHE B 237 -1.54 8.09 21.19
N ARG B 238 -2.04 7.06 20.47
CA ARG B 238 -2.12 5.73 21.05
C ARG B 238 -0.78 5.08 21.34
N VAL B 239 0.25 5.31 20.52
CA VAL B 239 1.56 4.72 20.75
C VAL B 239 2.34 5.36 21.89
N ILE B 240 2.17 6.69 22.10
CA ILE B 240 2.83 7.38 23.20
C ILE B 240 2.34 6.85 24.53
N LYS B 241 1.01 6.70 24.59
CA LYS B 241 0.35 6.13 25.75
C LYS B 241 0.75 4.69 26.05
N ARG B 242 0.84 3.91 24.96
CA ARG B 242 1.15 2.50 25.06
C ARG B 242 2.51 2.24 25.67
N MET B 243 3.50 2.98 25.13
CA MET B 243 4.89 2.87 25.54
C MET B 243 5.12 3.34 26.94
N LEU B 244 4.47 4.44 27.33
CA LEU B 244 4.51 4.98 28.69
C LEU B 244 3.90 4.02 29.69
N SER B 245 2.81 3.34 29.31
CA SER B 245 2.17 2.33 30.13
C SER B 245 3.00 1.05 30.18
N GLU B 246 3.74 0.75 29.11
CA GLU B 246 4.64 -0.39 29.09
C GLU B 246 5.76 -0.17 30.10
N MET B 247 6.23 1.09 30.18
CA MET B 247 7.23 1.47 31.14
C MET B 247 6.70 1.57 32.55
N GLY B 248 5.38 1.68 32.72
CA GLY B 248 4.78 1.86 34.03
C GLY B 248 5.02 3.28 34.55
N VAL B 249 5.08 4.22 33.58
CA VAL B 249 5.26 5.65 33.78
C VAL B 249 3.90 6.33 33.86
N GLY B 250 3.72 7.03 34.98
CA GLY B 250 2.54 7.86 35.21
C GLY B 250 2.66 9.05 34.29
N TYR B 251 1.58 9.27 33.55
CA TYR B 251 1.56 10.36 32.57
C TYR B 251 0.20 11.02 32.51
N SER B 252 0.22 12.13 31.80
CA SER B 252 -0.99 12.90 31.59
C SER B 252 -0.84 13.50 30.20
N LEU B 253 -1.62 12.98 29.25
CA LEU B 253 -1.63 13.45 27.88
C LEU B 253 -2.60 14.62 27.89
N LEU B 254 -2.03 15.80 27.61
CA LEU B 254 -2.77 17.04 27.69
C LEU B 254 -3.08 17.51 26.27
N SER B 255 -4.37 17.28 26.01
CA SER B 255 -5.11 17.36 24.75
C SER B 255 -4.95 15.97 24.14
N ASP B 256 -6.04 15.21 24.24
CA ASP B 256 -6.08 13.84 23.75
C ASP B 256 -7.37 13.55 22.99
N PRO B 257 -7.44 13.75 21.66
CA PRO B 257 -8.66 13.60 20.89
C PRO B 257 -8.92 12.21 20.31
N GLU B 258 -8.11 11.21 20.66
CA GLU B 258 -8.23 9.90 20.03
C GLU B 258 -9.57 9.15 20.17
N GLU B 259 -10.33 9.42 21.22
CA GLU B 259 -11.66 8.83 21.41
C GLU B 259 -12.73 9.55 20.59
N VAL B 260 -12.81 10.89 20.63
CA VAL B 260 -13.79 11.64 19.83
C VAL B 260 -13.62 11.47 18.33
N LEU B 261 -12.38 11.37 17.90
CA LEU B 261 -12.05 11.16 16.50
C LEU B 261 -12.10 9.70 16.04
N ASP B 262 -12.66 8.80 16.85
CA ASP B 262 -12.80 7.42 16.49
C ASP B 262 -13.90 6.73 17.31
N THR B 263 -15.11 7.31 17.40
CA THR B 263 -16.18 6.66 18.12
C THR B 263 -16.77 5.54 17.28
N PRO B 264 -17.24 4.46 17.92
CA PRO B 264 -17.88 3.32 17.25
C PRO B 264 -19.23 3.56 16.60
N ALA B 265 -19.49 2.89 15.47
CA ALA B 265 -20.82 2.95 14.83
C ALA B 265 -21.67 1.82 15.41
N ASP B 266 -22.46 2.19 16.43
CA ASP B 266 -23.26 1.22 17.19
C ASP B 266 -24.73 1.59 17.40
N GLY B 267 -25.21 2.51 16.59
CA GLY B 267 -26.59 2.94 16.70
C GLY B 267 -26.71 4.30 17.34
N GLN B 268 -25.62 4.85 17.90
CA GLN B 268 -25.70 6.19 18.44
C GLN B 268 -24.49 7.07 18.17
N PHE B 269 -24.82 8.36 18.00
CA PHE B 269 -23.82 9.39 17.79
C PHE B 269 -23.36 9.93 19.14
N ARG B 270 -22.04 9.96 19.31
CA ARG B 270 -21.43 10.51 20.50
C ARG B 270 -20.68 11.80 20.20
N MET B 271 -21.34 12.94 20.49
CA MET B 271 -20.73 14.24 20.27
C MET B 271 -19.40 14.39 21.00
N TYR B 272 -19.38 13.88 22.24
CA TYR B 272 -18.17 13.91 23.05
C TYR B 272 -17.75 12.50 23.43
N ALA B 273 -16.44 12.35 23.63
CA ALA B 273 -15.88 11.07 24.01
C ALA B 273 -14.47 11.25 24.48
N GLY B 274 -14.14 10.66 25.62
CA GLY B 274 -12.81 10.71 26.23
C GLY B 274 -12.27 12.11 26.48
N GLY B 275 -11.00 12.30 26.14
CA GLY B 275 -10.34 13.59 26.30
C GLY B 275 -9.72 13.79 27.68
N THR B 276 -8.85 14.81 27.73
CA THR B 276 -8.17 15.24 28.94
C THR B 276 -9.17 15.95 29.86
N THR B 277 -9.31 15.43 31.10
CA THR B 277 -10.21 16.08 32.06
C THR B 277 -9.65 17.43 32.55
N GLN B 278 -10.53 18.25 33.10
CA GLN B 278 -10.15 19.54 33.66
C GLN B 278 -9.27 19.34 34.88
N GLU B 279 -9.47 18.21 35.58
CA GLU B 279 -8.70 17.83 36.75
C GLU B 279 -7.27 17.49 36.40
N GLU B 280 -7.02 16.90 35.24
CA GLU B 280 -5.66 16.67 34.80
C GLU B 280 -5.01 18.00 34.47
N MET B 281 -5.75 18.99 33.93
CA MET B 281 -5.19 20.29 33.61
C MET B 281 -4.90 21.16 34.82
N LYS B 282 -5.70 21.01 35.87
CA LYS B 282 -5.49 21.77 37.10
C LYS B 282 -4.30 21.20 37.88
N ASP B 283 -4.13 19.87 37.87
CA ASP B 283 -3.09 19.18 38.61
C ASP B 283 -1.79 19.06 37.81
N ALA B 284 -1.80 19.53 36.56
CA ALA B 284 -0.63 19.45 35.72
C ALA B 284 0.64 20.14 36.25
N PRO B 285 0.68 21.27 36.99
CA PRO B 285 1.90 21.81 37.61
C PRO B 285 2.62 20.89 38.59
N ASN B 286 1.89 19.89 39.11
CA ASN B 286 2.46 18.93 40.04
C ASN B 286 3.27 17.83 39.40
N ALA B 287 3.29 17.78 38.05
CA ALA B 287 4.08 16.80 37.32
C ALA B 287 5.56 17.05 37.53
N LEU B 288 6.34 15.96 37.52
CA LEU B 288 7.79 16.02 37.59
C LEU B 288 8.35 16.97 36.52
N ASN B 289 7.73 16.93 35.34
CA ASN B 289 8.14 17.71 34.18
C ASN B 289 7.05 17.63 33.11
N THR B 290 7.29 18.33 32.01
CA THR B 290 6.44 18.29 30.83
C THR B 290 7.33 18.08 29.59
N VAL B 291 6.94 17.07 28.82
CA VAL B 291 7.57 16.74 27.55
C VAL B 291 6.74 17.30 26.39
N LEU B 292 7.38 18.03 25.49
CA LEU B 292 6.70 18.56 24.31
C LEU B 292 7.04 17.67 23.12
N LEU B 293 6.05 16.90 22.66
CA LEU B 293 6.29 15.97 21.56
C LEU B 293 6.60 16.65 20.25
N GLN B 294 6.08 17.86 20.04
CA GLN B 294 6.39 18.59 18.82
C GLN B 294 6.79 20.02 19.17
N PRO B 295 8.04 20.21 19.64
CA PRO B 295 8.50 21.46 20.24
C PRO B 295 8.60 22.69 19.36
N TRP B 296 8.96 22.53 18.08
CA TRP B 296 9.01 23.64 17.14
C TRP B 296 7.67 24.31 16.83
N HIS B 297 6.51 23.79 17.25
CA HIS B 297 5.30 24.59 17.18
C HIS B 297 4.62 24.71 18.54
N LEU B 298 5.43 24.61 19.61
CA LEU B 298 4.91 24.70 20.95
C LEU B 298 5.76 25.64 21.80
N GLU B 299 6.26 26.69 21.16
CA GLU B 299 7.13 27.64 21.85
C GLU B 299 6.48 28.49 22.92
N LYS B 300 5.27 28.98 22.65
CA LYS B 300 4.52 29.72 23.65
C LYS B 300 4.21 28.84 24.85
N THR B 301 3.83 27.59 24.59
CA THR B 301 3.54 26.62 25.64
C THR B 301 4.76 26.33 26.51
N LYS B 302 5.95 26.23 25.88
CA LYS B 302 7.20 25.94 26.56
C LYS B 302 7.49 27.06 27.54
N LYS B 303 7.35 28.32 27.10
CA LYS B 303 7.58 29.47 27.97
C LYS B 303 6.63 29.50 29.15
N PHE B 304 5.36 29.07 28.99
CA PHE B 304 4.43 29.07 30.10
C PHE B 304 4.73 27.91 31.04
N VAL B 305 5.03 26.71 30.55
CA VAL B 305 5.28 25.60 31.47
C VAL B 305 6.61 25.78 32.20
N GLU B 306 7.62 26.36 31.56
CA GLU B 306 8.89 26.65 32.23
C GLU B 306 8.77 27.85 33.14
N GLY B 307 8.07 28.91 32.72
CA GLY B 307 7.95 30.17 33.45
C GLY B 307 6.93 30.16 34.60
N THR B 308 5.72 29.63 34.42
CA THR B 308 4.74 29.59 35.48
C THR B 308 4.78 28.27 36.24
N TRP B 309 4.83 27.10 35.58
CA TRP B 309 4.84 25.84 36.31
C TRP B 309 6.18 25.45 36.90
N LYS B 310 7.26 26.12 36.42
CA LYS B 310 8.64 25.92 36.84
C LYS B 310 9.20 24.52 36.57
N HIS B 311 8.79 24.00 35.41
CA HIS B 311 9.24 22.70 34.91
C HIS B 311 10.46 22.89 34.05
N GLU B 312 11.39 21.93 34.10
CA GLU B 312 12.60 22.00 33.28
C GLU B 312 12.47 21.13 32.04
N VAL B 313 11.76 21.70 31.05
CA VAL B 313 11.42 20.99 29.82
C VAL B 313 12.64 20.45 29.07
N PRO B 314 12.75 19.12 28.89
CA PRO B 314 13.89 18.44 28.27
C PRO B 314 14.04 18.87 26.82
N LYS B 315 15.29 18.96 26.34
CA LYS B 315 15.57 19.34 24.96
C LYS B 315 15.48 18.04 24.16
N LEU B 316 14.24 17.70 23.83
CA LEU B 316 13.91 16.49 23.09
C LEU B 316 13.32 16.82 21.74
N ASN B 317 13.83 16.13 20.73
CA ASN B 317 13.23 16.26 19.42
C ASN B 317 11.95 15.40 19.38
N ILE B 318 11.19 15.50 18.28
CA ILE B 318 10.00 14.67 18.07
C ILE B 318 10.46 13.21 18.09
N PRO B 319 9.83 12.28 18.83
CA PRO B 319 10.26 10.87 18.86
C PRO B 319 9.92 10.10 17.59
N MET B 320 10.68 10.40 16.53
CA MET B 320 10.53 9.82 15.21
C MET B 320 11.85 9.22 14.81
N GLY B 321 11.82 7.99 14.32
CA GLY B 321 13.05 7.33 13.94
C GLY B 321 13.67 6.60 15.10
N LEU B 322 14.84 5.98 14.88
CA LEU B 322 15.47 5.18 15.91
C LEU B 322 16.08 6.04 17.01
N ASP B 323 17.00 6.95 16.62
CA ASP B 323 17.70 7.74 17.61
C ASP B 323 16.83 8.62 18.47
N TRP B 324 15.83 9.29 17.90
CA TRP B 324 14.99 10.17 18.68
C TRP B 324 13.94 9.44 19.51
N THR B 325 13.56 8.19 19.19
CA THR B 325 12.65 7.46 20.05
C THR B 325 13.44 6.92 21.24
N ASP B 326 14.71 6.57 21.00
CA ASP B 326 15.59 6.14 22.07
C ASP B 326 15.75 7.27 23.05
N GLU B 327 16.13 8.45 22.53
CA GLU B 327 16.37 9.63 23.34
C GLU B 327 15.17 10.04 24.15
N PHE B 328 13.97 9.82 23.56
CA PHE B 328 12.73 10.06 24.26
C PHE B 328 12.58 9.08 25.43
N LEU B 329 12.71 7.77 25.20
CA LEU B 329 12.48 6.80 26.25
C LEU B 329 13.47 6.94 27.36
N MET B 330 14.72 7.28 27.03
CA MET B 330 15.76 7.49 28.03
C MET B 330 15.50 8.74 28.88
N LYS B 331 14.92 9.83 28.33
CA LYS B 331 14.61 10.99 29.12
C LYS B 331 13.49 10.64 30.07
N VAL B 332 12.50 9.90 29.56
CA VAL B 332 11.35 9.46 30.36
C VAL B 332 11.84 8.53 31.45
N SER B 333 12.85 7.71 31.15
CA SER B 333 13.42 6.80 32.11
C SER B 333 14.05 7.61 33.24
N GLU B 334 14.89 8.61 32.95
CA GLU B 334 15.50 9.34 34.05
C GLU B 334 14.62 10.37 34.75
N ILE B 335 13.53 10.89 34.17
CA ILE B 335 12.66 11.84 34.88
C ILE B 335 11.79 11.07 35.86
N SER B 336 11.22 9.95 35.40
CA SER B 336 10.35 9.10 36.21
C SER B 336 11.10 8.10 37.08
N GLY B 337 12.36 7.80 36.73
CA GLY B 337 13.16 6.81 37.43
C GLY B 337 12.70 5.38 37.13
N GLN B 338 11.99 5.22 36.02
CA GLN B 338 11.48 3.93 35.59
C GLN B 338 12.40 3.32 34.55
N PRO B 339 12.83 2.06 34.62
CA PRO B 339 13.68 1.46 33.60
C PRO B 339 12.89 1.16 32.32
N ILE B 340 13.57 1.14 31.17
CA ILE B 340 12.95 0.82 29.89
C ILE B 340 12.73 -0.70 29.87
N PRO B 341 11.49 -1.25 29.82
CA PRO B 341 11.22 -2.69 29.88
C PRO B 341 11.78 -3.49 28.70
N ALA B 342 11.92 -4.82 28.87
CA ALA B 342 12.42 -5.70 27.82
C ALA B 342 11.62 -5.65 26.53
N SER B 343 10.33 -5.31 26.64
CA SER B 343 9.41 -5.21 25.52
C SER B 343 9.76 -4.09 24.57
N LEU B 344 10.10 -2.91 25.09
CA LEU B 344 10.53 -1.81 24.23
C LEU B 344 11.96 -2.01 23.72
N THR B 345 12.87 -2.64 24.51
CA THR B 345 14.21 -2.98 24.04
C THR B 345 14.07 -3.97 22.88
N LYS B 346 13.12 -4.90 22.95
CA LYS B 346 12.88 -5.87 21.89
C LYS B 346 12.31 -5.21 20.65
N GLU B 347 11.27 -4.38 20.80
CA GLU B 347 10.65 -3.64 19.73
C GLU B 347 11.65 -2.76 19.00
N ARG B 348 12.65 -2.22 19.72
CA ARG B 348 13.72 -1.43 19.11
C ARG B 348 14.55 -2.37 18.25
N GLY B 349 14.82 -3.60 18.74
CA GLY B 349 15.63 -4.57 18.03
C GLY B 349 14.95 -5.12 16.77
N ARG B 350 13.61 -5.20 16.82
CA ARG B 350 12.84 -5.71 15.69
C ARG B 350 12.85 -4.63 14.64
N LEU B 351 12.81 -3.35 15.03
CA LEU B 351 12.93 -2.24 14.10
C LEU B 351 14.30 -2.22 13.42
N VAL B 352 15.35 -2.47 14.18
CA VAL B 352 16.71 -2.51 13.62
C VAL B 352 16.82 -3.74 12.74
N ASP B 353 16.11 -4.83 13.07
CA ASP B 353 16.12 -6.00 12.23
C ASP B 353 15.47 -5.71 10.90
N MET B 354 14.37 -4.96 10.94
CA MET B 354 13.66 -4.59 9.73
C MET B 354 14.53 -3.71 8.87
N MET B 355 15.32 -2.82 9.49
CA MET B 355 16.23 -1.94 8.79
C MET B 355 17.32 -2.70 8.06
N THR B 356 17.83 -3.76 8.68
CA THR B 356 18.89 -4.55 8.07
C THR B 356 18.34 -5.43 6.97
N ASP B 357 17.06 -5.86 7.07
CA ASP B 357 16.46 -6.69 6.04
C ASP B 357 16.12 -5.87 4.77
N SER B 358 15.85 -4.59 5.00
CA SER B 358 15.43 -3.72 3.91
C SER B 358 16.40 -2.73 3.31
N HIS B 359 17.60 -2.53 3.89
CA HIS B 359 18.51 -1.49 3.45
C HIS B 359 18.95 -1.47 1.99
N THR B 360 18.96 -2.63 1.30
CA THR B 360 19.41 -2.69 -0.09
C THR B 360 18.47 -1.97 -1.06
N TRP B 361 17.20 -1.89 -0.68
CA TRP B 361 16.21 -1.24 -1.53
C TRP B 361 16.03 0.21 -1.18
N LEU B 362 16.34 0.53 0.08
CA LEU B 362 16.24 1.88 0.59
C LEU B 362 17.44 2.76 0.30
N HIS B 363 18.63 2.17 0.24
CA HIS B 363 19.87 2.92 0.09
C HIS B 363 19.95 3.76 -1.17
N GLY B 364 20.30 5.02 -0.91
CA GLY B 364 20.50 6.03 -1.95
C GLY B 364 19.24 6.61 -2.55
N LYS B 365 18.07 6.22 -2.02
CA LYS B 365 16.78 6.69 -2.50
C LYS B 365 16.51 8.15 -2.20
N ARG B 366 16.14 8.84 -3.26
CA ARG B 366 15.94 10.26 -3.23
C ARG B 366 14.49 10.71 -3.03
N PHE B 367 14.27 11.56 -2.02
CA PHE B 367 12.94 12.03 -1.70
C PHE B 367 12.77 13.54 -1.63
N ALA B 368 11.60 13.94 -2.14
CA ALA B 368 11.10 15.28 -1.96
C ALA B 368 10.02 15.08 -0.91
N LEU B 369 9.90 15.98 0.06
CA LEU B 369 8.95 15.83 1.16
C LEU B 369 8.55 17.16 1.78
N TRP B 370 7.33 17.23 2.32
CA TRP B 370 6.84 18.44 2.96
C TRP B 370 5.98 18.15 4.15
N GLY B 371 5.58 19.19 4.88
CA GLY B 371 4.74 19.04 6.07
C GLY B 371 5.08 20.06 7.15
N ASP B 372 4.53 19.78 8.35
CA ASP B 372 4.75 20.62 9.51
C ASP B 372 6.15 20.45 10.07
N PRO B 373 6.71 21.39 10.83
CA PRO B 373 8.14 21.46 11.13
C PRO B 373 8.74 20.23 11.81
N ASP B 374 8.09 19.73 12.85
CA ASP B 374 8.57 18.59 13.63
C ASP B 374 8.41 17.28 12.87
N PHE B 375 7.28 17.11 12.17
CA PHE B 375 7.05 15.97 11.29
C PHE B 375 8.14 15.92 10.22
N VAL B 376 8.49 17.06 9.62
CA VAL B 376 9.49 17.07 8.57
C VAL B 376 10.87 16.75 9.10
N MET B 377 11.30 17.28 10.27
CA MET B 377 12.63 16.96 10.74
C MET B 377 12.78 15.54 11.28
N GLY B 378 11.70 14.96 11.76
CA GLY B 378 11.73 13.58 12.21
C GLY B 378 11.75 12.66 11.02
N LEU B 379 11.11 13.05 9.91
CA LEU B 379 11.08 12.23 8.72
C LEU B 379 12.44 12.33 8.04
N VAL B 380 13.04 13.53 8.09
CA VAL B 380 14.39 13.71 7.55
C VAL B 380 15.40 12.89 8.33
N LYS B 381 15.33 12.91 9.67
CA LYS B 381 16.23 12.11 10.49
C LYS B 381 16.10 10.61 10.19
N PHE B 382 14.87 10.12 10.13
CA PHE B 382 14.66 8.69 9.91
C PHE B 382 15.09 8.29 8.51
N LEU B 383 14.89 9.15 7.50
CA LEU B 383 15.38 8.83 6.17
C LEU B 383 16.90 8.75 6.14
N LEU B 384 17.59 9.63 6.88
CA LEU B 384 19.05 9.57 6.95
C LEU B 384 19.48 8.26 7.62
N GLU B 385 18.72 7.79 8.63
CA GLU B 385 19.01 6.54 9.33
C GLU B 385 18.84 5.29 8.47
N LEU B 386 17.92 5.39 7.50
CA LEU B 386 17.66 4.31 6.54
C LEU B 386 18.66 4.31 5.37
N GLY B 387 19.50 5.34 5.31
CA GLY B 387 20.47 5.46 4.25
C GLY B 387 19.89 6.07 2.99
N CYS B 388 18.83 6.87 3.16
CA CYS B 388 18.17 7.54 2.05
C CYS B 388 18.59 9.01 2.05
N GLU B 389 18.45 9.63 0.87
CA GLU B 389 18.75 11.03 0.69
C GLU B 389 17.48 11.89 0.66
N PRO B 390 17.23 12.72 1.69
CA PRO B 390 16.15 13.70 1.69
C PRO B 390 16.53 14.96 0.91
N VAL B 391 16.44 14.83 -0.43
CA VAL B 391 16.88 15.85 -1.38
C VAL B 391 16.14 17.20 -1.36
N HIS B 392 14.80 17.23 -1.25
CA HIS B 392 14.04 18.46 -1.21
C HIS B 392 13.18 18.43 0.03
N ILE B 393 13.53 19.29 0.99
CA ILE B 393 12.85 19.39 2.27
C ILE B 393 12.07 20.70 2.24
N LEU B 394 10.75 20.60 2.23
CA LEU B 394 9.91 21.78 2.16
C LEU B 394 9.08 21.88 3.44
N CYS B 395 9.06 23.08 3.99
CA CYS B 395 8.22 23.38 5.12
C CYS B 395 7.81 24.85 5.00
N HIS B 396 6.63 25.04 4.41
CA HIS B 396 6.09 26.35 4.16
C HIS B 396 6.00 27.18 5.43
N ASN B 397 5.55 26.56 6.53
CA ASN B 397 5.45 27.22 7.82
C ASN B 397 6.68 27.08 8.74
N GLY B 398 7.83 26.75 8.16
CA GLY B 398 9.08 26.69 8.91
C GLY B 398 9.68 28.08 9.11
N ASN B 399 10.50 28.19 10.15
CA ASN B 399 11.21 29.43 10.43
C ASN B 399 12.71 29.25 10.25
N LYS B 400 13.44 30.37 10.31
CA LYS B 400 14.88 30.38 10.09
C LYS B 400 15.67 29.50 11.03
N ARG B 401 15.28 29.46 12.31
CA ARG B 401 15.99 28.66 13.31
C ARG B 401 15.80 27.18 13.09
N TRP B 402 14.58 26.82 12.64
CA TRP B 402 14.24 25.46 12.32
C TRP B 402 15.10 25.01 11.17
N LYS B 403 15.19 25.86 10.14
CA LYS B 403 15.97 25.55 8.96
C LYS B 403 17.40 25.29 9.35
N LYS B 404 17.96 26.07 10.28
CA LYS B 404 19.32 25.88 10.73
C LYS B 404 19.47 24.58 11.53
N ALA B 405 18.45 24.18 12.30
CA ALA B 405 18.50 22.94 13.05
C ALA B 405 18.47 21.72 12.13
N VAL B 406 17.77 21.81 10.98
CA VAL B 406 17.67 20.72 10.03
C VAL B 406 18.89 20.71 9.13
N ASP B 407 19.46 21.87 8.74
CA ASP B 407 20.69 21.86 7.94
C ASP B 407 21.82 21.27 8.77
N ALA B 408 21.76 21.47 10.09
CA ALA B 408 22.73 20.92 11.02
C ALA B 408 22.59 19.41 11.07
N ILE B 409 21.36 18.83 11.09
CA ILE B 409 21.25 17.37 11.12
C ILE B 409 21.57 16.76 9.76
N LEU B 410 21.42 17.53 8.66
CA LEU B 410 21.79 17.07 7.34
C LEU B 410 23.30 17.02 7.15
N ALA B 411 23.98 18.02 7.75
CA ALA B 411 25.43 18.18 7.69
C ALA B 411 26.22 17.06 8.34
N ALA B 412 25.61 16.48 9.40
CA ALA B 412 26.16 15.35 10.16
C ALA B 412 26.01 13.98 9.49
N SER B 413 25.37 13.93 8.32
CA SER B 413 25.15 12.69 7.61
C SER B 413 25.68 12.82 6.19
N PRO B 414 26.24 11.74 5.61
CA PRO B 414 26.66 11.69 4.21
C PRO B 414 25.48 11.63 3.25
N TYR B 415 24.31 11.26 3.80
CA TYR B 415 23.08 11.19 3.00
C TYR B 415 22.37 12.52 2.89
N GLY B 416 22.81 13.55 3.65
CA GLY B 416 22.26 14.90 3.54
C GLY B 416 23.13 15.83 2.68
N LYS B 417 24.06 15.34 1.84
CA LYS B 417 24.93 16.21 1.05
C LYS B 417 24.29 16.89 -0.15
N ASN B 418 23.23 16.26 -0.69
CA ASN B 418 22.48 16.75 -1.84
C ASN B 418 21.14 17.37 -1.42
N ALA B 419 20.95 17.54 -0.10
CA ALA B 419 19.72 18.05 0.48
C ALA B 419 19.66 19.55 0.71
N THR B 420 18.48 20.14 0.50
CA THR B 420 18.30 21.57 0.74
C THR B 420 16.99 21.78 1.47
N VAL B 421 16.98 22.63 2.48
CA VAL B 421 15.76 22.94 3.24
C VAL B 421 15.20 24.29 2.80
N TYR B 422 13.89 24.25 2.51
CA TYR B 422 13.17 25.38 1.98
C TYR B 422 12.03 25.76 2.91
N ILE B 423 12.14 26.95 3.50
CA ILE B 423 11.08 27.48 4.35
C ILE B 423 10.41 28.62 3.62
N GLY B 424 9.11 28.80 3.86
CA GLY B 424 8.36 29.88 3.23
C GLY B 424 8.00 29.57 1.77
N LYS B 425 8.48 28.44 1.21
CA LYS B 425 8.18 28.02 -0.17
C LYS B 425 7.00 27.04 -0.20
N ASP B 426 6.34 26.87 -1.36
CA ASP B 426 5.12 26.05 -1.41
C ASP B 426 5.16 24.95 -2.45
N LEU B 427 4.02 24.26 -2.63
CA LEU B 427 3.98 23.14 -3.53
C LEU B 427 4.14 23.47 -5.01
N TRP B 428 3.97 24.73 -5.46
CA TRP B 428 4.27 25.03 -6.86
C TRP B 428 5.78 25.19 -7.02
N HIS B 429 6.44 25.67 -5.95
CA HIS B 429 7.88 25.72 -5.89
C HIS B 429 8.41 24.29 -5.98
N LEU B 430 7.88 23.38 -5.15
CA LEU B 430 8.29 21.98 -5.12
C LEU B 430 8.01 21.23 -6.42
N ARG B 431 6.94 21.60 -7.13
CA ARG B 431 6.64 21.05 -8.45
C ARG B 431 7.83 21.23 -9.40
N SER B 432 8.54 22.37 -9.31
CA SER B 432 9.72 22.63 -10.12
C SER B 432 10.91 21.81 -9.64
N LEU B 433 11.18 21.72 -8.32
CA LEU B 433 12.31 20.95 -7.83
C LEU B 433 12.23 19.47 -8.17
N VAL B 434 11.04 18.88 -8.23
CA VAL B 434 10.91 17.48 -8.64
C VAL B 434 10.95 17.31 -10.16
N PHE B 435 10.95 18.41 -10.93
CA PHE B 435 11.18 18.32 -12.37
C PHE B 435 12.64 18.49 -12.70
N THR B 436 13.29 19.52 -12.14
CA THR B 436 14.69 19.83 -12.42
C THR B 436 15.72 19.03 -11.64
N ASP B 437 15.31 18.50 -10.51
CA ASP B 437 16.19 17.64 -9.77
C ASP B 437 15.35 16.50 -9.23
N LYS B 438 14.89 15.70 -10.21
CA LYS B 438 13.98 14.60 -10.02
C LYS B 438 14.40 13.64 -8.93
N PRO B 439 13.58 13.51 -7.89
CA PRO B 439 13.71 12.47 -6.89
C PRO B 439 13.00 11.22 -7.37
N ASP B 440 13.13 10.18 -6.56
CA ASP B 440 12.47 8.91 -6.80
C ASP B 440 11.01 8.95 -6.38
N PHE B 441 10.70 9.51 -5.21
CA PHE B 441 9.33 9.61 -4.69
C PHE B 441 9.13 10.93 -3.95
N MET B 442 7.89 11.18 -3.50
CA MET B 442 7.60 12.30 -2.62
C MET B 442 6.88 11.71 -1.43
N ILE B 443 7.14 12.26 -0.25
CA ILE B 443 6.39 11.88 0.92
C ILE B 443 5.63 13.15 1.30
N GLY B 444 4.31 13.09 1.20
CA GLY B 444 3.51 14.26 1.50
C GLY B 444 2.04 13.97 1.54
N ASN B 445 1.24 15.02 1.70
CA ASN B 445 -0.20 14.87 1.78
C ASN B 445 -0.81 14.73 0.40
N SER B 446 -2.14 14.66 0.39
CA SER B 446 -2.89 14.48 -0.83
C SER B 446 -2.70 15.54 -1.91
N TYR B 447 -2.29 16.77 -1.55
CA TYR B 447 -2.07 17.83 -2.52
C TYR B 447 -0.93 17.48 -3.45
N GLY B 448 -0.10 16.53 -3.01
CA GLY B 448 0.98 16.02 -3.79
C GLY B 448 0.50 15.16 -4.96
N LYS B 449 -0.76 14.71 -5.05
CA LYS B 449 -1.20 13.89 -6.18
C LYS B 449 -1.20 14.67 -7.50
N PHE B 450 -1.38 16.00 -7.39
CA PHE B 450 -1.38 16.87 -8.53
C PHE B 450 0.03 17.13 -9.00
N ILE B 451 1.04 16.97 -8.14
CA ILE B 451 2.42 17.07 -8.60
C ILE B 451 2.73 15.78 -9.34
N GLN B 452 2.25 14.62 -8.87
CA GLN B 452 2.53 13.36 -9.54
C GLN B 452 1.95 13.25 -10.93
N ARG B 453 0.70 13.74 -11.15
CA ARG B 453 0.17 13.69 -12.49
C ARG B 453 0.85 14.70 -13.42
N ASP B 454 1.37 15.81 -12.88
CA ASP B 454 2.15 16.78 -13.65
C ASP B 454 3.48 16.15 -14.11
N THR B 455 4.16 15.38 -13.25
CA THR B 455 5.38 14.72 -13.68
C THR B 455 5.11 13.59 -14.67
N LEU B 456 3.95 12.87 -14.61
CA LEU B 456 3.62 11.82 -15.59
C LEU B 456 3.30 12.42 -16.96
N HIS B 457 2.78 13.63 -16.99
CA HIS B 457 2.47 14.30 -18.23
C HIS B 457 3.72 14.54 -19.07
N LYS B 458 4.85 14.83 -18.42
CA LYS B 458 6.11 14.98 -19.13
C LYS B 458 6.52 13.64 -19.74
N GLY B 459 6.22 12.58 -18.97
CA GLY B 459 6.51 11.21 -19.39
C GLY B 459 6.69 10.29 -18.19
N LYS B 460 6.60 8.97 -18.44
CA LYS B 460 6.76 7.96 -17.42
C LYS B 460 8.10 8.00 -16.70
N GLU B 461 9.19 8.25 -17.46
CA GLU B 461 10.55 8.37 -16.93
C GLU B 461 10.68 9.52 -15.95
N PHE B 462 9.83 10.52 -16.12
CA PHE B 462 9.86 11.70 -15.28
C PHE B 462 8.87 11.61 -14.14
N GLU B 463 8.01 10.58 -14.09
CA GLU B 463 7.05 10.49 -13.01
C GLU B 463 7.66 10.22 -11.64
N VAL B 464 7.23 11.05 -10.69
CA VAL B 464 7.65 10.94 -9.31
C VAL B 464 6.40 10.54 -8.51
N PRO B 465 6.23 9.26 -8.11
CA PRO B 465 5.11 8.76 -7.29
C PRO B 465 4.94 9.39 -5.91
N LEU B 466 3.69 9.58 -5.46
CA LEU B 466 3.44 10.08 -4.12
C LEU B 466 3.28 8.92 -3.13
N ILE B 467 3.83 9.16 -1.93
CA ILE B 467 3.72 8.28 -0.78
C ILE B 467 3.00 9.15 0.24
N ARG B 468 1.74 8.85 0.53
CA ARG B 468 0.92 9.66 1.41
C ARG B 468 1.19 9.47 2.90
N ILE B 469 1.94 10.45 3.44
CA ILE B 469 2.25 10.51 4.87
C ILE B 469 2.14 11.99 5.21
N GLY B 470 1.16 12.33 6.04
CA GLY B 470 0.96 13.72 6.43
C GLY B 470 -0.50 14.04 6.66
N PHE B 471 -0.79 15.33 6.53
CA PHE B 471 -2.11 15.89 6.68
C PHE B 471 -2.28 16.94 5.59
N PRO B 472 -3.40 17.06 4.87
CA PRO B 472 -4.52 16.11 4.89
C PRO B 472 -4.42 14.96 3.90
N ILE B 473 -4.89 13.78 4.31
CA ILE B 473 -5.01 12.67 3.40
C ILE B 473 -6.50 12.43 3.20
N PHE B 474 -6.93 12.92 2.04
CA PHE B 474 -8.33 12.91 1.64
C PHE B 474 -8.69 11.89 0.58
N ASP B 475 -7.72 11.42 -0.21
CA ASP B 475 -8.03 10.52 -1.31
C ASP B 475 -7.77 9.03 -1.13
N ARG B 476 -7.49 8.67 0.13
CA ARG B 476 -7.30 7.29 0.55
C ARG B 476 -8.13 7.11 1.81
N HIS B 477 -8.63 5.91 2.09
CA HIS B 477 -9.33 5.62 3.32
C HIS B 477 -8.51 5.04 4.48
N HIS B 478 -8.80 5.61 5.66
CA HIS B 478 -8.35 5.18 6.98
C HIS B 478 -6.89 5.21 7.36
N LEU B 479 -6.10 5.92 6.56
CA LEU B 479 -4.70 6.11 6.87
C LEU B 479 -4.55 7.06 8.06
N HIS B 480 -5.60 7.71 8.55
CA HIS B 480 -5.47 8.57 9.73
C HIS B 480 -5.29 7.68 10.98
N ARG B 481 -5.49 6.36 10.82
CA ARG B 481 -5.35 5.42 11.92
C ARG B 481 -3.94 4.97 12.16
N SER B 482 -3.01 5.33 11.27
CA SER B 482 -1.68 4.79 11.39
C SER B 482 -0.74 5.55 12.34
N THR B 483 0.55 5.20 12.32
CA THR B 483 1.51 5.71 13.28
C THR B 483 2.78 6.17 12.60
N THR B 484 3.24 7.37 12.96
CA THR B 484 4.53 7.85 12.50
C THR B 484 5.54 8.00 13.64
N LEU B 485 5.11 8.02 14.91
CA LEU B 485 6.03 8.14 16.03
C LEU B 485 6.41 6.80 16.63
N GLY B 486 7.53 6.78 17.35
CA GLY B 486 8.04 5.61 18.02
C GLY B 486 8.71 4.64 17.06
N TYR B 487 8.98 3.47 17.64
CA TYR B 487 9.50 2.33 16.88
C TYR B 487 8.40 1.79 15.99
N GLU B 488 7.16 1.73 16.50
CA GLU B 488 5.98 1.30 15.76
C GLU B 488 5.85 2.11 14.48
N GLY B 489 5.92 3.44 14.69
CA GLY B 489 5.79 4.39 13.61
C GLY B 489 6.90 4.28 12.59
N ALA B 490 8.12 4.00 13.06
CA ALA B 490 9.27 3.83 12.19
C ALA B 490 9.13 2.55 11.39
N MET B 491 8.48 1.53 11.97
CA MET B 491 8.24 0.26 11.30
C MET B 491 7.20 0.45 10.21
N GLN B 492 6.22 1.30 10.45
CA GLN B 492 5.18 1.51 9.44
C GLN B 492 5.72 2.32 8.27
N ILE B 493 6.59 3.31 8.52
CA ILE B 493 7.15 4.14 7.46
C ILE B 493 8.15 3.36 6.66
N LEU B 494 8.99 2.55 7.33
CA LEU B 494 9.95 1.69 6.67
C LEU B 494 9.19 0.76 5.73
N THR B 495 8.13 0.07 6.20
CA THR B 495 7.36 -0.83 5.35
C THR B 495 6.70 -0.11 4.17
N THR B 496 6.21 1.14 4.33
CA THR B 496 5.60 1.90 3.23
C THR B 496 6.66 2.32 2.22
N LEU B 497 7.81 2.86 2.69
CA LEU B 497 8.88 3.30 1.82
C LEU B 497 9.46 2.13 1.01
N VAL B 498 9.81 1.00 1.64
CA VAL B 498 10.34 -0.15 0.91
C VAL B 498 9.31 -0.73 -0.05
N ASN B 499 8.03 -0.83 0.36
CA ASN B 499 7.07 -1.41 -0.55
C ASN B 499 6.62 -0.53 -1.68
N SER B 500 6.72 0.80 -1.52
CA SER B 500 6.39 1.72 -2.61
C SER B 500 7.45 1.59 -3.70
N ILE B 501 8.71 1.42 -3.22
CA ILE B 501 9.87 1.20 -4.06
C ILE B 501 9.71 -0.10 -4.84
N LEU B 502 9.34 -1.19 -4.15
CA LEU B 502 9.22 -2.47 -4.82
C LEU B 502 8.02 -2.57 -5.76
N GLU B 503 6.98 -1.82 -5.41
CA GLU B 503 5.81 -1.71 -6.26
C GLU B 503 6.12 -1.05 -7.59
N ARG B 504 6.89 0.04 -7.49
CA ARG B 504 7.33 0.79 -8.66
C ARG B 504 8.31 -0.04 -9.49
N LEU B 505 9.13 -0.89 -8.86
CA LEU B 505 10.02 -1.77 -9.63
C LEU B 505 9.19 -2.79 -10.37
N ASP B 506 8.16 -3.37 -9.74
CA ASP B 506 7.29 -4.33 -10.40
C ASP B 506 6.53 -3.71 -11.56
N GLU B 507 6.19 -2.43 -11.41
CA GLU B 507 5.46 -1.68 -12.40
C GLU B 507 6.32 -1.43 -13.61
N GLU B 508 7.57 -1.04 -13.36
CA GLU B 508 8.54 -0.82 -14.43
C GLU B 508 9.03 -2.09 -15.09
N THR B 509 8.94 -3.27 -14.42
CA THR B 509 9.33 -4.53 -15.01
C THR B 509 8.16 -5.47 -15.34
N ARG B 510 6.90 -5.00 -15.44
CA ARG B 510 5.73 -5.83 -15.73
C ARG B 510 5.48 -6.01 -17.21
N GLY B 511 6.38 -5.54 -18.09
CA GLY B 511 6.21 -5.62 -19.54
C GLY B 511 6.82 -6.87 -20.15
N MET B 512 5.96 -7.70 -20.76
CA MET B 512 6.34 -8.95 -21.42
C MET B 512 7.38 -8.83 -22.52
N GLN B 513 8.46 -9.59 -22.31
CA GLN B 513 9.62 -9.63 -23.19
C GLN B 513 10.30 -8.27 -23.42
N ALA B 514 9.99 -7.29 -22.58
CA ALA B 514 10.56 -5.97 -22.69
C ALA B 514 11.40 -5.80 -21.46
N THR B 515 10.72 -5.67 -20.31
CA THR B 515 11.38 -5.40 -19.05
C THR B 515 11.15 -6.47 -17.97
N ASP B 516 10.30 -7.48 -18.24
CA ASP B 516 9.98 -8.48 -17.24
C ASP B 516 11.07 -9.48 -16.89
N TYR B 517 12.27 -9.41 -17.51
CA TYR B 517 13.41 -10.23 -17.12
C TYR B 517 13.79 -9.96 -15.66
N ASN B 518 13.42 -8.78 -15.12
CA ASN B 518 13.65 -8.40 -13.73
C ASN B 518 12.32 -8.37 -12.97
N HIS B 519 11.32 -9.20 -13.34
CA HIS B 519 10.07 -9.23 -12.61
C HIS B 519 10.17 -10.45 -11.72
N ASP B 520 11.02 -10.25 -10.70
CA ASP B 520 11.40 -11.27 -9.75
C ASP B 520 10.32 -11.65 -8.76
N LEU B 521 10.22 -12.96 -8.51
CA LEU B 521 9.31 -13.48 -7.50
C LEU B 521 9.77 -13.05 -6.13
N VAL B 522 11.08 -13.23 -5.89
CA VAL B 522 11.65 -12.86 -4.61
C VAL B 522 12.44 -11.56 -4.76
N ARG B 523 12.12 -10.63 -3.85
CA ARG B 523 12.86 -9.39 -3.72
C ARG B 523 13.15 -9.16 -2.21
N SER C 5 46.57 -15.65 12.54
CA SER C 5 47.59 -16.48 13.17
C SER C 5 47.31 -17.96 12.95
N ARG C 6 48.14 -18.67 12.16
CA ARG C 6 47.93 -20.09 11.88
C ARG C 6 47.63 -21.05 13.02
N GLU C 7 48.03 -20.75 14.27
CA GLU C 7 47.72 -21.62 15.41
C GLU C 7 46.39 -21.24 16.04
N GLU C 8 45.98 -19.96 15.95
CA GLU C 8 44.67 -19.49 16.39
C GLU C 8 43.57 -20.18 15.54
N VAL C 9 43.85 -20.29 14.24
CA VAL C 9 42.98 -20.93 13.25
C VAL C 9 42.96 -22.44 13.50
N GLU C 10 44.13 -23.02 13.76
CA GLU C 10 44.29 -24.45 14.02
C GLU C 10 43.54 -24.89 15.27
N SER C 11 43.61 -23.99 16.26
CA SER C 11 42.98 -24.19 17.56
C SER C 11 41.48 -23.95 17.54
N LEU C 12 41.05 -23.09 16.61
CA LEU C 12 39.65 -22.72 16.38
C LEU C 12 38.85 -23.92 15.91
N ILE C 13 39.38 -24.53 14.85
CA ILE C 13 38.80 -25.71 14.20
C ILE C 13 38.55 -26.79 15.25
N GLN C 14 39.60 -27.08 16.03
CA GLN C 14 39.56 -28.06 17.09
C GLN C 14 38.48 -27.77 18.15
N GLU C 15 38.36 -26.50 18.59
CA GLU C 15 37.39 -26.08 19.58
C GLU C 15 35.94 -26.21 19.18
N VAL C 16 35.63 -25.75 17.97
CA VAL C 16 34.30 -25.86 17.37
C VAL C 16 33.87 -27.32 17.32
N LEU C 17 34.78 -28.19 16.86
CA LEU C 17 34.51 -29.62 16.74
C LEU C 17 34.30 -30.39 18.03
N GLU C 18 34.54 -29.85 19.23
CA GLU C 18 34.30 -30.61 20.46
C GLU C 18 32.84 -30.83 20.84
N VAL C 19 31.92 -30.00 20.31
CA VAL C 19 30.49 -30.11 20.59
C VAL C 19 29.85 -31.32 19.91
N TYR C 20 30.56 -31.88 18.92
CA TYR C 20 30.10 -33.04 18.18
C TYR C 20 30.23 -34.35 18.94
N PRO C 21 29.43 -35.36 18.57
CA PRO C 21 29.75 -36.79 18.72
C PRO C 21 31.03 -37.24 18.00
N GLU C 22 31.52 -38.47 18.24
CA GLU C 22 32.76 -38.94 17.63
C GLU C 22 32.84 -39.09 16.13
N LYS C 23 31.96 -39.82 15.42
CA LYS C 23 32.16 -39.94 13.98
C LYS C 23 31.89 -38.65 13.20
N ALA C 24 31.14 -37.71 13.81
CA ALA C 24 30.91 -36.39 13.23
C ALA C 24 32.21 -35.61 13.33
N ARG C 25 32.80 -35.58 14.54
CA ARG C 25 34.09 -34.92 14.83
C ARG C 25 35.23 -35.30 13.90
N LYS C 26 35.33 -36.61 13.63
CA LYS C 26 36.37 -37.17 12.77
C LYS C 26 36.15 -36.74 11.34
N ASP C 27 34.90 -36.85 10.86
CA ASP C 27 34.55 -36.51 9.49
C ASP C 27 34.63 -35.02 9.15
N ARG C 28 34.22 -34.18 10.10
CA ARG C 28 34.23 -32.74 9.92
C ARG C 28 35.65 -32.17 10.04
N ASN C 29 36.53 -32.86 10.76
CA ASN C 29 37.92 -32.45 10.89
C ASN C 29 38.63 -32.57 9.55
N LYS C 30 38.23 -33.59 8.80
CA LYS C 30 38.70 -33.82 7.45
C LYS C 30 38.21 -32.75 6.47
N HIS C 31 37.05 -32.16 6.76
CA HIS C 31 36.44 -31.13 5.93
C HIS C 31 36.69 -29.68 6.38
N LEU C 32 37.68 -29.44 7.24
CA LEU C 32 38.09 -28.11 7.69
C LEU C 32 39.61 -28.00 7.64
N ALA C 33 40.11 -27.02 6.87
CA ALA C 33 41.53 -26.84 6.66
C ALA C 33 42.04 -25.39 6.68
N VAL C 34 43.32 -25.25 7.03
CA VAL C 34 44.04 -23.98 7.00
C VAL C 34 44.85 -24.02 5.69
N ASN C 35 44.75 -22.99 4.85
CA ASN C 35 45.44 -22.94 3.55
C ASN C 35 46.93 -22.66 3.67
N CYS C 45 44.93 -28.26 3.07
CA CYS C 45 44.79 -29.64 2.64
C CYS C 45 43.50 -30.24 3.21
N ILE C 46 42.59 -30.71 2.33
CA ILE C 46 41.22 -31.07 2.72
C ILE C 46 40.53 -32.16 1.89
N ILE C 47 39.62 -32.97 2.45
CA ILE C 47 38.85 -33.87 1.60
C ILE C 47 37.48 -33.22 1.36
N SER C 48 36.95 -33.54 0.19
CA SER C 48 35.76 -32.90 -0.27
C SER C 48 34.84 -33.90 -0.94
N ASN C 49 33.73 -33.34 -1.47
CA ASN C 49 32.60 -34.06 -2.08
C ASN C 49 32.14 -35.45 -1.63
N LYS C 50 31.80 -35.78 -0.36
CA LYS C 50 31.29 -37.11 0.00
C LYS C 50 29.94 -36.64 0.53
N LYS C 51 29.26 -37.50 1.26
CA LYS C 51 28.31 -37.17 2.32
C LYS C 51 28.34 -36.20 3.48
N SER C 52 27.12 -35.71 3.73
CA SER C 52 26.84 -34.85 4.85
C SER C 52 26.48 -35.74 6.03
N GLN C 53 26.85 -35.19 7.18
CA GLN C 53 26.64 -35.86 8.43
C GLN C 53 25.22 -35.55 8.94
N PRO C 54 24.42 -36.57 9.31
CA PRO C 54 23.04 -36.45 9.78
C PRO C 54 22.80 -35.58 10.99
N GLY C 55 21.75 -34.77 10.85
CA GLY C 55 21.33 -33.86 11.91
C GLY C 55 22.23 -32.66 12.09
N LEU C 56 23.10 -32.28 11.15
CA LEU C 56 24.00 -31.16 11.40
C LEU C 56 23.76 -29.88 10.63
N MET C 57 22.60 -29.71 10.01
CA MET C 57 22.21 -28.49 9.29
C MET C 57 23.16 -27.96 8.23
N THR C 58 23.29 -28.90 7.32
CA THR C 58 24.00 -28.75 6.07
C THR C 58 23.28 -27.71 5.24
N ILE C 59 24.04 -26.92 4.48
CA ILE C 59 23.47 -25.89 3.63
C ILE C 59 23.14 -26.42 2.23
N ARG C 60 23.75 -27.56 1.89
CA ARG C 60 23.54 -28.29 0.64
C ARG C 60 22.13 -28.73 0.29
N GLY C 61 21.88 -28.65 -1.04
CA GLY C 61 20.67 -29.16 -1.67
C GLY C 61 20.86 -30.58 -2.24
N CYS C 62 19.93 -30.96 -3.13
CA CYS C 62 19.91 -32.29 -3.73
C CYS C 62 20.29 -32.35 -5.20
N ALA C 63 20.32 -33.57 -5.78
CA ALA C 63 20.66 -33.75 -7.19
C ALA C 63 19.63 -33.15 -8.14
N TYR C 64 18.38 -33.01 -7.65
CA TYR C 64 17.28 -32.40 -8.39
C TYR C 64 17.52 -30.91 -8.56
N ALA C 65 17.99 -30.26 -7.49
CA ALA C 65 18.33 -28.84 -7.55
C ALA C 65 19.44 -28.63 -8.57
N GLY C 66 20.42 -29.55 -8.64
CA GLY C 66 21.55 -29.46 -9.57
C GLY C 66 21.15 -29.58 -11.02
N SER C 67 20.08 -30.33 -11.28
CA SER C 67 19.62 -30.58 -12.63
C SER C 67 18.55 -29.58 -13.05
N LYS C 68 17.36 -29.64 -12.42
CA LYS C 68 16.26 -28.72 -12.71
C LYS C 68 16.59 -27.28 -12.35
N GLY C 69 17.16 -27.06 -11.18
CA GLY C 69 17.45 -25.71 -10.71
C GLY C 69 18.58 -25.02 -11.48
N VAL C 70 19.70 -25.72 -11.77
CA VAL C 70 20.79 -25.04 -12.45
C VAL C 70 21.00 -25.41 -13.91
N VAL C 71 21.02 -26.68 -14.36
CA VAL C 71 21.31 -26.92 -15.77
C VAL C 71 20.08 -26.80 -16.67
N TRP C 72 19.07 -27.66 -16.44
CA TRP C 72 17.90 -27.63 -17.28
C TRP C 72 16.98 -26.44 -17.12
N GLY C 73 16.43 -26.12 -15.93
CA GLY C 73 15.49 -25.02 -15.70
C GLY C 73 15.66 -23.75 -16.52
N PRO C 74 16.87 -23.16 -16.63
CA PRO C 74 17.13 -22.00 -17.49
C PRO C 74 16.90 -22.09 -19.00
N ILE C 75 16.79 -23.30 -19.56
CA ILE C 75 16.52 -23.47 -20.97
C ILE C 75 15.04 -23.14 -21.22
N LYS C 76 15.10 -21.93 -21.77
CA LYS C 76 14.02 -21.03 -22.14
C LYS C 76 12.81 -21.56 -22.91
N ASP C 77 13.03 -22.11 -24.10
CA ASP C 77 11.94 -22.58 -24.95
C ASP C 77 11.55 -24.05 -24.77
N MET C 78 11.94 -24.62 -23.63
CA MET C 78 11.58 -25.98 -23.28
C MET C 78 10.81 -25.91 -21.99
N ILE C 79 9.97 -26.93 -21.86
CA ILE C 79 9.16 -27.09 -20.68
C ILE C 79 9.81 -28.17 -19.85
N HIS C 80 10.05 -27.83 -18.58
CA HIS C 80 10.70 -28.73 -17.67
C HIS C 80 9.65 -29.20 -16.69
N ILE C 81 9.53 -30.53 -16.58
CA ILE C 81 8.52 -31.16 -15.75
C ILE C 81 9.16 -31.75 -14.51
N SER C 82 8.83 -31.18 -13.36
CA SER C 82 9.26 -31.76 -12.09
C SER C 82 8.25 -32.87 -11.82
N HIS C 83 8.77 -34.07 -12.09
CA HIS C 83 8.00 -35.28 -12.03
C HIS C 83 8.06 -35.89 -10.65
N GLY C 84 6.98 -35.68 -9.93
CA GLY C 84 6.89 -36.18 -8.57
C GLY C 84 5.84 -35.39 -7.84
N PRO C 85 5.85 -35.35 -6.51
CA PRO C 85 4.98 -34.51 -5.71
C PRO C 85 5.18 -33.00 -5.92
N VAL C 86 4.29 -32.24 -5.29
CA VAL C 86 4.21 -30.82 -5.56
C VAL C 86 5.30 -29.93 -4.97
N GLY C 87 5.94 -30.41 -3.89
CA GLY C 87 6.97 -29.67 -3.17
C GLY C 87 8.09 -29.07 -4.00
N CYS C 88 8.96 -29.92 -4.57
CA CYS C 88 10.16 -29.53 -5.31
C CYS C 88 9.97 -28.45 -6.36
N GLY C 89 8.97 -28.66 -7.20
CA GLY C 89 8.60 -27.69 -8.20
C GLY C 89 8.21 -26.36 -7.57
N GLN C 90 7.53 -26.35 -6.40
CA GLN C 90 7.15 -25.09 -5.76
C GLN C 90 8.29 -24.29 -5.21
N TYR C 91 9.11 -24.96 -4.42
CA TYR C 91 10.21 -24.32 -3.73
C TYR C 91 11.23 -23.81 -4.71
N SER C 92 11.39 -24.53 -5.82
CA SER C 92 12.31 -24.10 -6.84
C SER C 92 11.64 -23.20 -7.88
N ARG C 93 10.33 -22.92 -7.83
CA ARG C 93 9.70 -22.02 -8.79
C ARG C 93 10.21 -20.60 -8.56
N ALA C 94 10.87 -20.10 -9.62
CA ALA C 94 11.46 -18.77 -9.71
C ALA C 94 12.39 -18.29 -8.60
N GLY C 95 13.02 -19.27 -7.92
CA GLY C 95 13.94 -18.99 -6.82
C GLY C 95 15.30 -18.52 -7.32
N ARG C 96 15.75 -19.01 -8.47
CA ARG C 96 17.03 -18.62 -9.00
C ARG C 96 16.78 -17.66 -10.15
N ARG C 97 17.59 -16.59 -10.16
CA ARG C 97 17.42 -15.58 -11.16
C ARG C 97 18.26 -15.77 -12.41
N ASN C 98 17.93 -16.84 -13.15
CA ASN C 98 18.58 -17.19 -14.41
C ASN C 98 17.80 -16.50 -15.52
N TYR C 99 18.25 -15.26 -15.81
CA TYR C 99 17.53 -14.35 -16.70
C TYR C 99 17.39 -14.71 -18.16
N TYR C 100 16.24 -14.34 -18.72
CA TYR C 100 15.92 -14.65 -20.10
C TYR C 100 14.98 -13.68 -20.82
N ILE C 101 15.05 -13.71 -22.16
CA ILE C 101 14.18 -12.89 -22.98
C ILE C 101 13.15 -13.85 -23.62
N GLY C 102 11.87 -13.55 -23.36
CA GLY C 102 10.79 -14.35 -23.90
C GLY C 102 9.41 -13.90 -23.45
N THR C 103 8.42 -14.65 -23.95
CA THR C 103 7.02 -14.40 -23.63
C THR C 103 6.64 -15.64 -22.85
N THR C 104 6.69 -15.54 -21.52
CA THR C 104 6.45 -16.69 -20.66
C THR C 104 5.02 -17.22 -20.79
N GLY C 105 4.89 -18.55 -20.86
CA GLY C 105 3.61 -19.23 -21.06
C GLY C 105 3.23 -19.40 -22.54
N VAL C 106 3.89 -18.68 -23.47
CA VAL C 106 3.64 -18.79 -24.90
C VAL C 106 4.84 -19.46 -25.59
N ASN C 107 6.01 -18.80 -25.66
CA ASN C 107 7.17 -19.42 -26.25
C ASN C 107 8.30 -19.66 -25.24
N ALA C 108 8.29 -18.99 -24.10
CA ALA C 108 9.32 -19.14 -23.08
C ALA C 108 8.69 -19.64 -21.79
N PHE C 109 9.36 -20.37 -20.90
CA PHE C 109 8.66 -20.98 -19.78
C PHE C 109 9.42 -21.07 -18.46
N VAL C 110 10.58 -20.40 -18.35
CA VAL C 110 11.50 -20.58 -17.22
C VAL C 110 10.90 -20.39 -15.83
N THR C 111 10.07 -19.36 -15.64
CA THR C 111 9.51 -19.07 -14.33
C THR C 111 8.20 -19.75 -13.98
N MET C 112 7.73 -20.68 -14.83
CA MET C 112 6.51 -21.43 -14.57
C MET C 112 6.86 -22.76 -13.90
N ASN C 113 5.87 -23.36 -13.27
CA ASN C 113 6.05 -24.64 -12.60
C ASN C 113 5.16 -25.73 -13.24
N PHE C 114 5.79 -26.58 -14.04
CA PHE C 114 5.10 -27.70 -14.65
C PHE C 114 5.46 -28.89 -13.78
N THR C 115 4.43 -29.56 -13.23
CA THR C 115 4.64 -30.71 -12.37
C THR C 115 3.59 -31.83 -12.58
N SER C 116 3.99 -33.07 -12.31
CA SER C 116 3.06 -34.18 -12.43
C SER C 116 2.27 -34.39 -11.15
N ASP C 117 2.59 -33.65 -10.07
CA ASP C 117 1.85 -33.65 -8.79
C ASP C 117 1.31 -34.98 -8.31
N PHE C 118 2.26 -35.84 -8.00
CA PHE C 118 1.96 -37.17 -7.49
C PHE C 118 1.08 -37.22 -6.25
N GLN C 119 0.07 -38.08 -6.42
CA GLN C 119 -0.86 -38.43 -5.37
C GLN C 119 -0.59 -39.88 -4.96
N GLU C 120 -1.27 -40.45 -3.96
CA GLU C 120 -0.97 -41.82 -3.59
C GLU C 120 -1.28 -42.80 -4.71
N LYS C 121 -2.27 -42.62 -5.59
CA LYS C 121 -2.50 -43.59 -6.69
C LYS C 121 -1.32 -43.70 -7.65
N ASP C 122 -0.60 -42.59 -7.86
CA ASP C 122 0.56 -42.57 -8.73
C ASP C 122 1.76 -43.25 -8.11
N ILE C 123 1.92 -43.15 -6.79
CA ILE C 123 3.00 -43.83 -6.08
C ILE C 123 2.79 -45.35 -6.13
N VAL C 124 1.55 -45.76 -5.93
CA VAL C 124 1.18 -47.16 -5.83
C VAL C 124 1.19 -47.86 -7.18
N PHE C 125 0.66 -47.19 -8.21
CA PHE C 125 0.57 -47.80 -9.53
C PHE C 125 1.69 -47.44 -10.48
N GLY C 126 2.45 -46.38 -10.20
CA GLY C 126 3.46 -45.92 -11.14
C GLY C 126 2.96 -44.69 -11.88
N GLY C 127 3.86 -43.77 -12.16
CA GLY C 127 3.45 -42.52 -12.78
C GLY C 127 3.70 -42.41 -14.26
N ASP C 128 3.95 -43.51 -14.98
CA ASP C 128 4.23 -43.47 -16.41
C ASP C 128 3.07 -43.25 -17.35
N LYS C 129 1.87 -43.72 -17.01
CA LYS C 129 0.70 -43.44 -17.82
C LYS C 129 0.33 -42.01 -17.57
N LYS C 130 0.43 -41.53 -16.33
CA LYS C 130 0.14 -40.12 -16.01
C LYS C 130 1.13 -39.19 -16.74
N LEU C 131 2.40 -39.59 -16.87
CA LEU C 131 3.41 -38.82 -17.59
C LEU C 131 3.09 -38.73 -19.07
N ALA C 132 2.67 -39.85 -19.66
CA ALA C 132 2.30 -39.89 -21.08
C ALA C 132 1.17 -38.92 -21.45
N LYS C 133 0.13 -38.88 -20.60
CA LYS C 133 -1.00 -37.99 -20.79
C LYS C 133 -0.60 -36.54 -20.52
N LEU C 134 0.31 -36.33 -19.55
CA LEU C 134 0.86 -35.02 -19.20
C LEU C 134 1.61 -34.47 -20.40
N ILE C 135 2.38 -35.29 -21.12
CA ILE C 135 3.08 -34.81 -22.30
C ILE C 135 2.09 -34.34 -23.38
N ASP C 136 0.97 -35.06 -23.59
CA ASP C 136 -0.01 -34.63 -24.57
C ASP C 136 -0.66 -33.32 -24.19
N GLU C 137 -0.99 -33.17 -22.90
CA GLU C 137 -1.57 -31.96 -22.37
C GLU C 137 -0.64 -30.77 -22.55
N VAL C 138 0.64 -30.98 -22.28
CA VAL C 138 1.68 -29.98 -22.52
C VAL C 138 1.64 -29.54 -23.99
N GLU C 139 1.55 -30.51 -24.93
CA GLU C 139 1.47 -30.20 -26.34
C GLU C 139 0.20 -29.49 -26.77
N THR C 140 -0.96 -29.72 -26.14
CA THR C 140 -2.14 -29.02 -26.64
C THR C 140 -2.18 -27.61 -26.06
N LEU C 141 -1.69 -27.44 -24.84
CA LEU C 141 -1.78 -26.13 -24.21
C LEU C 141 -0.61 -25.18 -24.43
N PHE C 142 0.58 -25.73 -24.68
CA PHE C 142 1.74 -24.90 -24.94
C PHE C 142 2.34 -25.39 -26.24
N PRO C 143 1.75 -25.05 -27.40
CA PRO C 143 2.10 -25.58 -28.72
C PRO C 143 3.50 -25.21 -29.20
N LEU C 144 3.91 -23.99 -28.80
CA LEU C 144 5.18 -23.40 -29.17
C LEU C 144 6.42 -23.86 -28.42
N ASN C 145 6.32 -24.84 -27.50
CA ASN C 145 7.52 -25.38 -26.88
C ASN C 145 8.31 -26.16 -27.93
N LYS C 146 9.63 -26.06 -27.79
CA LYS C 146 10.59 -26.65 -28.72
C LYS C 146 11.19 -27.93 -28.15
N GLY C 147 10.70 -28.42 -27.00
CA GLY C 147 11.20 -29.59 -26.33
C GLY C 147 10.67 -29.68 -24.91
N ILE C 148 10.80 -30.85 -24.27
CA ILE C 148 10.31 -31.13 -22.92
C ILE C 148 11.36 -31.93 -22.14
N SER C 149 11.67 -31.57 -20.89
CA SER C 149 12.51 -32.38 -20.00
C SER C 149 11.59 -32.90 -18.91
N VAL C 150 11.94 -34.06 -18.36
CA VAL C 150 11.22 -34.61 -17.24
C VAL C 150 12.28 -34.97 -16.18
N GLN C 151 12.27 -34.02 -15.23
CA GLN C 151 13.13 -34.01 -14.06
C GLN C 151 12.60 -34.87 -12.93
N SER C 152 13.20 -36.04 -12.73
CA SER C 152 12.76 -36.94 -11.67
C SER C 152 13.06 -36.48 -10.24
N GLU C 153 12.01 -36.45 -9.43
CA GLU C 153 12.15 -36.20 -8.00
C GLU C 153 12.34 -37.56 -7.30
N CYS C 154 12.66 -37.70 -5.99
CA CYS C 154 12.95 -39.00 -5.36
C CYS C 154 12.09 -40.20 -5.70
N PRO C 155 10.73 -40.15 -5.60
CA PRO C 155 9.84 -41.28 -5.80
C PRO C 155 9.99 -42.08 -7.08
N ILE C 156 10.24 -41.36 -8.18
CA ILE C 156 10.36 -41.92 -9.53
C ILE C 156 11.30 -43.12 -9.63
N GLY C 157 12.55 -42.96 -9.14
CA GLY C 157 13.53 -44.04 -9.11
C GLY C 157 13.19 -45.15 -8.12
N LEU C 158 12.71 -44.77 -6.93
CA LEU C 158 12.31 -45.72 -5.91
C LEU C 158 11.15 -46.60 -6.33
N ILE C 159 10.09 -46.10 -7.01
CA ILE C 159 8.93 -46.93 -7.34
C ILE C 159 9.12 -47.70 -8.65
N GLY C 160 10.31 -47.56 -9.25
CA GLY C 160 10.68 -48.24 -10.47
C GLY C 160 9.94 -47.80 -11.73
N ASP C 161 9.82 -46.49 -11.98
CA ASP C 161 9.23 -46.00 -13.23
C ASP C 161 10.26 -45.96 -14.33
N ASP C 162 9.82 -46.11 -15.57
CA ASP C 162 10.74 -45.99 -16.67
C ASP C 162 10.30 -44.83 -17.54
N ILE C 163 10.82 -43.67 -17.11
CA ILE C 163 10.55 -42.44 -17.81
C ILE C 163 11.30 -42.39 -19.14
N GLU C 164 12.35 -43.21 -19.33
CA GLU C 164 13.03 -43.30 -20.62
C GLU C 164 12.12 -43.91 -21.67
N SER C 165 11.37 -44.96 -21.33
CA SER C 165 10.42 -45.57 -22.26
C SER C 165 9.39 -44.56 -22.72
N VAL C 166 8.83 -43.82 -21.75
CA VAL C 166 7.79 -42.84 -21.99
C VAL C 166 8.36 -41.75 -22.89
N SER C 167 9.58 -41.25 -22.62
CA SER C 167 10.24 -40.25 -23.45
C SER C 167 10.50 -40.64 -24.91
N LYS C 168 10.86 -41.91 -25.17
CA LYS C 168 11.14 -42.42 -26.50
C LYS C 168 9.91 -42.67 -27.33
N VAL C 169 8.89 -43.29 -26.71
CA VAL C 169 7.65 -43.61 -27.38
C VAL C 169 6.91 -42.31 -27.67
N LYS C 170 6.74 -41.46 -26.66
CA LYS C 170 6.12 -40.15 -26.82
C LYS C 170 6.92 -39.19 -27.70
N GLY C 171 8.25 -39.17 -27.56
CA GLY C 171 9.12 -38.36 -28.38
C GLY C 171 9.04 -38.73 -29.86
N ALA C 172 8.90 -40.03 -30.15
CA ALA C 172 8.76 -40.52 -31.51
C ALA C 172 7.37 -40.22 -32.08
N GLU C 173 6.37 -40.51 -31.25
CA GLU C 173 4.95 -40.29 -31.56
C GLU C 173 4.63 -38.85 -31.95
N LEU C 174 5.27 -37.90 -31.25
CA LEU C 174 5.06 -36.47 -31.44
C LEU C 174 6.20 -35.76 -32.18
N SER C 175 7.28 -36.48 -32.56
CA SER C 175 8.47 -35.91 -33.19
C SER C 175 9.07 -34.68 -32.48
N LYS C 176 9.08 -34.82 -31.16
CA LYS C 176 9.56 -33.81 -30.23
C LYS C 176 10.63 -34.41 -29.32
N THR C 177 11.61 -33.58 -28.96
CA THR C 177 12.67 -33.96 -28.03
C THR C 177 12.12 -33.98 -26.61
N ILE C 178 12.10 -35.16 -25.98
CA ILE C 178 11.68 -35.31 -24.59
C ILE C 178 12.87 -35.96 -23.87
N VAL C 179 13.56 -35.17 -23.03
CA VAL C 179 14.75 -35.59 -22.30
C VAL C 179 14.38 -36.18 -20.95
N PRO C 180 14.57 -37.47 -20.63
CA PRO C 180 14.46 -38.00 -19.27
C PRO C 180 15.71 -37.79 -18.44
N VAL C 181 15.50 -37.14 -17.29
CA VAL C 181 16.59 -36.85 -16.40
C VAL C 181 16.34 -37.51 -15.05
N ARG C 182 17.23 -38.46 -14.72
CA ARG C 182 17.11 -39.19 -13.46
C ARG C 182 18.00 -38.55 -12.42
N CYS C 183 17.45 -37.43 -11.97
CA CYS C 183 18.12 -36.56 -11.01
C CYS C 183 17.45 -36.60 -9.64
N GLU C 184 16.95 -37.76 -9.23
CA GLU C 184 16.27 -37.96 -7.95
C GLU C 184 17.11 -37.48 -6.77
N GLY C 185 16.53 -36.64 -5.90
CA GLY C 185 17.25 -36.03 -4.78
C GLY C 185 18.04 -36.96 -3.88
N PHE C 186 17.72 -38.28 -3.83
CA PHE C 186 18.45 -39.25 -3.03
C PHE C 186 19.78 -39.64 -3.70
N ARG C 187 19.78 -39.54 -5.02
CA ARG C 187 20.98 -39.78 -5.81
C ARG C 187 22.07 -38.78 -5.46
N GLY C 188 23.30 -39.27 -5.31
CA GLY C 188 24.45 -38.44 -4.98
C GLY C 188 24.42 -37.96 -3.54
N VAL C 189 25.31 -37.00 -3.29
CA VAL C 189 25.50 -36.45 -1.94
C VAL C 189 25.19 -34.96 -1.80
N SER C 190 25.03 -34.34 -2.97
CA SER C 190 24.84 -32.91 -3.12
C SER C 190 24.25 -32.62 -4.48
N GLN C 191 24.15 -31.29 -4.79
CA GLN C 191 23.69 -30.77 -6.08
C GLN C 191 24.59 -31.16 -7.25
N SER C 192 25.85 -31.48 -6.91
CA SER C 192 26.89 -31.86 -7.85
C SER C 192 26.58 -33.01 -8.78
N LEU C 193 26.05 -34.13 -8.24
CA LEU C 193 25.74 -35.28 -9.06
C LEU C 193 24.63 -34.94 -10.03
N GLY C 194 23.70 -34.10 -9.59
CA GLY C 194 22.60 -33.66 -10.42
C GLY C 194 23.04 -32.88 -11.62
N GLN C 195 24.15 -32.14 -11.47
CA GLN C 195 24.77 -31.38 -12.57
C GLN C 195 25.32 -32.37 -13.60
N HIS C 196 26.08 -33.36 -13.10
CA HIS C 196 26.62 -34.46 -13.90
C HIS C 196 25.55 -35.23 -14.69
N ILE C 197 24.44 -35.54 -14.00
CA ILE C 197 23.31 -36.28 -14.56
C ILE C 197 22.65 -35.46 -15.64
N ALA C 198 22.62 -34.13 -15.40
CA ALA C 198 22.06 -33.20 -16.35
C ALA C 198 22.94 -33.02 -17.57
N ASN C 199 24.28 -33.04 -17.43
CA ASN C 199 25.20 -32.95 -18.55
C ASN C 199 25.11 -34.18 -19.42
N ASP C 200 25.08 -35.36 -18.79
CA ASP C 200 24.92 -36.61 -19.53
C ASP C 200 23.55 -36.67 -20.17
N ALA C 201 22.51 -36.05 -19.58
CA ALA C 201 21.19 -36.04 -20.19
C ALA C 201 21.19 -35.21 -21.47
N VAL C 202 21.94 -34.09 -21.50
CA VAL C 202 22.08 -33.28 -22.71
C VAL C 202 22.89 -34.06 -23.75
N ARG C 203 23.95 -34.76 -23.34
CA ARG C 203 24.79 -35.53 -24.24
C ARG C 203 24.02 -36.61 -24.97
N ASP C 204 23.24 -37.38 -24.22
CA ASP C 204 22.51 -38.48 -24.81
C ASP C 204 21.27 -38.10 -25.59
N TRP C 205 20.53 -37.04 -25.21
CA TRP C 205 19.28 -36.75 -25.88
C TRP C 205 19.23 -35.45 -26.65
N VAL C 206 20.23 -34.55 -26.61
CA VAL C 206 20.13 -33.28 -27.34
C VAL C 206 21.33 -32.89 -28.20
N LEU C 207 22.53 -32.88 -27.63
CA LEU C 207 23.74 -32.38 -28.29
C LEU C 207 24.11 -32.97 -29.63
N GLY C 208 23.85 -34.26 -29.80
CA GLY C 208 24.17 -34.94 -31.03
C GLY C 208 23.18 -34.78 -32.17
N LYS C 209 22.04 -34.11 -31.96
CA LYS C 209 21.00 -33.98 -32.97
C LYS C 209 21.46 -33.40 -34.30
N ARG C 210 22.43 -32.48 -34.31
CA ARG C 210 22.85 -31.90 -35.57
C ARG C 210 24.20 -32.38 -36.09
N ASP C 211 24.60 -33.60 -35.73
CA ASP C 211 25.87 -34.14 -36.20
C ASP C 211 25.87 -34.42 -37.69
N GLU C 212 24.69 -34.63 -38.26
CA GLU C 212 24.52 -34.87 -39.68
C GLU C 212 24.46 -33.58 -40.49
N ASP C 213 23.73 -32.64 -39.89
CA ASP C 213 23.52 -31.31 -40.41
C ASP C 213 24.83 -30.51 -40.55
N THR C 214 25.09 -30.11 -41.80
CA THR C 214 26.26 -29.32 -42.16
C THR C 214 25.90 -27.91 -42.64
N THR C 215 24.63 -27.50 -42.47
CA THR C 215 24.17 -26.21 -43.00
C THR C 215 24.39 -24.97 -42.11
N PHE C 216 24.99 -25.11 -40.91
CA PHE C 216 25.32 -23.95 -40.09
C PHE C 216 26.60 -23.33 -40.65
N ALA C 217 26.51 -22.04 -41.00
CA ALA C 217 27.66 -21.33 -41.53
C ALA C 217 28.56 -20.81 -40.43
N SER C 218 29.55 -21.63 -40.04
CA SER C 218 30.48 -21.21 -39.01
C SER C 218 31.53 -20.19 -39.44
N THR C 219 32.29 -19.66 -38.48
CA THR C 219 33.35 -18.70 -38.76
C THR C 219 34.51 -19.10 -37.83
N PRO C 220 35.75 -18.67 -38.10
CA PRO C 220 36.91 -18.89 -37.22
C PRO C 220 36.84 -18.38 -35.79
N TYR C 221 35.82 -17.56 -35.52
CA TYR C 221 35.66 -16.93 -34.22
C TYR C 221 34.46 -17.44 -33.44
N ASP C 222 33.92 -18.62 -33.78
CA ASP C 222 32.81 -19.16 -33.01
C ASP C 222 33.23 -19.76 -31.69
N VAL C 223 32.41 -19.40 -30.70
CA VAL C 223 32.69 -19.70 -29.32
C VAL C 223 31.35 -19.96 -28.65
N ALA C 224 31.38 -20.50 -27.44
CA ALA C 224 30.16 -20.69 -26.68
C ALA C 224 30.48 -20.44 -25.23
N ILE C 225 29.57 -19.75 -24.54
CA ILE C 225 29.68 -19.58 -23.10
C ILE C 225 29.00 -20.82 -22.53
N ILE C 226 29.82 -21.57 -21.78
CA ILE C 226 29.46 -22.85 -21.16
C ILE C 226 29.50 -22.65 -19.66
N GLY C 227 28.36 -22.83 -18.98
CA GLY C 227 28.33 -22.68 -17.53
C GLY C 227 28.20 -21.25 -17.00
N ASP C 228 27.49 -20.40 -17.74
CA ASP C 228 27.12 -19.12 -17.20
C ASP C 228 25.61 -19.19 -17.29
N TYR C 229 25.04 -19.08 -16.09
CA TYR C 229 23.61 -19.22 -15.89
C TYR C 229 22.84 -17.91 -15.80
N ASN C 230 23.51 -16.82 -16.21
CA ASN C 230 22.96 -15.49 -16.36
C ASN C 230 22.21 -14.98 -15.15
N ILE C 231 22.85 -15.14 -13.99
CA ILE C 231 22.25 -14.69 -12.73
C ILE C 231 22.30 -13.18 -12.72
N GLY C 232 21.12 -12.57 -12.83
CA GLY C 232 20.99 -11.13 -12.86
C GLY C 232 21.50 -10.54 -14.18
N GLY C 233 21.63 -11.33 -15.25
CA GLY C 233 22.16 -10.82 -16.48
C GLY C 233 23.66 -11.11 -16.62
N ASP C 234 24.27 -11.85 -15.70
CA ASP C 234 25.69 -12.19 -15.75
C ASP C 234 26.31 -12.58 -17.08
N ALA C 235 25.62 -13.44 -17.83
CA ALA C 235 26.09 -13.89 -19.13
C ALA C 235 26.00 -12.82 -20.20
N TRP C 236 25.01 -11.93 -20.09
CA TRP C 236 24.83 -10.87 -21.06
C TRP C 236 25.94 -9.83 -20.98
N SER C 237 26.43 -9.66 -19.75
CA SER C 237 27.56 -8.80 -19.47
C SER C 237 28.89 -9.42 -19.85
N SER C 238 28.91 -10.76 -20.05
CA SER C 238 30.10 -11.44 -20.47
C SER C 238 30.16 -11.39 -21.97
N ARG C 239 29.03 -11.80 -22.58
CA ARG C 239 28.86 -11.94 -24.02
C ARG C 239 29.17 -10.66 -24.75
N ILE C 240 28.72 -9.51 -24.21
CA ILE C 240 28.93 -8.23 -24.88
C ILE C 240 30.43 -7.96 -25.11
N LEU C 241 31.24 -8.26 -24.08
CA LEU C 241 32.67 -8.07 -24.08
C LEU C 241 33.36 -8.99 -25.07
N LEU C 242 32.93 -10.26 -25.12
CA LEU C 242 33.52 -11.24 -26.01
C LEU C 242 33.19 -10.90 -27.46
N GLU C 243 31.98 -10.39 -27.69
CA GLU C 243 31.59 -10.04 -29.05
C GLU C 243 32.16 -8.71 -29.54
N GLU C 244 32.44 -7.76 -28.63
CA GLU C 244 33.12 -6.49 -28.93
C GLU C 244 34.57 -6.78 -29.31
N MET C 245 35.11 -7.85 -28.71
CA MET C 245 36.43 -8.36 -29.03
C MET C 245 36.44 -9.10 -30.38
N GLY C 246 35.31 -9.17 -31.11
CA GLY C 246 35.28 -9.78 -32.43
C GLY C 246 34.73 -11.20 -32.49
N LEU C 247 34.65 -11.89 -31.34
CA LEU C 247 34.17 -13.27 -31.31
C LEU C 247 32.66 -13.40 -31.44
N ARG C 248 32.20 -14.54 -31.95
CA ARG C 248 30.77 -14.78 -32.14
C ARG C 248 30.28 -15.83 -31.13
N CYS C 249 29.33 -15.45 -30.27
CA CYS C 249 28.78 -16.37 -29.28
C CYS C 249 27.56 -17.07 -29.82
N VAL C 250 27.85 -18.30 -30.22
CA VAL C 250 26.84 -19.18 -30.78
C VAL C 250 25.92 -19.68 -29.68
N ALA C 251 26.49 -20.03 -28.52
CA ALA C 251 25.69 -20.59 -27.45
C ALA C 251 25.93 -20.05 -26.07
N GLN C 252 24.85 -20.08 -25.29
CA GLN C 252 24.90 -19.70 -23.90
C GLN C 252 24.27 -20.83 -23.12
N TRP C 253 25.12 -21.49 -22.33
CA TRP C 253 24.70 -22.68 -21.64
C TRP C 253 24.13 -22.54 -20.26
N SER C 254 22.85 -22.78 -20.55
CA SER C 254 21.64 -22.73 -19.74
C SER C 254 21.08 -21.33 -19.60
N GLY C 255 21.78 -20.32 -19.03
CA GLY C 255 21.27 -18.96 -18.85
C GLY C 255 20.80 -18.27 -20.13
N ASP C 256 19.47 -18.07 -20.28
CA ASP C 256 18.85 -17.51 -21.48
C ASP C 256 19.13 -18.35 -22.76
N GLY C 257 19.36 -19.65 -22.54
CA GLY C 257 19.70 -20.54 -23.62
C GLY C 257 18.47 -21.18 -24.24
N SER C 258 18.54 -21.32 -25.55
CA SER C 258 17.55 -22.05 -26.30
C SER C 258 18.12 -23.44 -26.61
N ILE C 259 17.23 -24.38 -26.98
CA ILE C 259 17.60 -25.74 -27.34
C ILE C 259 18.41 -25.77 -28.63
N SER C 260 18.13 -24.88 -29.58
CA SER C 260 18.87 -24.83 -30.83
C SER C 260 20.29 -24.33 -30.66
N GLU C 261 20.58 -23.55 -29.60
CA GLU C 261 21.94 -23.09 -29.29
C GLU C 261 22.77 -24.24 -28.73
N ILE C 262 22.10 -25.06 -27.91
CA ILE C 262 22.71 -26.26 -27.33
C ILE C 262 23.06 -27.18 -28.50
N GLU C 263 22.11 -27.40 -29.43
CA GLU C 263 22.29 -28.24 -30.61
C GLU C 263 23.36 -27.77 -31.58
N LEU C 264 23.60 -26.46 -31.57
CA LEU C 264 24.59 -25.81 -32.39
C LEU C 264 25.95 -25.73 -31.75
N THR C 265 26.09 -25.93 -30.45
CA THR C 265 27.40 -25.87 -29.79
C THR C 265 28.48 -26.78 -30.37
N PRO C 266 28.26 -27.99 -30.92
CA PRO C 266 29.27 -28.74 -31.66
C PRO C 266 29.90 -28.10 -32.91
N LYS C 267 29.39 -26.92 -33.31
CA LYS C 267 29.89 -26.17 -34.46
C LYS C 267 30.91 -25.07 -34.08
N VAL C 268 31.14 -24.80 -32.80
CA VAL C 268 32.05 -23.74 -32.40
C VAL C 268 33.50 -24.21 -32.42
N LYS C 269 34.37 -23.21 -32.45
CA LYS C 269 35.80 -23.43 -32.43
C LYS C 269 36.33 -23.52 -31.01
N LEU C 270 35.67 -22.91 -30.03
CA LEU C 270 36.16 -22.96 -28.67
C LEU C 270 35.03 -22.90 -27.66
N ASN C 271 35.16 -23.68 -26.59
CA ASN C 271 34.20 -23.62 -25.50
C ASN C 271 34.83 -22.94 -24.30
N LEU C 272 34.14 -21.88 -23.87
CA LEU C 272 34.56 -21.05 -22.76
C LEU C 272 33.82 -21.44 -21.48
N VAL C 273 34.51 -22.22 -20.63
CA VAL C 273 33.97 -22.70 -19.38
C VAL C 273 34.12 -21.68 -18.26
N HIS C 274 33.00 -21.15 -17.75
CA HIS C 274 33.06 -20.24 -16.60
C HIS C 274 32.97 -21.15 -15.41
N CYS C 275 31.80 -21.80 -15.26
CA CYS C 275 31.60 -22.75 -14.18
C CYS C 275 32.15 -24.09 -14.57
N TYR C 276 33.24 -24.38 -13.87
CA TYR C 276 33.92 -25.62 -14.10
C TYR C 276 33.17 -26.77 -13.47
N ARG C 277 32.76 -26.68 -12.20
CA ARG C 277 32.09 -27.78 -11.50
C ARG C 277 30.82 -28.32 -12.14
N SER C 278 30.06 -27.46 -12.81
CA SER C 278 28.80 -27.89 -13.40
C SER C 278 28.87 -28.23 -14.88
N MET C 279 29.92 -27.78 -15.58
CA MET C 279 30.03 -27.96 -17.03
C MET C 279 31.32 -28.58 -17.55
N ASN C 280 32.24 -29.00 -16.68
CA ASN C 280 33.47 -29.60 -17.15
C ASN C 280 33.20 -30.92 -17.87
N TYR C 281 32.19 -31.65 -17.40
CA TYR C 281 31.79 -32.97 -17.91
C TYR C 281 31.49 -32.96 -19.41
N ILE C 282 30.58 -32.09 -19.85
CA ILE C 282 30.21 -31.97 -21.26
C ILE C 282 31.28 -31.30 -22.10
N SER C 283 32.16 -30.49 -21.47
CA SER C 283 33.25 -29.83 -22.18
C SER C 283 34.31 -30.82 -22.61
N ARG C 284 34.59 -31.79 -21.70
CA ARG C 284 35.50 -32.90 -21.94
C ARG C 284 34.92 -33.79 -23.02
N HIS C 285 33.61 -34.08 -22.96
CA HIS C 285 32.94 -34.83 -24.01
C HIS C 285 32.98 -34.08 -25.35
N MET C 286 32.76 -32.77 -25.45
CA MET C 286 32.80 -32.15 -26.78
C MET C 286 34.21 -32.07 -27.36
N GLU C 287 35.25 -32.15 -26.52
CA GLU C 287 36.61 -32.21 -27.01
C GLU C 287 36.92 -33.62 -27.47
N GLU C 288 36.37 -34.68 -26.83
CA GLU C 288 36.57 -36.06 -27.28
C GLU C 288 35.88 -36.29 -28.62
N LYS C 289 34.55 -36.16 -28.64
CA LYS C 289 33.76 -36.40 -29.83
C LYS C 289 33.91 -35.42 -30.98
N TYR C 290 34.07 -34.11 -30.70
CA TYR C 290 34.13 -33.12 -31.79
C TYR C 290 35.44 -32.40 -31.94
N GLY C 291 36.40 -32.62 -31.03
CA GLY C 291 37.70 -31.96 -31.10
C GLY C 291 37.75 -30.51 -30.60
N ILE C 292 36.62 -29.96 -30.08
CA ILE C 292 36.55 -28.57 -29.66
C ILE C 292 37.34 -28.34 -28.37
N PRO C 293 38.42 -27.56 -28.43
CA PRO C 293 39.18 -27.20 -27.25
C PRO C 293 38.33 -26.39 -26.27
N TRP C 294 38.69 -26.45 -24.99
CA TRP C 294 37.97 -25.65 -24.02
C TRP C 294 38.88 -25.05 -22.97
N MET C 295 38.46 -23.88 -22.47
CA MET C 295 39.24 -23.20 -21.45
C MET C 295 38.42 -22.52 -20.34
N GLU C 296 39.06 -22.44 -19.18
CA GLU C 296 38.46 -21.79 -18.04
C GLU C 296 38.85 -20.33 -18.02
N TYR C 297 37.83 -19.52 -17.71
CA TYR C 297 38.01 -18.09 -17.60
C TYR C 297 37.26 -17.57 -16.38
N ASN C 298 37.53 -16.31 -16.04
CA ASN C 298 36.96 -15.68 -14.87
C ASN C 298 36.64 -14.24 -15.17
N PHE C 299 35.34 -13.94 -15.16
CA PHE C 299 34.86 -12.59 -15.41
C PHE C 299 34.36 -11.86 -14.18
N PHE C 300 35.04 -12.12 -13.06
CA PHE C 300 34.77 -11.38 -11.84
C PHE C 300 35.87 -10.35 -11.54
N GLY C 301 35.55 -9.08 -11.78
CA GLY C 301 36.44 -7.96 -11.48
C GLY C 301 37.38 -7.62 -12.62
N PRO C 302 37.97 -6.41 -12.70
CA PRO C 302 38.80 -5.94 -13.82
C PRO C 302 39.99 -6.86 -14.14
N THR C 303 40.85 -7.06 -13.14
CA THR C 303 42.04 -7.90 -13.20
C THR C 303 41.80 -9.22 -13.91
N LYS C 304 40.78 -9.92 -13.44
CA LYS C 304 40.42 -11.23 -13.97
C LYS C 304 39.73 -11.18 -15.31
N THR C 305 38.90 -10.17 -15.57
CA THR C 305 38.20 -10.06 -16.85
C THR C 305 39.23 -9.71 -17.93
N ILE C 306 40.26 -8.95 -17.51
CA ILE C 306 41.31 -8.52 -18.39
C ILE C 306 42.22 -9.70 -18.72
N GLU C 307 42.63 -10.51 -17.73
CA GLU C 307 43.53 -11.61 -18.06
C GLU C 307 42.80 -12.67 -18.85
N SER C 308 41.49 -12.79 -18.61
CA SER C 308 40.62 -13.71 -19.35
C SER C 308 40.44 -13.29 -20.79
N LEU C 309 40.16 -12.00 -21.01
CA LEU C 309 39.98 -11.47 -22.36
C LEU C 309 41.24 -11.62 -23.18
N ARG C 310 42.40 -11.45 -22.52
CA ARG C 310 43.70 -11.62 -23.16
C ARG C 310 44.00 -13.08 -23.50
N ALA C 311 43.63 -13.99 -22.57
CA ALA C 311 43.89 -15.40 -22.77
C ALA C 311 42.99 -16.04 -23.83
N ILE C 312 41.74 -15.60 -23.94
CA ILE C 312 40.80 -16.09 -24.93
C ILE C 312 41.26 -15.58 -26.29
N ALA C 313 41.71 -14.32 -26.33
CA ALA C 313 42.19 -13.69 -27.56
C ALA C 313 43.45 -14.36 -28.10
N ALA C 314 44.32 -14.82 -27.20
CA ALA C 314 45.54 -15.55 -27.55
C ALA C 314 45.29 -16.88 -28.26
N LYS C 315 44.09 -17.45 -28.13
CA LYS C 315 43.72 -18.67 -28.84
C LYS C 315 43.37 -18.42 -30.31
N PHE C 316 43.18 -17.14 -30.69
CA PHE C 316 42.83 -16.78 -32.06
C PHE C 316 43.96 -16.02 -32.75
N ASP C 317 43.66 -15.18 -33.74
CA ASP C 317 44.69 -14.41 -34.43
C ASP C 317 44.96 -13.01 -33.85
N GLU C 318 45.77 -12.23 -34.57
CA GLU C 318 46.09 -10.87 -34.15
C GLU C 318 44.93 -9.89 -34.19
N SER C 319 43.93 -10.07 -35.08
CA SER C 319 42.80 -9.16 -35.14
C SER C 319 41.90 -9.26 -33.90
N ILE C 320 41.93 -10.41 -33.20
CA ILE C 320 41.15 -10.60 -31.98
C ILE C 320 41.95 -10.10 -30.79
N GLN C 321 43.28 -10.19 -30.85
CA GLN C 321 44.15 -9.65 -29.82
C GLN C 321 44.18 -8.11 -29.86
N LYS C 322 43.97 -7.51 -31.05
CA LYS C 322 43.89 -6.06 -31.22
C LYS C 322 42.59 -5.51 -30.70
N LYS C 323 41.52 -6.21 -31.07
CA LYS C 323 40.18 -5.89 -30.60
C LYS C 323 40.10 -6.09 -29.11
N CYS C 324 40.86 -7.05 -28.58
CA CYS C 324 40.94 -7.30 -27.15
C CYS C 324 41.49 -6.07 -26.45
N GLU C 325 42.66 -5.58 -26.93
CA GLU C 325 43.29 -4.41 -26.35
C GLU C 325 42.50 -3.12 -26.50
N GLU C 326 41.66 -3.05 -27.54
CA GLU C 326 40.78 -1.91 -27.75
C GLU C 326 39.63 -1.93 -26.74
N VAL C 327 39.07 -3.12 -26.51
CA VAL C 327 38.00 -3.35 -25.55
C VAL C 327 38.50 -3.04 -24.13
N ILE C 328 39.71 -3.49 -23.79
CA ILE C 328 40.35 -3.21 -22.51
C ILE C 328 40.50 -1.71 -22.30
N ALA C 329 40.87 -1.01 -23.39
CA ALA C 329 41.07 0.43 -23.38
C ALA C 329 39.78 1.20 -23.16
N LYS C 330 38.67 0.76 -23.79
CA LYS C 330 37.36 1.40 -23.67
C LYS C 330 36.86 1.37 -22.23
N TYR C 331 36.86 0.19 -21.62
CA TYR C 331 36.37 0.02 -20.26
C TYR C 331 37.32 0.42 -19.15
N LYS C 332 38.59 0.75 -19.47
CA LYS C 332 39.57 1.13 -18.45
C LYS C 332 39.21 2.41 -17.70
N PRO C 333 38.81 3.56 -18.29
CA PRO C 333 38.23 4.70 -17.55
C PRO C 333 37.06 4.36 -16.63
N GLU C 334 36.18 3.48 -17.13
CA GLU C 334 35.00 3.05 -16.40
C GLU C 334 35.29 2.23 -15.14
N TRP C 335 36.10 1.16 -15.19
CA TRP C 335 36.38 0.44 -13.96
C TRP C 335 37.32 1.23 -13.06
N GLU C 336 38.21 2.13 -13.59
CA GLU C 336 39.09 2.91 -12.74
C GLU C 336 38.32 3.93 -11.91
N ALA C 337 37.15 4.35 -12.41
CA ALA C 337 36.33 5.27 -11.66
C ALA C 337 35.68 4.49 -10.51
N VAL C 338 35.26 3.25 -10.81
CA VAL C 338 34.66 2.36 -9.81
C VAL C 338 35.63 2.10 -8.67
N VAL C 339 36.89 1.73 -8.93
CA VAL C 339 37.83 1.49 -7.85
C VAL C 339 38.15 2.79 -7.15
N ALA C 340 38.22 3.93 -7.88
CA ALA C 340 38.51 5.22 -7.27
C ALA C 340 37.45 5.66 -6.27
N LYS C 341 36.20 5.22 -6.51
CA LYS C 341 35.10 5.59 -5.66
C LYS C 341 34.99 4.66 -4.48
N TYR C 342 35.01 3.36 -4.80
CA TYR C 342 34.67 2.35 -3.82
C TYR C 342 35.80 1.70 -3.08
N ARG C 343 36.99 1.58 -3.70
CA ARG C 343 38.14 0.98 -3.03
C ARG C 343 38.57 1.77 -1.79
N PRO C 344 38.63 3.12 -1.70
CA PRO C 344 38.85 3.87 -0.45
C PRO C 344 37.88 3.48 0.67
N ARG C 345 36.66 3.13 0.26
CA ARG C 345 35.57 2.80 1.15
C ARG C 345 35.60 1.36 1.65
N LEU C 346 36.33 0.48 0.97
CA LEU C 346 36.36 -0.94 1.32
C LEU C 346 37.73 -1.55 1.64
N GLU C 347 38.80 -0.75 1.51
CA GLU C 347 40.17 -1.15 1.77
C GLU C 347 40.38 -1.77 3.16
N GLY C 348 41.08 -2.90 3.12
CA GLY C 348 41.40 -3.68 4.30
C GLY C 348 40.24 -4.38 4.99
N LYS C 349 39.00 -4.33 4.43
CA LYS C 349 37.88 -5.03 5.03
C LYS C 349 38.00 -6.53 4.74
N ARG C 350 37.66 -7.32 5.74
CA ARG C 350 37.81 -8.76 5.69
C ARG C 350 36.49 -9.45 5.36
N VAL C 351 36.55 -10.30 4.35
CA VAL C 351 35.39 -10.98 3.82
C VAL C 351 35.47 -12.48 4.12
N MET C 352 34.37 -13.06 4.63
CA MET C 352 34.27 -14.50 4.78
C MET C 352 33.20 -14.97 3.82
N LEU C 353 33.52 -15.98 2.99
CA LEU C 353 32.59 -16.49 1.97
C LEU C 353 32.13 -17.94 2.16
N TYR C 354 31.01 -18.32 1.53
CA TYR C 354 30.49 -19.68 1.54
C TYR C 354 29.43 -19.76 0.46
N ILE C 355 29.73 -20.36 -0.68
CA ILE C 355 28.73 -20.52 -1.73
C ILE C 355 28.73 -22.02 -2.10
N GLY C 356 28.49 -22.46 -3.34
CA GLY C 356 28.50 -23.78 -3.81
C GLY C 356 29.66 -24.44 -4.56
N GLY C 357 29.98 -24.12 -5.83
CA GLY C 357 31.02 -24.86 -6.51
C GLY C 357 31.92 -24.11 -7.47
N LEU C 358 31.80 -22.78 -7.54
CA LEU C 358 32.67 -21.98 -8.38
C LEU C 358 33.02 -20.65 -7.71
N ARG C 359 31.96 -19.92 -7.35
CA ARG C 359 32.05 -18.61 -6.72
C ARG C 359 32.95 -18.47 -5.49
N PRO C 360 33.09 -19.42 -4.52
CA PRO C 360 34.08 -19.36 -3.44
C PRO C 360 35.53 -19.02 -3.79
N ARG C 361 35.89 -19.34 -5.04
CA ARG C 361 37.22 -19.12 -5.61
C ARG C 361 37.27 -17.92 -6.54
N HIS C 362 36.26 -17.84 -7.40
CA HIS C 362 36.17 -16.86 -8.47
C HIS C 362 35.96 -15.39 -8.19
N VAL C 363 35.23 -15.08 -7.11
CA VAL C 363 34.97 -13.70 -6.76
C VAL C 363 36.10 -13.03 -5.98
N ILE C 364 37.08 -13.80 -5.46
CA ILE C 364 38.21 -13.31 -4.69
C ILE C 364 38.94 -12.19 -5.43
N GLY C 365 39.17 -12.38 -6.73
CA GLY C 365 39.84 -11.41 -7.57
C GLY C 365 39.20 -10.03 -7.48
N ALA C 366 37.87 -10.01 -7.66
CA ALA C 366 37.07 -8.80 -7.60
C ALA C 366 37.11 -8.12 -6.22
N TYR C 367 37.10 -8.89 -5.13
CA TYR C 367 37.24 -8.33 -3.79
C TYR C 367 38.61 -7.69 -3.62
N GLU C 368 39.66 -8.30 -4.19
CA GLU C 368 41.02 -7.76 -4.08
C GLU C 368 41.26 -6.50 -4.88
N ASP C 369 40.47 -6.34 -5.94
CA ASP C 369 40.48 -5.14 -6.76
C ASP C 369 39.82 -3.95 -6.08
N LEU C 370 39.16 -4.25 -4.96
CA LEU C 370 38.58 -3.25 -4.10
C LEU C 370 39.31 -3.25 -2.76
N GLY C 371 40.52 -3.81 -2.75
CA GLY C 371 41.39 -3.84 -1.60
C GLY C 371 40.82 -4.60 -0.44
N MET C 372 39.98 -5.62 -0.67
CA MET C 372 39.40 -6.39 0.41
C MET C 372 40.18 -7.69 0.60
N GLU C 373 40.31 -8.23 1.81
CA GLU C 373 41.00 -9.51 2.00
C GLU C 373 39.92 -10.57 2.27
N VAL C 374 39.94 -11.70 1.56
CA VAL C 374 39.02 -12.80 1.80
C VAL C 374 39.74 -13.72 2.79
N VAL C 375 39.32 -13.65 4.07
CA VAL C 375 39.93 -14.41 5.16
C VAL C 375 39.45 -15.85 5.40
N GLY C 376 38.36 -16.22 4.70
CA GLY C 376 37.78 -17.54 4.79
C GLY C 376 36.90 -17.74 3.57
N THR C 377 36.92 -18.94 2.99
CA THR C 377 36.03 -19.30 1.91
C THR C 377 35.80 -20.82 1.97
N GLY C 378 34.72 -21.24 1.30
CA GLY C 378 34.34 -22.64 1.31
C GLY C 378 33.16 -22.90 0.40
N TYR C 379 33.12 -24.18 0.00
CA TYR C 379 32.13 -24.67 -0.94
C TYR C 379 31.13 -25.64 -0.31
N GLU C 380 29.92 -25.65 -0.87
CA GLU C 380 28.91 -26.59 -0.42
C GLU C 380 29.20 -27.96 -0.99
N PHE C 381 29.16 -28.03 -2.32
CA PHE C 381 29.21 -29.29 -3.04
C PHE C 381 30.41 -29.56 -3.93
N ALA C 382 31.45 -28.74 -3.84
CA ALA C 382 32.61 -28.90 -4.71
C ALA C 382 33.55 -30.05 -4.38
N HIS C 383 34.20 -30.45 -5.48
CA HIS C 383 35.18 -31.50 -5.47
C HIS C 383 36.58 -30.94 -5.17
N ASN C 384 37.51 -31.89 -5.11
CA ASN C 384 38.91 -31.61 -4.84
C ASN C 384 39.65 -30.83 -5.92
N ASP C 385 39.27 -30.99 -7.20
CA ASP C 385 39.88 -30.21 -8.28
C ASP C 385 39.48 -28.74 -8.18
N ASP C 386 38.39 -28.45 -7.45
CA ASP C 386 38.00 -27.07 -7.16
C ASP C 386 38.85 -26.59 -6.01
N TYR C 387 39.17 -27.44 -5.03
CA TYR C 387 40.00 -27.02 -3.92
C TYR C 387 41.48 -26.89 -4.27
N ASP C 388 41.95 -27.53 -5.36
CA ASP C 388 43.31 -27.34 -5.87
C ASP C 388 43.43 -25.99 -6.56
N ARG C 389 42.32 -25.54 -7.19
CA ARG C 389 42.22 -24.22 -7.81
C ARG C 389 42.10 -23.07 -6.83
N THR C 390 41.52 -23.36 -5.65
CA THR C 390 41.29 -22.40 -4.58
C THR C 390 42.57 -22.01 -3.83
N MET C 391 43.43 -23.01 -3.60
CA MET C 391 44.69 -22.90 -2.87
C MET C 391 45.52 -21.70 -3.27
N LYS C 392 45.65 -21.55 -4.59
CA LYS C 392 46.45 -20.50 -5.23
C LYS C 392 45.89 -19.10 -5.05
N GLU C 393 44.56 -19.01 -5.08
CA GLU C 393 43.83 -17.76 -4.95
C GLU C 393 43.77 -17.20 -3.54
N MET C 394 43.68 -18.08 -2.54
CA MET C 394 43.62 -17.68 -1.14
C MET C 394 44.99 -17.45 -0.51
N GLY C 395 45.05 -16.60 0.51
CA GLY C 395 46.31 -16.31 1.17
C GLY C 395 46.68 -17.34 2.23
N ASP C 396 47.79 -17.07 2.91
CA ASP C 396 48.26 -17.91 4.01
C ASP C 396 47.39 -17.88 5.23
N SER C 397 47.34 -19.05 5.87
CA SER C 397 46.61 -19.24 7.12
C SER C 397 45.14 -18.84 7.12
N THR C 398 44.54 -18.74 5.92
CA THR C 398 43.12 -18.41 5.80
C THR C 398 42.30 -19.70 5.89
N LEU C 399 41.07 -19.59 6.41
CA LEU C 399 40.22 -20.75 6.64
C LEU C 399 39.42 -21.26 5.45
N LEU C 400 39.56 -22.57 5.26
CA LEU C 400 38.83 -23.34 4.26
C LEU C 400 37.87 -24.26 4.97
N TYR C 401 36.66 -24.38 4.41
CA TYR C 401 35.63 -25.25 4.97
C TYR C 401 34.73 -25.84 3.90
N ASP C 402 34.70 -27.19 3.87
CA ASP C 402 33.88 -27.99 2.96
C ASP C 402 32.61 -28.48 3.64
N ASP C 403 31.49 -28.16 2.99
CA ASP C 403 30.15 -28.49 3.46
C ASP C 403 29.98 -28.12 4.94
N VAL C 404 30.24 -26.82 5.23
CA VAL C 404 30.20 -26.29 6.59
C VAL C 404 28.80 -26.45 7.21
N THR C 405 28.81 -26.85 8.48
CA THR C 405 27.57 -27.00 9.22
C THR C 405 27.12 -25.62 9.73
N GLY C 406 25.83 -25.48 10.08
CA GLY C 406 25.28 -24.22 10.57
C GLY C 406 26.01 -23.71 11.80
N TYR C 407 26.32 -24.68 12.67
CA TYR C 407 27.04 -24.46 13.91
C TYR C 407 28.43 -23.93 13.66
N GLU C 408 29.14 -24.61 12.76
CA GLU C 408 30.50 -24.27 12.38
C GLU C 408 30.63 -22.86 11.80
N PHE C 409 29.79 -22.51 10.82
CA PHE C 409 29.85 -21.20 10.21
C PHE C 409 29.57 -20.08 11.22
N GLU C 410 28.63 -20.34 12.13
CA GLU C 410 28.31 -19.39 13.18
C GLU C 410 29.51 -19.22 14.12
N GLU C 411 30.18 -20.32 14.46
CA GLU C 411 31.32 -20.29 15.36
C GLU C 411 32.61 -19.71 14.80
N PHE C 412 32.79 -19.82 13.49
CA PHE C 412 33.95 -19.29 12.81
C PHE C 412 33.84 -17.78 12.72
N VAL C 413 32.66 -17.29 12.33
CA VAL C 413 32.39 -15.87 12.25
C VAL C 413 32.55 -15.17 13.59
N LYS C 414 32.06 -15.83 14.64
CA LYS C 414 32.10 -15.34 16.00
C LYS C 414 33.52 -14.95 16.41
N ARG C 415 34.45 -15.85 16.05
CA ARG C 415 35.87 -15.72 16.37
C ARG C 415 36.61 -14.81 15.40
N ILE C 416 36.59 -15.14 14.13
CA ILE C 416 37.28 -14.42 13.05
C ILE C 416 36.82 -12.97 12.96
N LYS C 417 35.63 -12.57 13.42
CA LYS C 417 34.94 -11.28 13.27
C LYS C 417 35.03 -10.50 11.95
N PRO C 418 34.56 -11.04 10.84
CA PRO C 418 34.74 -10.42 9.45
C PRO C 418 33.86 -9.17 9.35
N ASP C 419 34.27 -8.37 8.36
CA ASP C 419 33.55 -7.15 8.05
C ASP C 419 32.39 -7.38 7.08
N LEU C 420 32.43 -8.48 6.31
CA LEU C 420 31.42 -8.83 5.34
C LEU C 420 31.28 -10.34 5.30
N ILE C 421 30.06 -10.91 5.21
CA ILE C 421 29.86 -12.34 4.97
C ILE C 421 29.11 -12.43 3.64
N GLY C 422 29.58 -13.30 2.75
CA GLY C 422 28.93 -13.51 1.48
C GLY C 422 28.51 -14.95 1.32
N SER C 423 27.22 -15.27 1.52
CA SER C 423 26.75 -16.64 1.47
C SER C 423 25.35 -16.80 0.84
N GLY C 424 24.51 -17.76 1.22
CA GLY C 424 23.18 -17.86 0.65
C GLY C 424 22.08 -17.33 1.57
N ILE C 425 20.85 -17.57 1.10
CA ILE C 425 19.65 -17.11 1.78
C ILE C 425 19.40 -17.77 3.13
N LYS C 426 19.81 -19.03 3.32
CA LYS C 426 19.65 -19.70 4.60
C LYS C 426 20.64 -19.24 5.68
N GLU C 427 21.55 -18.34 5.29
CA GLU C 427 22.61 -17.79 6.13
C GLU C 427 22.41 -16.31 6.36
N LYS C 428 21.81 -15.61 5.39
CA LYS C 428 21.65 -14.15 5.44
C LYS C 428 21.18 -13.48 6.72
N PHE C 429 20.02 -13.92 7.23
CA PHE C 429 19.43 -13.29 8.39
C PHE C 429 20.07 -13.67 9.72
N ILE C 430 20.87 -14.74 9.73
CA ILE C 430 21.62 -15.16 10.91
C ILE C 430 22.67 -14.10 11.23
N PHE C 431 23.53 -13.82 10.22
CA PHE C 431 24.63 -12.88 10.38
C PHE C 431 24.24 -11.42 10.50
N GLN C 432 23.12 -11.03 9.89
CA GLN C 432 22.61 -9.67 10.05
C GLN C 432 22.17 -9.41 11.48
N LYS C 433 21.66 -10.45 12.17
CA LYS C 433 21.29 -10.37 13.57
C LYS C 433 22.51 -10.28 14.48
N MET C 434 23.66 -10.82 14.02
CA MET C 434 24.94 -10.73 14.72
C MET C 434 25.68 -9.42 14.47
N GLY C 435 25.17 -8.55 13.59
CA GLY C 435 25.81 -7.28 13.31
C GLY C 435 26.83 -7.36 12.19
N ILE C 436 26.99 -8.54 11.57
CA ILE C 436 27.92 -8.68 10.45
C ILE C 436 27.18 -8.29 9.16
N PRO C 437 27.64 -7.32 8.33
CA PRO C 437 27.10 -7.05 7.01
C PRO C 437 27.04 -8.29 6.12
N PHE C 438 25.95 -8.45 5.36
CA PHE C 438 25.75 -9.61 4.50
C PHE C 438 25.25 -9.28 3.10
N ARG C 439 25.94 -9.98 2.18
CA ARG C 439 25.61 -10.00 0.76
C ARG C 439 25.47 -11.43 0.30
N GLU C 440 24.33 -11.69 -0.35
CA GLU C 440 24.08 -12.99 -0.92
C GLU C 440 24.97 -13.09 -2.14
N MET C 441 25.70 -14.20 -2.20
CA MET C 441 26.57 -14.45 -3.33
C MET C 441 26.02 -15.52 -4.27
N HIS C 442 24.72 -15.78 -4.15
CA HIS C 442 24.02 -16.69 -5.04
C HIS C 442 23.10 -15.85 -5.95
N SER C 443 22.09 -15.25 -5.33
CA SER C 443 21.09 -14.42 -6.00
C SER C 443 21.57 -13.00 -6.16
N TRP C 444 22.76 -12.68 -5.63
CA TRP C 444 23.33 -11.34 -5.68
C TRP C 444 22.48 -10.34 -4.93
N ASP C 445 21.60 -10.87 -4.05
CA ASP C 445 20.67 -10.06 -3.30
C ASP C 445 19.81 -9.18 -4.19
N TYR C 446 19.29 -9.83 -5.24
CA TYR C 446 18.36 -9.26 -6.22
C TYR C 446 18.89 -8.07 -7.04
N SER C 447 20.23 -8.03 -7.03
CA SER C 447 21.00 -7.05 -7.78
C SER C 447 21.73 -7.70 -8.94
N GLY C 448 23.02 -7.48 -9.19
CA GLY C 448 23.65 -8.04 -10.39
C GLY C 448 23.31 -7.28 -11.66
N PRO C 449 23.95 -7.48 -12.82
CA PRO C 449 25.04 -8.44 -13.03
C PRO C 449 26.31 -8.14 -12.28
N TYR C 450 27.03 -9.20 -11.92
CA TYR C 450 28.35 -9.06 -11.31
C TYR C 450 29.47 -9.44 -12.26
N HIS C 451 29.14 -9.95 -13.46
CA HIS C 451 30.15 -10.32 -14.44
C HIS C 451 30.53 -9.16 -15.38
N GLY C 452 31.77 -9.24 -15.88
CA GLY C 452 32.35 -8.24 -16.76
C GLY C 452 32.78 -6.96 -16.05
N PHE C 453 32.97 -5.93 -16.87
CA PHE C 453 33.35 -4.61 -16.39
C PHE C 453 32.20 -3.84 -15.78
N ASP C 454 31.05 -3.73 -16.47
CA ASP C 454 30.00 -2.98 -15.85
C ASP C 454 29.07 -3.77 -14.93
N GLY C 455 29.45 -5.02 -14.63
CA GLY C 455 28.89 -5.77 -13.53
C GLY C 455 29.83 -5.53 -12.33
N PHE C 456 31.09 -5.10 -12.55
CA PHE C 456 32.02 -4.81 -11.45
C PHE C 456 31.56 -3.55 -10.74
N ALA C 457 31.00 -2.61 -11.51
CA ALA C 457 30.45 -1.39 -10.97
C ALA C 457 29.34 -1.69 -9.98
N ILE C 458 28.42 -2.58 -10.39
CA ILE C 458 27.29 -3.01 -9.56
C ILE C 458 27.75 -3.79 -8.32
N PHE C 459 28.72 -4.68 -8.51
CA PHE C 459 29.31 -5.44 -7.43
C PHE C 459 29.86 -4.52 -6.36
N ALA C 460 30.64 -3.53 -6.81
CA ALA C 460 31.38 -2.66 -5.91
C ALA C 460 30.48 -1.75 -5.11
N ARG C 461 29.42 -1.23 -5.72
CA ARG C 461 28.53 -0.38 -4.96
C ARG C 461 27.68 -1.18 -4.01
N ASP C 462 27.41 -2.46 -4.35
CA ASP C 462 26.64 -3.31 -3.49
C ASP C 462 27.40 -3.72 -2.25
N MET C 463 28.70 -4.05 -2.35
CA MET C 463 29.49 -4.37 -1.17
C MET C 463 29.60 -3.15 -0.29
N ASP C 464 29.74 -1.96 -0.90
CA ASP C 464 29.84 -0.72 -0.16
C ASP C 464 28.53 -0.37 0.56
N MET C 465 27.39 -0.47 -0.15
CA MET C 465 26.14 -0.06 0.46
C MET C 465 25.80 -0.89 1.69
N THR C 466 26.15 -2.18 1.63
CA THR C 466 25.87 -3.04 2.75
C THR C 466 26.93 -2.92 3.83
N LEU C 467 28.23 -2.94 3.51
CA LEU C 467 29.29 -2.86 4.52
C LEU C 467 29.29 -1.52 5.28
N ASN C 468 29.18 -0.38 4.58
CA ASN C 468 29.16 0.92 5.23
C ASN C 468 27.77 1.53 5.45
N ASN C 469 26.76 0.65 5.59
CA ASN C 469 25.39 1.06 5.82
C ASN C 469 25.18 1.58 7.24
N PRO C 470 24.40 2.66 7.41
CA PRO C 470 24.05 3.23 8.70
C PRO C 470 23.47 2.26 9.73
N CYS C 471 22.74 1.22 9.31
CA CYS C 471 22.09 0.35 10.26
C CYS C 471 23.05 -0.41 11.14
N TRP C 472 24.26 -0.69 10.64
CA TRP C 472 25.19 -1.50 11.42
C TRP C 472 25.69 -0.88 12.71
N LYS C 473 25.73 0.45 12.76
CA LYS C 473 26.20 1.16 13.95
C LYS C 473 25.12 1.21 15.04
N LYS C 474 23.91 0.84 14.62
CA LYS C 474 22.74 0.87 15.46
C LYS C 474 22.24 -0.43 16.11
N LEU C 475 23.04 -1.47 16.35
CA LEU C 475 22.45 -2.71 16.84
C LEU C 475 22.30 -2.85 18.34
N GLN C 476 23.00 -1.99 19.07
CA GLN C 476 22.89 -1.99 20.50
C GLN C 476 22.18 -0.73 20.99
N ALA C 477 21.18 -0.96 21.86
CA ALA C 477 20.41 0.10 22.49
C ALA C 477 21.31 1.00 23.32
N PRO C 478 21.27 2.33 23.24
CA PRO C 478 22.13 3.20 24.06
C PRO C 478 22.12 3.02 25.59
N TRP C 479 21.10 2.36 26.14
CA TRP C 479 21.00 2.06 27.55
C TRP C 479 21.55 0.67 27.93
N GLU C 480 22.05 -0.09 26.95
CA GLU C 480 22.68 -1.39 27.17
C GLU C 480 24.19 -1.28 27.36
N ALA C 481 24.79 -0.17 26.92
CA ALA C 481 26.24 0.08 26.97
C ALA C 481 26.92 0.13 28.33
N SER D 2 28.55 -0.33 -21.17
CA SER D 2 28.96 0.83 -20.41
C SER D 2 28.17 1.15 -19.15
N GLN D 3 28.83 2.01 -18.39
CA GLN D 3 28.41 2.37 -17.06
C GLN D 3 28.87 3.79 -16.66
N GLN D 4 27.97 4.63 -16.12
CA GLN D 4 28.36 5.94 -15.59
C GLN D 4 28.50 5.70 -14.08
N VAL D 5 29.66 5.95 -13.47
CA VAL D 5 29.89 5.62 -12.08
C VAL D 5 29.04 6.37 -11.02
N ASP D 6 28.44 7.53 -11.37
CA ASP D 6 27.60 8.26 -10.41
C ASP D 6 26.15 7.82 -10.44
N LYS D 7 25.78 7.14 -11.53
CA LYS D 7 24.42 6.68 -11.74
C LYS D 7 24.54 5.24 -12.24
N ILE D 8 24.90 4.30 -11.34
CA ILE D 8 25.07 2.89 -11.72
C ILE D 8 23.74 2.19 -11.93
N LYS D 9 23.65 1.47 -13.04
CA LYS D 9 22.46 0.75 -13.45
C LYS D 9 22.52 -0.74 -13.13
N ALA D 10 21.55 -1.27 -12.36
CA ALA D 10 21.44 -2.72 -12.13
C ALA D 10 20.78 -3.37 -13.35
N SER D 11 20.50 -4.70 -13.40
CA SER D 11 19.96 -5.40 -14.58
C SER D 11 18.87 -4.62 -15.31
N TYR D 12 17.93 -4.11 -14.52
CA TYR D 12 16.98 -3.13 -15.03
C TYR D 12 17.54 -1.83 -14.46
N PRO D 13 17.82 -0.76 -15.22
CA PRO D 13 17.57 -0.65 -16.64
C PRO D 13 18.78 -0.87 -17.56
N LEU D 14 19.85 -1.51 -17.09
CA LEU D 14 21.06 -1.66 -17.88
C LEU D 14 20.90 -2.35 -19.23
N PHE D 15 20.07 -3.40 -19.31
CA PHE D 15 19.91 -4.15 -20.55
C PHE D 15 18.94 -3.55 -21.56
N LEU D 16 18.50 -2.35 -21.19
CA LEU D 16 17.70 -1.53 -22.05
C LEU D 16 18.63 -0.59 -22.81
N ASP D 17 19.93 -0.48 -22.50
CA ASP D 17 20.86 0.33 -23.29
C ASP D 17 21.04 -0.27 -24.68
N GLN D 18 21.17 0.61 -25.68
CA GLN D 18 21.21 0.21 -27.09
C GLN D 18 22.19 -0.90 -27.47
N ASP D 19 23.44 -0.86 -27.00
CA ASP D 19 24.40 -1.92 -27.30
C ASP D 19 23.99 -3.26 -26.73
N TYR D 20 23.22 -3.28 -25.64
CA TYR D 20 22.67 -4.51 -25.09
C TYR D 20 21.46 -4.97 -25.86
N LYS D 21 20.61 -4.01 -26.23
CA LYS D 21 19.38 -4.31 -26.93
C LYS D 21 19.70 -4.91 -28.31
N ASP D 22 20.73 -4.38 -29.00
CA ASP D 22 21.15 -4.92 -30.30
C ASP D 22 21.82 -6.27 -30.17
N MET D 23 22.60 -6.46 -29.09
CA MET D 23 23.28 -7.71 -28.79
C MET D 23 22.34 -8.91 -28.59
N LEU D 24 21.22 -8.64 -27.88
CA LEU D 24 20.19 -9.64 -27.62
C LEU D 24 19.37 -9.93 -28.86
N ALA D 25 19.22 -8.90 -29.71
CA ALA D 25 18.54 -9.05 -30.98
C ALA D 25 19.40 -9.94 -31.87
N LYS D 26 20.72 -9.82 -31.78
CA LYS D 26 21.61 -10.64 -32.59
C LYS D 26 21.65 -12.08 -32.14
N LYS D 27 21.49 -12.29 -30.83
CA LYS D 27 21.46 -13.62 -30.24
C LYS D 27 20.24 -14.38 -30.69
N ARG D 28 19.07 -13.75 -30.55
CA ARG D 28 17.79 -14.30 -30.96
C ARG D 28 17.78 -14.72 -32.43
N ASP D 29 18.21 -13.78 -33.26
CA ASP D 29 18.23 -13.99 -34.70
C ASP D 29 19.26 -14.96 -35.22
N GLY D 30 20.41 -15.00 -34.58
CA GLY D 30 21.45 -15.87 -35.07
C GLY D 30 21.27 -17.30 -34.60
N PHE D 31 20.80 -17.52 -33.37
CA PHE D 31 20.93 -18.84 -32.76
C PHE D 31 19.72 -19.43 -32.05
N GLU D 32 18.75 -18.61 -31.65
CA GLU D 32 17.59 -19.12 -30.93
C GLU D 32 16.50 -19.85 -31.72
N GLU D 33 16.42 -19.59 -33.03
CA GLU D 33 15.39 -20.10 -33.93
C GLU D 33 14.03 -19.87 -33.28
N LYS D 34 13.86 -18.62 -32.86
CA LYS D 34 12.67 -18.17 -32.18
C LYS D 34 11.47 -18.18 -33.09
N TYR D 35 10.30 -18.44 -32.52
CA TYR D 35 9.06 -18.34 -33.27
C TYR D 35 8.85 -16.90 -33.72
N PRO D 36 8.26 -16.64 -34.90
CA PRO D 36 7.89 -15.30 -35.35
C PRO D 36 7.01 -14.61 -34.30
N GLN D 37 7.32 -13.33 -34.00
CA GLN D 37 6.60 -12.54 -33.01
C GLN D 37 5.11 -12.51 -33.25
N ASP D 38 4.73 -12.42 -34.53
CA ASP D 38 3.33 -12.44 -34.93
C ASP D 38 2.67 -13.75 -34.51
N LYS D 39 3.40 -14.87 -34.53
CA LYS D 39 2.90 -16.17 -34.09
C LYS D 39 2.80 -16.23 -32.56
N ILE D 40 3.78 -15.68 -31.83
CA ILE D 40 3.75 -15.62 -30.37
C ILE D 40 2.54 -14.83 -29.90
N ASP D 41 2.21 -13.75 -30.61
CA ASP D 41 1.05 -12.94 -30.29
C ASP D 41 -0.21 -13.73 -30.50
N GLU D 42 -0.26 -14.45 -31.61
CA GLU D 42 -1.42 -15.26 -31.99
C GLU D 42 -1.71 -16.29 -30.93
N VAL D 43 -0.65 -16.97 -30.46
CA VAL D 43 -0.78 -18.02 -29.46
C VAL D 43 -1.13 -17.41 -28.11
N PHE D 44 -0.60 -16.20 -27.81
CA PHE D 44 -0.92 -15.51 -26.57
C PHE D 44 -2.41 -15.17 -26.52
N GLN D 45 -2.95 -14.69 -27.63
CA GLN D 45 -4.35 -14.32 -27.70
C GLN D 45 -5.20 -15.56 -27.62
N TRP D 46 -4.69 -16.71 -28.10
CA TRP D 46 -5.44 -17.94 -27.95
C TRP D 46 -5.46 -18.39 -26.48
N THR D 47 -4.37 -18.22 -25.71
CA THR D 47 -4.31 -18.53 -24.28
C THR D 47 -5.29 -17.74 -23.42
N THR D 48 -5.82 -16.63 -23.97
CA THR D 48 -6.77 -15.79 -23.25
C THR D 48 -8.23 -16.16 -23.50
N THR D 49 -8.48 -16.98 -24.55
CA THR D 49 -9.85 -17.32 -24.93
C THR D 49 -10.59 -18.34 -24.09
N LYS D 50 -11.89 -18.31 -24.36
CA LYS D 50 -12.83 -19.22 -23.77
C LYS D 50 -12.61 -20.65 -24.27
N GLU D 51 -12.09 -20.79 -25.49
CA GLU D 51 -11.79 -22.08 -26.11
C GLU D 51 -10.58 -22.71 -25.42
N TYR D 52 -9.58 -21.90 -25.12
CA TYR D 52 -8.39 -22.34 -24.42
C TYR D 52 -8.75 -22.76 -23.01
N GLN D 53 -9.60 -21.95 -22.35
CA GLN D 53 -10.04 -22.22 -20.99
C GLN D 53 -10.72 -23.59 -20.87
N GLU D 54 -11.55 -23.95 -21.87
CA GLU D 54 -12.18 -25.26 -21.91
C GLU D 54 -11.11 -26.35 -21.95
N LEU D 55 -10.10 -26.26 -22.82
CA LEU D 55 -9.01 -27.23 -22.90
C LEU D 55 -8.12 -27.26 -21.67
N ASN D 56 -8.05 -26.13 -20.97
CA ASN D 56 -7.27 -25.97 -19.76
C ASN D 56 -7.95 -26.73 -18.61
N PHE D 57 -9.28 -26.73 -18.51
CA PHE D 57 -9.96 -27.46 -17.45
C PHE D 57 -10.19 -28.93 -17.77
N GLN D 58 -9.72 -29.41 -18.94
CA GLN D 58 -9.77 -30.84 -19.25
C GLN D 58 -8.51 -31.56 -18.77
N ARG D 59 -7.54 -30.80 -18.21
CA ARG D 59 -6.30 -31.37 -17.67
C ARG D 59 -6.59 -32.35 -16.54
N GLU D 60 -5.94 -33.50 -16.68
CA GLU D 60 -6.06 -34.60 -15.73
C GLU D 60 -4.70 -34.96 -15.14
N ALA D 61 -3.63 -34.75 -15.91
CA ALA D 61 -2.31 -35.15 -15.50
C ALA D 61 -1.33 -34.02 -15.20
N LEU D 62 -1.54 -32.88 -15.87
CA LEU D 62 -0.66 -31.74 -15.76
C LEU D 62 -1.23 -30.64 -14.85
N THR D 63 -0.43 -30.37 -13.82
CA THR D 63 -0.67 -29.27 -12.90
C THR D 63 0.32 -28.18 -13.29
N VAL D 64 -0.14 -26.94 -13.47
CA VAL D 64 0.71 -25.82 -13.86
C VAL D 64 0.51 -24.72 -12.85
N ASN D 65 1.61 -24.29 -12.23
CA ASN D 65 1.59 -23.22 -11.24
C ASN D 65 0.69 -23.52 -10.05
N PRO D 66 1.05 -24.54 -9.24
CA PRO D 66 0.24 -24.96 -8.10
C PRO D 66 0.15 -23.88 -7.03
N ALA D 67 -0.98 -23.93 -6.29
CA ALA D 67 -1.20 -23.03 -5.18
C ALA D 67 -1.28 -23.87 -3.90
N LYS D 68 -0.24 -24.68 -3.71
CA LYS D 68 -0.08 -25.48 -2.51
C LYS D 68 1.35 -25.97 -2.41
N ALA D 69 1.76 -26.44 -1.23
CA ALA D 69 3.09 -27.01 -1.07
C ALA D 69 2.96 -28.41 -0.48
N CYS D 70 4.04 -29.05 -0.04
CA CYS D 70 3.95 -30.44 0.41
C CYS D 70 3.97 -30.52 1.91
N GLN D 71 3.40 -31.65 2.38
CA GLN D 71 3.20 -31.92 3.80
C GLN D 71 4.32 -31.55 4.77
N PRO D 72 5.59 -31.94 4.62
CA PRO D 72 6.65 -31.59 5.56
C PRO D 72 6.93 -30.11 5.75
N LEU D 73 6.59 -29.24 4.78
CA LEU D 73 6.73 -27.80 4.99
C LEU D 73 5.93 -27.40 6.23
N GLY D 74 4.68 -27.90 6.28
CA GLY D 74 3.75 -27.62 7.35
C GLY D 74 4.25 -28.11 8.70
N ALA D 75 4.74 -29.34 8.70
CA ALA D 75 5.31 -29.95 9.87
C ALA D 75 6.46 -29.18 10.49
N VAL D 76 7.22 -28.46 9.66
CA VAL D 76 8.32 -27.65 10.16
C VAL D 76 7.75 -26.41 10.85
N LEU D 77 6.79 -25.73 10.24
CA LEU D 77 6.21 -24.55 10.86
C LEU D 77 5.47 -24.88 12.17
N CYS D 78 4.89 -26.09 12.23
CA CYS D 78 4.19 -26.54 13.42
C CYS D 78 5.25 -26.65 14.50
N ALA D 79 6.32 -27.39 14.19
CA ALA D 79 7.43 -27.66 15.09
C ALA D 79 8.17 -26.44 15.64
N LEU D 80 8.43 -25.42 14.80
CA LEU D 80 9.05 -24.16 15.21
C LEU D 80 8.29 -23.42 16.31
N GLY D 81 7.00 -23.74 16.44
CA GLY D 81 6.12 -23.15 17.41
C GLY D 81 6.29 -23.68 18.81
N PHE D 82 7.14 -24.69 18.98
CA PHE D 82 7.37 -25.26 20.30
C PHE D 82 8.71 -24.86 20.88
N GLU D 83 8.74 -24.75 22.22
CA GLU D 83 9.94 -24.30 22.94
C GLU D 83 11.16 -25.19 22.78
N LYS D 84 12.21 -24.50 22.29
CA LYS D 84 13.53 -25.05 22.04
C LYS D 84 13.46 -26.37 21.32
N THR D 85 12.69 -26.35 20.23
CA THR D 85 12.43 -27.54 19.43
C THR D 85 13.13 -27.43 18.09
N MET D 86 13.81 -28.50 17.69
CA MET D 86 14.44 -28.61 16.37
C MET D 86 13.40 -29.33 15.54
N PRO D 87 12.84 -28.75 14.49
CA PRO D 87 12.22 -29.52 13.42
C PRO D 87 13.28 -30.37 12.73
N TYR D 88 12.92 -31.61 12.47
CA TYR D 88 13.84 -32.58 11.92
C TYR D 88 13.03 -33.37 10.93
N VAL D 89 13.50 -33.48 9.69
CA VAL D 89 12.74 -34.19 8.68
C VAL D 89 13.59 -35.34 8.20
N HIS D 90 13.16 -36.54 8.67
CA HIS D 90 13.77 -37.81 8.29
C HIS D 90 13.57 -38.05 6.79
N GLY D 91 14.70 -38.17 6.09
CA GLY D 91 14.72 -38.41 4.68
C GLY D 91 15.87 -37.64 4.05
N SER D 92 15.56 -37.17 2.83
CA SER D 92 16.44 -36.35 2.00
C SER D 92 16.74 -34.95 2.50
N GLN D 93 18.01 -34.54 2.32
CA GLN D 93 18.45 -33.21 2.74
C GLN D 93 18.07 -32.04 1.85
N GLY D 94 17.85 -32.31 0.55
CA GLY D 94 17.46 -31.30 -0.41
C GLY D 94 16.16 -30.65 0.02
N CYS D 95 15.25 -31.47 0.54
CA CYS D 95 13.98 -30.99 1.07
C CYS D 95 14.12 -29.92 2.10
N VAL D 96 14.93 -30.22 3.12
CA VAL D 96 15.15 -29.29 4.21
C VAL D 96 15.79 -28.00 3.73
N ALA D 97 16.65 -28.02 2.70
CA ALA D 97 17.21 -26.79 2.16
C ALA D 97 16.14 -25.90 1.51
N TYR D 98 15.13 -26.56 0.94
CA TYR D 98 13.99 -25.93 0.30
C TYR D 98 12.93 -25.36 1.22
N PHE D 99 12.65 -26.08 2.32
CA PHE D 99 11.67 -25.63 3.30
C PHE D 99 12.22 -24.47 4.09
N ARG D 100 13.54 -24.47 4.32
CA ARG D 100 14.19 -23.42 5.05
C ARG D 100 14.19 -22.17 4.19
N SER D 101 14.63 -22.26 2.93
CA SER D 101 14.63 -21.16 1.98
C SER D 101 13.27 -20.56 1.75
N TYR D 102 12.25 -21.42 1.61
CA TYR D 102 10.91 -20.99 1.32
C TYR D 102 10.39 -20.09 2.43
N PHE D 103 10.61 -20.52 3.68
CA PHE D 103 10.19 -19.73 4.81
C PHE D 103 11.09 -18.54 5.09
N ASN D 104 12.40 -18.66 4.78
CA ASN D 104 13.37 -17.58 4.97
C ASN D 104 12.92 -16.40 4.14
N ARG D 105 12.57 -16.61 2.88
CA ARG D 105 12.16 -15.54 1.99
C ARG D 105 10.82 -14.90 2.38
N HIS D 106 9.86 -15.66 2.95
CA HIS D 106 8.59 -15.10 3.40
C HIS D 106 8.70 -14.24 4.67
N PHE D 107 9.38 -14.76 5.71
CA PHE D 107 9.54 -14.09 6.98
C PHE D 107 10.73 -13.15 7.09
N ARG D 108 11.65 -13.29 6.12
CA ARG D 108 12.96 -12.65 6.10
C ARG D 108 13.61 -12.90 7.45
N GLU D 109 13.72 -14.15 7.91
CA GLU D 109 14.26 -14.49 9.22
C GLU D 109 15.02 -15.80 9.11
N PRO D 110 15.86 -16.21 10.06
CA PRO D 110 16.44 -17.55 10.13
C PRO D 110 15.35 -18.58 10.36
N VAL D 111 15.41 -19.70 9.63
CA VAL D 111 14.47 -20.80 9.84
C VAL D 111 15.37 -21.98 10.12
N SER D 112 15.39 -22.47 11.36
CA SER D 112 16.25 -23.58 11.74
C SER D 112 15.48 -24.89 11.63
N CYS D 113 16.08 -25.89 10.98
CA CYS D 113 15.49 -27.20 10.70
C CYS D 113 16.58 -28.13 10.16
N VAL D 114 16.59 -29.42 10.58
CA VAL D 114 17.63 -30.35 10.10
C VAL D 114 17.06 -31.53 9.33
N SER D 115 18.00 -32.19 8.66
CA SER D 115 17.74 -33.42 7.94
C SER D 115 18.72 -34.49 8.44
N ASP D 116 18.38 -35.77 8.26
CA ASP D 116 19.36 -36.80 8.59
C ASP D 116 20.01 -37.40 7.35
N SER D 117 19.92 -36.64 6.24
CA SER D 117 20.67 -36.88 5.03
C SER D 117 20.74 -38.29 4.47
N MET D 118 19.54 -38.82 4.19
CA MET D 118 19.40 -40.12 3.60
C MET D 118 19.76 -40.05 2.12
N THR D 119 20.76 -40.89 1.81
CA THR D 119 21.28 -41.07 0.45
C THR D 119 20.65 -42.29 -0.24
N GLU D 120 21.30 -42.81 -1.29
CA GLU D 120 20.87 -44.02 -1.98
C GLU D 120 21.01 -45.29 -1.19
N ASP D 121 22.03 -45.34 -0.31
CA ASP D 121 22.29 -46.50 0.52
C ASP D 121 21.10 -46.80 1.41
N ALA D 122 20.50 -45.74 1.97
CA ALA D 122 19.33 -45.85 2.82
C ALA D 122 18.11 -46.40 2.07
N ALA D 123 18.00 -46.13 0.77
CA ALA D 123 16.90 -46.63 -0.05
C ALA D 123 16.79 -48.14 -0.10
N VAL D 124 17.95 -48.80 -0.13
CA VAL D 124 17.96 -50.25 -0.16
C VAL D 124 18.09 -50.86 1.22
N PHE D 125 18.58 -50.14 2.24
CA PHE D 125 18.75 -50.71 3.57
C PHE D 125 18.08 -49.96 4.70
N GLY D 126 17.14 -49.05 4.40
CA GLY D 126 16.44 -48.25 5.41
C GLY D 126 17.28 -47.09 5.95
N GLY D 127 16.61 -46.08 6.48
CA GLY D 127 17.30 -44.93 7.05
C GLY D 127 17.53 -45.01 8.56
N GLN D 128 17.45 -46.22 9.14
CA GLN D 128 17.60 -46.47 10.56
C GLN D 128 18.84 -45.88 11.23
N GLN D 129 20.01 -45.99 10.57
CA GLN D 129 21.23 -45.44 11.14
C GLN D 129 21.25 -43.92 11.04
N ASN D 130 20.54 -43.37 10.05
CA ASN D 130 20.43 -41.93 9.89
C ASN D 130 19.59 -41.35 11.04
N MET D 131 18.56 -42.09 11.50
CA MET D 131 17.75 -41.64 12.63
C MET D 131 18.62 -41.69 13.87
N LYS D 132 19.35 -42.78 14.10
CA LYS D 132 20.23 -42.92 15.25
C LYS D 132 21.31 -41.83 15.33
N ASP D 133 22.09 -41.65 14.28
CA ASP D 133 23.14 -40.65 14.25
C ASP D 133 22.55 -39.24 14.23
N GLY D 134 21.57 -39.07 13.35
CA GLY D 134 20.86 -37.82 13.14
C GLY D 134 20.37 -37.17 14.42
N LEU D 135 19.58 -37.88 15.23
CA LEU D 135 19.09 -37.36 16.50
C LEU D 135 20.22 -37.09 17.51
N GLN D 136 21.29 -37.91 17.53
CA GLN D 136 22.38 -37.75 18.47
C GLN D 136 23.21 -36.49 18.21
N ASN D 137 23.53 -36.29 16.93
CA ASN D 137 24.29 -35.14 16.47
C ASN D 137 23.52 -33.86 16.66
N CYS D 138 22.24 -33.91 16.29
CA CYS D 138 21.35 -32.78 16.42
C CYS D 138 21.22 -32.33 17.88
N LYS D 139 20.96 -33.28 18.79
CA LYS D 139 20.82 -33.03 20.22
C LYS D 139 22.04 -32.31 20.80
N ALA D 140 23.22 -32.79 20.40
CA ALA D 140 24.49 -32.26 20.89
C ALA D 140 24.97 -30.98 20.22
N THR D 141 24.69 -30.78 18.92
CA THR D 141 25.23 -29.62 18.21
C THR D 141 24.40 -28.36 18.38
N TYR D 142 23.09 -28.55 18.45
CA TYR D 142 22.16 -27.44 18.52
C TYR D 142 21.40 -27.30 19.83
N LYS D 143 21.71 -28.17 20.79
CA LYS D 143 21.10 -28.24 22.11
C LYS D 143 19.59 -28.02 22.21
N PRO D 144 18.69 -28.76 21.52
CA PRO D 144 17.26 -28.62 21.69
C PRO D 144 16.62 -29.39 22.84
N ASP D 145 15.62 -28.82 23.51
CA ASP D 145 14.87 -29.55 24.53
C ASP D 145 13.92 -30.57 23.90
N MET D 146 13.64 -30.44 22.59
CA MET D 146 12.75 -31.34 21.87
C MET D 146 13.20 -31.47 20.43
N ILE D 147 12.92 -32.59 19.76
CA ILE D 147 13.16 -32.73 18.33
C ILE D 147 11.87 -33.30 17.76
N ALA D 148 11.26 -32.61 16.79
CA ALA D 148 10.03 -33.10 16.18
C ALA D 148 10.31 -33.57 14.76
N VAL D 149 10.20 -34.91 14.61
CA VAL D 149 10.51 -35.62 13.36
C VAL D 149 9.31 -35.81 12.45
N SER D 150 9.52 -35.47 11.18
CA SER D 150 8.56 -35.70 10.12
C SER D 150 9.33 -36.40 9.00
N THR D 151 8.74 -36.60 7.82
CA THR D 151 9.38 -37.32 6.72
C THR D 151 9.23 -36.68 5.36
N THR D 152 10.17 -37.04 4.49
CA THR D 152 10.16 -36.61 3.09
C THR D 152 9.67 -37.82 2.31
N CYS D 153 9.30 -37.67 1.02
CA CYS D 153 8.82 -38.79 0.19
C CYS D 153 9.73 -40.00 0.15
N MET D 154 11.05 -39.79 0.05
CA MET D 154 12.00 -40.90 0.01
C MET D 154 11.76 -41.89 1.14
N ALA D 155 11.71 -41.37 2.38
CA ALA D 155 11.47 -42.16 3.58
C ALA D 155 10.09 -42.79 3.66
N GLU D 156 9.09 -42.18 3.01
CA GLU D 156 7.74 -42.70 2.97
C GLU D 156 7.57 -43.81 1.98
N VAL D 157 8.09 -43.66 0.76
CA VAL D 157 8.01 -44.67 -0.28
C VAL D 157 8.74 -45.94 0.16
N ILE D 158 9.90 -45.86 0.82
CA ILE D 158 10.55 -47.08 1.29
C ILE D 158 10.12 -47.54 2.68
N GLY D 159 9.09 -46.90 3.24
CA GLY D 159 8.39 -47.34 4.45
C GLY D 159 9.19 -47.51 5.73
N ASP D 160 9.96 -46.49 6.06
CA ASP D 160 10.71 -46.49 7.30
C ASP D 160 9.75 -46.30 8.44
N ASP D 161 9.83 -47.23 9.41
CA ASP D 161 8.99 -47.07 10.55
C ASP D 161 9.69 -46.07 11.46
N LEU D 162 9.10 -44.86 11.50
CA LEU D 162 9.62 -43.79 12.36
C LEU D 162 9.63 -44.20 13.81
N ASN D 163 8.50 -44.79 14.27
CA ASN D 163 8.36 -45.22 15.65
C ASN D 163 9.45 -46.18 16.08
N ALA D 164 9.69 -47.23 15.29
CA ALA D 164 10.72 -48.20 15.62
C ALA D 164 12.07 -47.53 15.61
N PHE D 165 12.40 -46.79 14.55
CA PHE D 165 13.68 -46.11 14.42
C PHE D 165 14.08 -45.19 15.57
N ILE D 166 13.09 -44.46 16.12
CA ILE D 166 13.25 -43.60 17.30
C ILE D 166 13.41 -44.44 18.56
N ASN D 167 12.64 -45.52 18.74
CA ASN D 167 12.76 -46.36 19.92
C ASN D 167 14.10 -47.09 19.97
N ASN D 168 14.64 -47.53 18.81
CA ASN D 168 15.95 -48.18 18.73
C ASN D 168 17.11 -47.22 18.95
N SER D 169 16.93 -45.91 18.70
CA SER D 169 18.01 -44.97 18.93
C SER D 169 18.07 -44.55 20.39
N LYS D 170 16.94 -44.69 21.11
CA LYS D 170 16.88 -44.47 22.54
C LYS D 170 17.51 -45.64 23.27
N LYS D 171 17.18 -46.85 22.79
CA LYS D 171 17.70 -48.10 23.36
C LYS D 171 19.21 -48.23 23.23
N GLU D 172 19.72 -47.98 22.02
CA GLU D 172 21.15 -48.01 21.78
C GLU D 172 21.91 -46.84 22.38
N GLY D 173 21.22 -45.87 23.01
CA GLY D 173 21.88 -44.82 23.77
C GLY D 173 22.35 -43.61 22.97
N PHE D 174 21.87 -43.46 21.73
CA PHE D 174 22.18 -42.29 20.89
C PHE D 174 21.53 -41.01 21.42
N ILE D 175 20.32 -41.13 21.98
CA ILE D 175 19.67 -40.02 22.67
C ILE D 175 19.09 -40.57 23.98
N PRO D 176 18.96 -39.74 25.03
CA PRO D 176 18.37 -40.12 26.32
C PRO D 176 16.97 -40.68 26.17
N ASP D 177 16.67 -41.66 27.03
CA ASP D 177 15.44 -42.39 26.92
C ASP D 177 14.16 -41.58 27.03
N GLU D 178 14.21 -40.39 27.65
CA GLU D 178 13.02 -39.56 27.69
C GLU D 178 13.27 -38.13 27.22
N PHE D 179 14.16 -38.11 26.23
CA PHE D 179 14.40 -36.92 25.45
C PHE D 179 13.23 -36.90 24.46
N PRO D 180 12.49 -35.80 24.32
CA PRO D 180 11.26 -35.73 23.53
C PRO D 180 11.45 -35.79 22.03
N VAL D 181 10.98 -36.90 21.44
CA VAL D 181 11.04 -37.04 20.00
C VAL D 181 9.67 -37.48 19.49
N PRO D 182 8.69 -36.55 19.40
CA PRO D 182 7.43 -36.75 18.67
C PRO D 182 7.69 -36.84 17.18
N PHE D 183 6.82 -37.64 16.55
CA PHE D 183 6.95 -37.88 15.14
C PHE D 183 5.60 -37.89 14.45
N ALA D 184 5.71 -37.80 13.14
CA ALA D 184 4.57 -37.81 12.25
C ALA D 184 5.05 -38.28 10.88
N HIS D 185 4.31 -39.20 10.24
CA HIS D 185 4.63 -39.57 8.88
C HIS D 185 3.92 -38.52 8.02
N THR D 186 4.72 -37.72 7.32
CA THR D 186 4.19 -36.67 6.49
C THR D 186 4.54 -36.88 5.01
N PRO D 187 3.80 -37.72 4.27
CA PRO D 187 4.00 -37.98 2.84
C PRO D 187 3.54 -36.85 1.93
N SER D 188 4.53 -36.36 1.18
CA SER D 188 4.39 -35.24 0.25
C SER D 188 3.27 -35.47 -0.79
N PHE D 189 2.96 -36.74 -1.07
CA PHE D 189 1.95 -37.15 -2.06
C PHE D 189 0.51 -37.35 -1.59
N VAL D 190 0.32 -37.16 -0.28
CA VAL D 190 -1.00 -37.12 0.32
C VAL D 190 -1.18 -35.66 0.72
N GLY D 191 -2.31 -35.08 0.32
CA GLY D 191 -2.73 -33.75 0.71
C GLY D 191 -1.76 -32.65 0.32
N SER D 192 -1.48 -31.79 1.32
CA SER D 192 -0.59 -30.65 1.15
C SER D 192 0.10 -30.25 2.45
N HIS D 193 0.74 -29.07 2.45
CA HIS D 193 1.44 -28.52 3.59
C HIS D 193 0.59 -28.35 4.82
N VAL D 194 -0.72 -28.11 4.64
CA VAL D 194 -1.60 -27.96 5.79
C VAL D 194 -1.83 -29.30 6.48
N THR D 195 -1.84 -30.40 5.68
CA THR D 195 -2.02 -31.77 6.16
C THR D 195 -0.81 -32.16 7.01
N GLY D 196 0.37 -31.67 6.61
CA GLY D 196 1.58 -31.90 7.36
C GLY D 196 1.61 -31.12 8.67
N TRP D 197 0.98 -29.95 8.75
CA TRP D 197 0.93 -29.21 10.00
C TRP D 197 0.06 -30.03 10.94
N ASP D 198 -1.08 -30.54 10.46
CA ASP D 198 -2.06 -31.27 11.26
C ASP D 198 -1.51 -32.57 11.84
N ASN D 199 -0.85 -33.32 10.96
CA ASN D 199 -0.21 -34.56 11.30
C ASN D 199 0.86 -34.37 12.36
N MET D 200 1.65 -33.30 12.21
CA MET D 200 2.71 -33.00 13.15
C MET D 200 2.15 -32.67 14.52
N PHE D 201 1.10 -31.83 14.56
CA PHE D 201 0.50 -31.41 15.81
C PHE D 201 -0.12 -32.59 16.56
N GLU D 202 -0.87 -33.40 15.80
CA GLU D 202 -1.51 -34.59 16.34
C GLU D 202 -0.43 -35.51 16.90
N GLY D 203 0.74 -35.62 16.26
CA GLY D 203 1.82 -36.45 16.74
C GLY D 203 2.46 -35.95 18.05
N ILE D 204 2.58 -34.62 18.20
CA ILE D 204 3.15 -33.98 19.39
C ILE D 204 2.16 -34.06 20.54
N ALA D 205 0.87 -33.90 20.22
CA ALA D 205 -0.19 -34.02 21.19
C ALA D 205 -0.24 -35.45 21.73
N ARG D 206 -0.12 -36.46 20.86
CA ARG D 206 -0.11 -37.86 21.29
C ARG D 206 1.09 -38.15 22.16
N TYR D 207 2.26 -37.58 21.79
CA TYR D 207 3.49 -37.82 22.54
C TYR D 207 3.36 -37.31 23.97
N PHE D 208 2.80 -36.13 24.25
CA PHE D 208 2.69 -35.66 25.62
C PHE D 208 1.44 -36.11 26.37
N THR D 209 0.48 -36.70 25.66
CA THR D 209 -0.79 -37.05 26.26
C THR D 209 -1.24 -38.49 26.35
N LEU D 210 -1.15 -39.21 25.24
CA LEU D 210 -1.79 -40.50 25.10
C LEU D 210 -1.65 -41.52 26.24
N LYS D 211 -0.44 -41.64 26.75
CA LYS D 211 -0.14 -42.57 27.82
C LYS D 211 -0.25 -41.97 29.24
N SER D 212 -1.09 -40.95 29.48
CA SER D 212 -1.21 -40.31 30.79
C SER D 212 -2.57 -39.65 31.11
N MET D 213 -3.60 -40.09 30.39
CA MET D 213 -4.94 -39.55 30.48
C MET D 213 -5.77 -39.77 31.73
N ASP D 214 -5.51 -40.86 32.45
CA ASP D 214 -6.25 -41.20 33.67
C ASP D 214 -6.10 -40.24 34.85
N ASP D 215 -5.09 -39.40 34.73
CA ASP D 215 -4.76 -38.36 35.68
C ASP D 215 -5.51 -37.05 35.41
N LYS D 216 -6.03 -36.88 34.18
CA LYS D 216 -6.61 -35.63 33.71
C LYS D 216 -8.11 -35.41 33.89
N VAL D 217 -8.47 -34.20 34.37
CA VAL D 217 -9.85 -33.78 34.53
C VAL D 217 -10.16 -32.58 33.60
N VAL D 218 -11.16 -32.70 32.71
CA VAL D 218 -11.49 -31.61 31.77
C VAL D 218 -12.02 -30.38 32.50
N GLY D 219 -11.33 -29.25 32.26
CA GLY D 219 -11.71 -27.98 32.84
C GLY D 219 -10.94 -27.60 34.09
N SER D 220 -10.11 -28.50 34.64
CA SER D 220 -9.41 -28.21 35.88
C SER D 220 -8.40 -27.08 35.82
N ASN D 221 -7.72 -26.81 34.70
CA ASN D 221 -6.82 -25.67 34.69
C ASN D 221 -7.51 -24.38 34.31
N LYS D 222 -8.82 -24.45 33.99
CA LYS D 222 -9.65 -23.32 33.63
C LYS D 222 -9.24 -22.48 32.40
N LYS D 223 -8.47 -23.14 31.52
CA LYS D 223 -7.95 -22.52 30.33
C LYS D 223 -8.64 -23.06 29.08
N ILE D 224 -8.46 -22.40 27.92
CA ILE D 224 -8.97 -22.91 26.66
C ILE D 224 -7.76 -23.05 25.74
N ASN D 225 -7.57 -24.21 25.11
CA ASN D 225 -6.45 -24.39 24.19
C ASN D 225 -6.79 -23.85 22.81
N ILE D 226 -5.82 -23.19 22.14
CA ILE D 226 -6.03 -22.59 20.84
C ILE D 226 -5.02 -23.23 19.91
N VAL D 227 -5.50 -23.99 18.93
CA VAL D 227 -4.60 -24.57 17.93
C VAL D 227 -4.71 -23.69 16.70
N PRO D 228 -3.63 -22.98 16.33
CA PRO D 228 -3.58 -22.05 15.20
C PRO D 228 -3.62 -22.60 13.79
N GLY D 229 -3.01 -23.75 13.49
CA GLY D 229 -2.94 -24.23 12.13
C GLY D 229 -1.71 -23.61 11.45
N PHE D 230 -1.60 -23.81 10.14
CA PHE D 230 -0.52 -23.31 9.30
C PHE D 230 -0.83 -21.84 9.21
N GLU D 231 0.03 -21.06 9.88
CA GLU D 231 -0.16 -19.64 10.00
C GLU D 231 1.12 -18.90 9.74
N THR D 232 1.08 -18.05 8.71
CA THR D 232 2.26 -17.31 8.31
C THR D 232 2.16 -15.79 8.43
N TYR D 233 1.29 -15.34 9.36
CA TYR D 233 1.23 -13.94 9.76
C TYR D 233 1.41 -13.87 11.27
N LEU D 234 2.48 -13.15 11.63
CA LEU D 234 2.82 -12.82 13.00
C LEU D 234 1.68 -12.12 13.72
N GLY D 235 0.95 -11.26 13.01
CA GLY D 235 -0.18 -10.55 13.59
C GLY D 235 -1.37 -11.42 13.95
N ASN D 236 -1.54 -12.60 13.34
CA ASN D 236 -2.62 -13.50 13.68
C ASN D 236 -2.43 -14.25 15.00
N PHE D 237 -1.18 -14.63 15.29
CA PHE D 237 -0.83 -15.23 16.56
C PHE D 237 -0.99 -14.16 17.60
N ARG D 238 -0.45 -12.98 17.30
CA ARG D 238 -0.45 -11.90 18.27
C ARG D 238 -1.84 -11.37 18.59
N VAL D 239 -2.76 -11.29 17.61
CA VAL D 239 -4.09 -10.76 17.85
C VAL D 239 -4.98 -11.72 18.64
N ILE D 240 -4.80 -13.04 18.48
CA ILE D 240 -5.60 -14.02 19.19
C ILE D 240 -5.31 -13.92 20.67
N LYS D 241 -4.00 -13.82 20.94
CA LYS D 241 -3.50 -13.67 22.29
C LYS D 241 -3.95 -12.38 22.95
N ARG D 242 -3.92 -11.30 22.17
CA ARG D 242 -4.26 -9.98 22.66
C ARG D 242 -5.70 -9.88 23.13
N MET D 243 -6.58 -10.39 22.27
CA MET D 243 -8.02 -10.37 22.51
C MET D 243 -8.42 -11.25 23.67
N LEU D 244 -7.81 -12.44 23.79
CA LEU D 244 -8.02 -13.37 24.88
C LEU D 244 -7.55 -12.77 26.20
N SER D 245 -6.43 -12.05 26.17
CA SER D 245 -5.92 -11.35 27.34
C SER D 245 -6.77 -10.13 27.69
N GLU D 246 -7.37 -9.48 26.67
CA GLU D 246 -8.29 -8.39 26.90
C GLU D 246 -9.52 -8.88 27.65
N MET D 247 -9.98 -10.08 27.28
CA MET D 247 -11.10 -10.72 27.95
C MET D 247 -10.74 -11.27 29.31
N GLY D 248 -9.45 -11.46 29.59
CA GLY D 248 -9.02 -12.05 30.86
C GLY D 248 -9.29 -13.55 30.87
N VAL D 249 -9.21 -14.14 29.66
CA VAL D 249 -9.38 -15.56 29.39
C VAL D 249 -8.04 -16.25 29.43
N GLY D 250 -7.99 -17.26 30.32
CA GLY D 250 -6.83 -18.16 30.42
C GLY D 250 -6.78 -19.01 29.15
N TYR D 251 -5.63 -19.01 28.52
CA TYR D 251 -5.46 -19.73 27.27
C TYR D 251 -4.10 -20.37 27.18
N SER D 252 -4.01 -21.23 26.16
CA SER D 252 -2.78 -21.91 25.88
C SER D 252 -2.75 -22.04 24.36
N LEU D 253 -1.86 -21.26 23.72
CA LEU D 253 -1.67 -21.31 22.28
C LEU D 253 -0.69 -22.44 22.06
N LEU D 254 -1.19 -23.47 21.36
CA LEU D 254 -0.43 -24.70 21.14
C LEU D 254 0.06 -24.73 19.71
N SER D 255 1.38 -24.45 19.70
CA SER D 255 2.25 -24.16 18.57
C SER D 255 2.16 -22.64 18.40
N ASP D 256 3.21 -21.97 18.86
CA ASP D 256 3.28 -20.52 18.83
C ASP D 256 4.67 -20.05 18.36
N PRO D 257 4.89 -19.82 17.06
CA PRO D 257 6.19 -19.46 16.53
C PRO D 257 6.49 -17.98 16.43
N GLU D 258 5.64 -17.11 16.97
CA GLU D 258 5.82 -15.67 16.79
C GLU D 258 7.10 -15.03 17.32
N GLU D 259 7.73 -15.62 18.34
CA GLU D 259 9.01 -15.14 18.86
C GLU D 259 10.18 -15.60 18.01
N VAL D 260 10.29 -16.90 17.62
CA VAL D 260 11.38 -17.38 16.76
C VAL D 260 11.40 -16.75 15.40
N LEU D 261 10.20 -16.52 14.87
CA LEU D 261 10.04 -15.88 13.58
C LEU D 261 10.11 -14.35 13.59
N ASP D 262 10.54 -13.75 14.69
CA ASP D 262 10.73 -12.32 14.79
C ASP D 262 11.72 -11.93 15.91
N THR D 263 12.91 -12.54 15.95
CA THR D 263 13.88 -12.17 16.98
C THR D 263 14.54 -10.85 16.59
N PRO D 264 14.90 -10.02 17.59
CA PRO D 264 15.61 -8.76 17.40
C PRO D 264 17.04 -8.80 16.90
N ALA D 265 17.42 -7.82 16.05
CA ALA D 265 18.81 -7.71 15.61
C ALA D 265 19.57 -6.84 16.60
N ASP D 266 20.22 -7.51 17.55
CA ASP D 266 20.90 -6.84 18.65
C ASP D 266 22.33 -7.30 18.92
N GLY D 267 22.95 -7.93 17.92
CA GLY D 267 24.31 -8.40 18.08
C GLY D 267 24.37 -9.90 18.28
N GLN D 268 23.23 -10.55 18.52
CA GLN D 268 23.25 -12.01 18.63
C GLN D 268 22.11 -12.74 17.94
N PHE D 269 22.49 -13.92 17.44
CA PHE D 269 21.55 -14.82 16.80
C PHE D 269 20.93 -15.73 17.85
N ARG D 270 19.60 -15.78 17.82
CA ARG D 270 18.85 -16.66 18.71
C ARG D 270 18.17 -17.79 17.92
N MET D 271 18.81 -18.97 17.94
CA MET D 271 18.25 -20.13 17.25
C MET D 271 16.84 -20.46 17.74
N TYR D 272 16.64 -20.34 19.06
CA TYR D 272 15.36 -20.61 19.65
C TYR D 272 14.89 -19.38 20.39
N ALA D 273 13.57 -19.27 20.47
CA ALA D 273 12.93 -18.15 21.15
C ALA D 273 11.46 -18.44 21.35
N GLY D 274 10.97 -18.22 22.59
CA GLY D 274 9.58 -18.43 22.98
C GLY D 274 9.05 -19.85 22.73
N GLY D 275 7.83 -19.89 22.19
CA GLY D 275 7.18 -21.15 21.85
C GLY D 275 6.41 -21.77 23.00
N THR D 276 5.56 -22.72 22.63
CA THR D 276 4.74 -23.47 23.56
C THR D 276 5.61 -24.45 24.34
N THR D 277 5.59 -24.36 25.68
CA THR D 277 6.37 -25.28 26.51
C THR D 277 5.78 -26.70 26.48
N GLN D 278 6.61 -27.67 26.85
CA GLN D 278 6.19 -29.06 26.94
C GLN D 278 5.16 -29.23 28.06
N GLU D 279 5.24 -28.36 29.09
CA GLU D 279 4.33 -28.33 30.22
C GLU D 279 2.95 -27.89 29.80
N GLU D 280 2.83 -26.96 28.86
CA GLU D 280 1.54 -26.59 28.35
C GLU D 280 0.94 -27.74 27.53
N MET D 281 1.77 -28.52 26.81
CA MET D 281 1.28 -29.66 26.05
C MET D 281 0.86 -30.84 26.89
N LYS D 282 1.52 -31.05 28.02
CA LYS D 282 1.17 -32.13 28.93
C LYS D 282 -0.11 -31.81 29.69
N ASP D 283 -0.28 -30.53 30.06
CA ASP D 283 -1.44 -30.08 30.84
C ASP D 283 -2.64 -29.70 29.97
N ALA D 284 -2.47 -29.78 28.64
CA ALA D 284 -3.53 -29.40 27.73
C ALA D 284 -4.83 -30.19 27.85
N PRO D 285 -4.94 -31.49 28.21
CA PRO D 285 -6.22 -32.17 28.48
C PRO D 285 -7.07 -31.56 29.59
N ASN D 286 -6.43 -30.78 30.47
CA ASN D 286 -7.14 -30.16 31.57
C ASN D 286 -7.88 -28.91 31.20
N ALA D 287 -7.73 -28.44 29.95
CA ALA D 287 -8.45 -27.27 29.47
C ALA D 287 -9.94 -27.54 29.40
N LEU D 288 -10.71 -26.49 29.62
CA LEU D 288 -12.16 -26.54 29.49
C LEU D 288 -12.58 -27.10 28.12
N ASN D 289 -11.82 -26.71 27.09
CA ASN D 289 -12.07 -27.09 25.71
C ASN D 289 -10.84 -26.69 24.87
N THR D 290 -10.92 -27.03 23.57
CA THR D 290 -9.93 -26.66 22.58
C THR D 290 -10.67 -26.07 21.38
N VAL D 291 -10.21 -24.87 21.00
CA VAL D 291 -10.69 -24.16 19.82
C VAL D 291 -9.69 -24.35 18.67
N LEU D 292 -10.20 -24.78 17.51
CA LEU D 292 -9.37 -24.93 16.33
C LEU D 292 -9.58 -23.70 15.44
N LEU D 293 -8.56 -22.85 15.35
CA LEU D 293 -8.68 -21.63 14.57
C LEU D 293 -8.82 -21.85 13.07
N GLN D 294 -8.24 -22.95 12.57
CA GLN D 294 -8.39 -23.27 11.17
C GLN D 294 -8.78 -24.73 11.01
N PRO D 295 -10.08 -25.03 11.24
CA PRO D 295 -10.59 -26.40 11.39
C PRO D 295 -10.54 -27.31 10.16
N TRP D 296 -10.75 -26.75 8.94
CA TRP D 296 -10.65 -27.51 7.70
C TRP D 296 -9.28 -28.10 7.37
N HIS D 297 -8.20 -27.76 8.07
CA HIS D 297 -6.97 -28.52 7.90
C HIS D 297 -6.47 -29.05 9.25
N LEU D 298 -7.41 -29.28 10.18
CA LEU D 298 -7.06 -29.77 11.49
C LEU D 298 -7.99 -30.91 11.91
N GLU D 299 -8.39 -31.71 10.91
CA GLU D 299 -9.32 -32.80 11.16
C GLU D 299 -8.79 -33.94 11.99
N LYS D 300 -7.56 -34.36 11.74
CA LYS D 300 -6.92 -35.40 12.55
C LYS D 300 -6.79 -34.91 13.98
N THR D 301 -6.41 -33.64 14.18
CA THR D 301 -6.25 -33.05 15.49
C THR D 301 -7.58 -33.01 16.26
N LYS D 302 -8.68 -32.72 15.54
CA LYS D 302 -10.00 -32.64 16.13
C LYS D 302 -10.40 -34.00 16.66
N LYS D 303 -10.18 -35.06 15.88
CA LYS D 303 -10.51 -36.40 16.31
C LYS D 303 -9.70 -36.80 17.54
N PHE D 304 -8.44 -36.37 17.67
CA PHE D 304 -7.66 -36.73 18.84
C PHE D 304 -8.08 -35.91 20.06
N VAL D 305 -8.34 -34.60 19.93
CA VAL D 305 -8.73 -33.83 21.09
C VAL D 305 -10.15 -34.20 21.56
N GLU D 306 -11.06 -34.53 20.65
CA GLU D 306 -12.39 -34.99 21.02
C GLU D 306 -12.36 -36.42 21.55
N GLY D 307 -11.59 -37.31 20.91
CA GLY D 307 -11.54 -38.74 21.24
C GLY D 307 -10.67 -39.11 22.44
N THR D 308 -9.47 -38.55 22.59
CA THR D 308 -8.62 -38.87 23.73
C THR D 308 -8.77 -37.86 24.86
N TRP D 309 -8.76 -36.54 24.58
CA TRP D 309 -8.89 -35.56 25.65
C TRP D 309 -10.31 -35.34 26.15
N LYS D 310 -11.31 -35.80 25.36
CA LYS D 310 -12.75 -35.73 25.65
C LYS D 310 -13.29 -34.30 25.76
N HIS D 311 -12.74 -33.44 24.89
CA HIS D 311 -13.16 -32.05 24.75
C HIS D 311 -14.26 -31.95 23.71
N GLU D 312 -15.20 -31.03 23.92
CA GLU D 312 -16.30 -30.82 22.98
C GLU D 312 -16.01 -29.61 22.10
N VAL D 313 -15.18 -29.86 21.08
CA VAL D 313 -14.71 -28.82 20.18
C VAL D 313 -15.83 -28.06 19.48
N PRO D 314 -15.95 -26.72 19.71
CA PRO D 314 -17.02 -25.86 19.19
C PRO D 314 -16.96 -25.83 17.67
N LYS D 315 -18.14 -25.75 17.05
CA LYS D 315 -18.25 -25.67 15.59
C LYS D 315 -18.09 -24.20 15.24
N LEU D 316 -16.81 -23.79 15.18
CA LEU D 316 -16.42 -22.42 14.89
C LEU D 316 -15.65 -22.34 13.61
N ASN D 317 -16.03 -21.37 12.79
CA ASN D 317 -15.27 -21.09 11.59
C ASN D 317 -14.03 -20.29 11.96
N ILE D 318 -13.12 -20.07 11.00
CA ILE D 318 -11.95 -19.24 11.21
C ILE D 318 -12.43 -17.86 11.62
N PRO D 319 -11.91 -17.20 12.68
CA PRO D 319 -12.37 -15.86 13.08
C PRO D 319 -11.88 -14.74 12.16
N MET D 320 -12.50 -14.69 10.97
CA MET D 320 -12.19 -13.72 9.93
C MET D 320 -13.47 -13.02 9.56
N GLY D 321 -13.41 -11.70 9.49
CA GLY D 321 -14.60 -10.93 9.17
C GLY D 321 -15.37 -10.58 10.42
N LEU D 322 -16.50 -9.90 10.26
CA LEU D 322 -17.26 -9.43 11.40
C LEU D 322 -18.00 -10.55 12.09
N ASP D 323 -18.83 -11.29 11.34
CA ASP D 323 -19.66 -12.35 11.93
C ASP D 323 -18.86 -13.47 12.58
N TRP D 324 -17.80 -13.96 11.94
CA TRP D 324 -17.06 -15.05 12.53
C TRP D 324 -16.13 -14.62 13.68
N THR D 325 -15.74 -13.33 13.80
CA THR D 325 -14.96 -12.91 14.96
C THR D 325 -15.89 -12.74 16.16
N ASP D 326 -17.13 -12.32 15.88
CA ASP D 326 -18.16 -12.22 16.89
C ASP D 326 -18.43 -13.61 17.46
N GLU D 327 -18.73 -14.55 16.55
CA GLU D 327 -19.03 -15.93 16.94
C GLU D 327 -17.91 -16.57 17.74
N PHE D 328 -16.67 -16.21 17.42
CA PHE D 328 -15.52 -16.69 18.13
C PHE D 328 -15.54 -16.11 19.53
N LEU D 329 -15.64 -14.79 19.71
CA LEU D 329 -15.57 -14.20 21.03
C LEU D 329 -16.70 -14.65 21.91
N MET D 330 -17.90 -14.83 21.34
CA MET D 330 -19.05 -15.33 22.09
C MET D 330 -18.87 -16.79 22.54
N LYS D 331 -18.21 -17.67 21.75
CA LYS D 331 -17.98 -19.03 22.20
C LYS D 331 -16.98 -18.99 23.33
N VAL D 332 -15.94 -18.15 23.19
CA VAL D 332 -14.92 -18.01 24.21
C VAL D 332 -15.55 -17.43 25.48
N SER D 333 -16.54 -16.56 25.33
CA SER D 333 -17.24 -15.96 26.44
C SER D 333 -18.00 -17.06 27.18
N GLU D 334 -18.77 -17.92 26.49
CA GLU D 334 -19.51 -18.94 27.25
C GLU D 334 -18.69 -20.14 27.69
N ILE D 335 -17.52 -20.49 27.12
CA ILE D 335 -16.75 -21.61 27.60
C ILE D 335 -16.02 -21.21 28.88
N SER D 336 -15.43 -20.01 28.86
CA SER D 336 -14.68 -19.47 29.99
C SER D 336 -15.54 -18.78 31.03
N GLY D 337 -16.74 -18.36 30.63
CA GLY D 337 -17.63 -17.61 31.50
C GLY D 337 -17.17 -16.16 31.71
N GLN D 338 -16.34 -15.69 30.80
CA GLN D 338 -15.80 -14.34 30.84
C GLN D 338 -16.60 -13.43 29.92
N PRO D 339 -17.07 -12.25 30.33
CA PRO D 339 -17.79 -11.34 29.45
C PRO D 339 -16.85 -10.67 28.44
N ILE D 340 -17.39 -10.29 27.26
CA ILE D 340 -16.62 -9.61 26.23
C ILE D 340 -16.41 -8.17 26.70
N PRO D 341 -15.19 -7.64 26.97
CA PRO D 341 -14.96 -6.31 27.53
C PRO D 341 -15.38 -5.17 26.60
N ALA D 342 -15.57 -3.96 27.16
CA ALA D 342 -15.94 -2.79 26.35
C ALA D 342 -14.99 -2.47 25.20
N SER D 343 -13.73 -2.85 25.37
CA SER D 343 -12.67 -2.61 24.40
C SER D 343 -12.89 -3.38 23.11
N LEU D 344 -13.28 -4.65 23.21
CA LEU D 344 -13.55 -5.43 22.02
C LEU D 344 -14.91 -5.05 21.41
N THR D 345 -15.90 -4.67 22.24
CA THR D 345 -17.19 -4.18 21.73
C THR D 345 -16.96 -2.88 20.95
N LYS D 346 -16.01 -2.04 21.41
CA LYS D 346 -15.68 -0.79 20.74
C LYS D 346 -14.93 -1.06 19.42
N GLU D 347 -13.90 -1.90 19.47
CA GLU D 347 -13.14 -2.29 18.30
C GLU D 347 -14.03 -2.89 17.23
N ARG D 348 -15.10 -3.60 17.62
CA ARG D 348 -16.09 -4.14 16.68
C ARG D 348 -16.82 -2.99 16.02
N GLY D 349 -17.15 -1.95 16.82
CA GLY D 349 -17.88 -0.80 16.36
C GLY D 349 -17.05 0.08 15.44
N ARG D 350 -15.73 0.13 15.69
CA ARG D 350 -14.84 0.93 14.86
C ARG D 350 -14.71 0.24 13.52
N LEU D 351 -14.68 -1.10 13.50
CA LEU D 351 -14.65 -1.87 12.27
C LEU D 351 -15.93 -1.65 11.46
N VAL D 352 -17.08 -1.61 12.13
CA VAL D 352 -18.35 -1.38 11.45
C VAL D 352 -18.39 0.06 10.96
N ASP D 353 -17.76 0.99 11.69
CA ASP D 353 -17.67 2.36 11.27
C ASP D 353 -16.84 2.48 10.00
N MET D 354 -15.73 1.74 9.95
CA MET D 354 -14.88 1.73 8.78
C MET D 354 -15.63 1.17 7.60
N MET D 355 -16.49 0.15 7.82
CA MET D 355 -17.28 -0.46 6.78
C MET D 355 -18.27 0.50 6.18
N THR D 356 -18.87 1.34 7.02
CA THR D 356 -19.86 2.30 6.56
C THR D 356 -19.20 3.47 5.85
N ASP D 357 -17.96 3.83 6.23
CA ASP D 357 -17.22 4.90 5.58
C ASP D 357 -16.72 4.52 4.19
N SER D 358 -16.44 3.22 4.04
CA SER D 358 -15.88 2.71 2.81
C SER D 358 -16.77 1.97 1.81
N HIS D 359 -18.04 1.63 2.15
CA HIS D 359 -18.86 0.79 1.30
C HIS D 359 -19.11 1.22 -0.14
N THR D 360 -19.05 2.53 -0.44
CA THR D 360 -19.32 3.03 -1.79
C THR D 360 -18.26 2.63 -2.80
N TRP D 361 -17.04 2.41 -2.30
CA TRP D 361 -15.94 2.03 -3.17
C TRP D 361 -15.77 0.53 -3.28
N LEU D 362 -16.24 -0.15 -2.23
CA LEU D 362 -16.17 -1.59 -2.17
C LEU D 362 -17.32 -2.32 -2.85
N HIS D 363 -18.50 -1.71 -2.86
CA HIS D 363 -19.69 -2.34 -3.39
C HIS D 363 -19.58 -2.78 -4.85
N GLY D 364 -19.96 -4.05 -5.04
CA GLY D 364 -20.01 -4.69 -6.34
C GLY D 364 -18.66 -5.09 -6.92
N LYS D 365 -17.59 -4.90 -6.15
CA LYS D 365 -16.24 -5.20 -6.60
C LYS D 365 -15.98 -6.68 -6.73
N ARG D 366 -15.46 -7.04 -7.90
CA ARG D 366 -15.24 -8.41 -8.29
C ARG D 366 -13.83 -8.94 -8.06
N PHE D 367 -13.73 -10.06 -7.34
CA PHE D 367 -12.44 -10.63 -7.01
C PHE D 367 -12.24 -12.08 -7.38
N ALA D 368 -11.01 -12.34 -7.84
CA ALA D 368 -10.52 -13.69 -8.01
C ALA D 368 -9.56 -13.83 -6.82
N LEU D 369 -9.52 -14.99 -6.17
CA LEU D 369 -8.74 -15.18 -4.95
C LEU D 369 -8.42 -16.66 -4.74
N TRP D 370 -7.28 -16.92 -4.10
CA TRP D 370 -6.85 -18.27 -3.82
C TRP D 370 -6.14 -18.38 -2.48
N GLY D 371 -5.81 -19.60 -2.07
CA GLY D 371 -5.13 -19.84 -0.80
C GLY D 371 -5.57 -21.13 -0.14
N ASP D 372 -5.21 -21.24 1.16
CA ASP D 372 -5.55 -22.39 1.98
C ASP D 372 -6.99 -22.38 2.37
N PRO D 373 -7.63 -23.50 2.71
CA PRO D 373 -9.09 -23.62 2.81
C PRO D 373 -9.80 -22.65 3.75
N ASP D 374 -9.31 -22.51 4.98
CA ASP D 374 -9.89 -21.65 5.99
C ASP D 374 -9.66 -20.17 5.71
N PHE D 375 -8.45 -19.82 5.24
CA PHE D 375 -8.14 -18.46 4.78
C PHE D 375 -9.10 -18.08 3.64
N VAL D 376 -9.35 -18.96 2.69
CA VAL D 376 -10.21 -18.64 1.56
C VAL D 376 -11.66 -18.47 1.98
N MET D 377 -12.20 -19.32 2.88
CA MET D 377 -13.59 -19.12 3.26
C MET D 377 -13.84 -17.93 4.17
N GLY D 378 -12.83 -17.55 4.95
CA GLY D 378 -12.95 -16.37 5.79
C GLY D 378 -12.83 -15.13 4.95
N LEU D 379 -12.03 -15.17 3.88
CA LEU D 379 -11.88 -14.03 3.01
C LEU D 379 -13.14 -13.89 2.19
N VAL D 380 -13.73 -15.03 1.77
CA VAL D 380 -14.99 -15.01 1.03
C VAL D 380 -16.10 -14.46 1.89
N LYS D 381 -16.19 -14.88 3.16
CA LYS D 381 -17.21 -14.35 4.06
C LYS D 381 -17.08 -12.85 4.26
N PHE D 382 -15.86 -12.38 4.50
CA PHE D 382 -15.65 -10.96 4.76
C PHE D 382 -15.89 -10.16 3.50
N LEU D 383 -15.57 -10.68 2.31
CA LEU D 383 -15.90 -9.93 1.10
C LEU D 383 -17.40 -9.82 0.91
N LEU D 384 -18.16 -10.87 1.25
CA LEU D 384 -19.62 -10.81 1.14
C LEU D 384 -20.16 -9.77 2.13
N GLU D 385 -19.55 -9.65 3.32
CA GLU D 385 -19.93 -8.64 4.32
C GLU D 385 -19.67 -7.20 3.91
N LEU D 386 -18.64 -7.00 3.09
CA LEU D 386 -18.29 -5.69 2.54
C LEU D 386 -19.15 -5.31 1.32
N GLY D 387 -19.94 -6.26 0.84
CA GLY D 387 -20.78 -6.03 -0.33
C GLY D 387 -20.02 -6.24 -1.61
N CYS D 388 -18.97 -7.09 -1.57
CA CYS D 388 -18.16 -7.40 -2.72
C CYS D 388 -18.53 -8.78 -3.24
N GLU D 389 -18.24 -9.02 -4.53
CA GLU D 389 -18.51 -10.28 -5.18
C GLU D 389 -17.23 -11.11 -5.32
N PRO D 390 -17.10 -12.22 -4.56
CA PRO D 390 -15.99 -13.17 -4.74
C PRO D 390 -16.24 -14.12 -5.91
N VAL D 391 -16.00 -13.60 -7.10
CA VAL D 391 -16.29 -14.28 -8.36
C VAL D 391 -15.54 -15.59 -8.67
N HIS D 392 -14.23 -15.66 -8.42
CA HIS D 392 -13.46 -16.87 -8.66
C HIS D 392 -12.75 -17.24 -7.37
N ILE D 393 -13.21 -18.32 -6.75
CA ILE D 393 -12.70 -18.84 -5.50
C ILE D 393 -11.89 -20.09 -5.83
N LEU D 394 -10.58 -20.03 -5.64
CA LEU D 394 -9.73 -21.15 -5.97
C LEU D 394 -9.05 -21.64 -4.70
N CYS D 395 -9.06 -22.96 -4.55
CA CYS D 395 -8.38 -23.60 -3.46
C CYS D 395 -7.93 -24.97 -3.97
N HIS D 396 -6.69 -24.99 -4.45
CA HIS D 396 -6.08 -26.19 -5.01
C HIS D 396 -6.14 -27.38 -4.05
N ASN D 397 -5.86 -27.12 -2.76
CA ASN D 397 -5.90 -28.16 -1.73
C ASN D 397 -7.23 -28.28 -0.99
N GLY D 398 -8.32 -27.73 -1.57
CA GLY D 398 -9.66 -27.89 -0.99
C GLY D 398 -10.24 -29.27 -1.31
N ASN D 399 -11.19 -29.67 -0.47
CA ASN D 399 -11.90 -30.93 -0.68
C ASN D 399 -13.36 -30.66 -0.99
N LYS D 400 -14.07 -31.74 -1.36
CA LYS D 400 -15.47 -31.65 -1.74
C LYS D 400 -16.40 -31.09 -0.68
N ARG D 401 -16.18 -31.45 0.59
CA ARG D 401 -17.02 -30.99 1.69
C ARG D 401 -16.82 -29.51 1.96
N TRP D 402 -15.57 -29.06 1.77
CA TRP D 402 -15.20 -27.67 1.93
C TRP D 402 -15.93 -26.87 0.87
N LYS D 403 -15.89 -27.38 -0.35
CA LYS D 403 -16.52 -26.70 -1.47
C LYS D 403 -17.99 -26.53 -1.20
N LYS D 404 -18.63 -27.55 -0.64
CA LYS D 404 -20.05 -27.47 -0.32
C LYS D 404 -20.32 -26.48 0.81
N ALA D 405 -19.41 -26.35 1.78
CA ALA D 405 -19.57 -25.39 2.87
C ALA D 405 -19.44 -23.96 2.37
N VAL D 406 -18.61 -23.73 1.35
CA VAL D 406 -18.42 -22.39 0.80
C VAL D 406 -19.52 -22.07 -0.19
N ASP D 407 -20.02 -23.05 -0.97
CA ASP D 407 -21.13 -22.76 -1.88
C ASP D 407 -22.38 -22.43 -1.08
N ALA D 408 -22.47 -23.03 0.12
CA ALA D 408 -23.56 -22.77 1.05
C ALA D 408 -23.46 -21.35 1.58
N ILE D 409 -22.26 -20.83 1.93
CA ILE D 409 -22.18 -19.46 2.42
C ILE D 409 -22.34 -18.45 1.27
N LEU D 410 -22.03 -18.85 0.03
CA LEU D 410 -22.24 -18.01 -1.14
C LEU D 410 -23.72 -17.86 -1.48
N ALA D 411 -24.45 -18.99 -1.32
CA ALA D 411 -25.89 -19.09 -1.60
C ALA D 411 -26.76 -18.21 -0.74
N ALA D 412 -26.32 -18.00 0.51
CA ALA D 412 -26.97 -17.15 1.50
C ALA D 412 -26.77 -15.64 1.32
N SER D 413 -25.98 -15.25 0.32
CA SER D 413 -25.70 -13.85 0.05
C SER D 413 -26.04 -13.53 -1.41
N PRO D 414 -26.56 -12.32 -1.70
CA PRO D 414 -26.78 -11.82 -3.05
C PRO D 414 -25.50 -11.49 -3.78
N TYR D 415 -24.41 -11.32 -3.01
CA TYR D 415 -23.09 -11.05 -3.58
C TYR D 415 -22.33 -12.31 -3.99
N GLY D 416 -22.85 -13.49 -3.66
CA GLY D 416 -22.27 -14.74 -4.12
C GLY D 416 -23.01 -15.37 -5.31
N LYS D 417 -23.84 -14.63 -6.07
CA LYS D 417 -24.59 -15.20 -7.19
C LYS D 417 -23.78 -15.47 -8.46
N ASN D 418 -22.67 -14.74 -8.65
CA ASN D 418 -21.78 -14.88 -9.79
C ASN D 418 -20.48 -15.62 -9.41
N ALA D 419 -20.49 -16.19 -8.19
CA ALA D 419 -19.32 -16.88 -7.65
C ALA D 419 -19.25 -18.39 -7.88
N THR D 420 -18.04 -18.90 -8.11
CA THR D 420 -17.88 -20.34 -8.29
C THR D 420 -16.65 -20.77 -7.51
N VAL D 421 -16.76 -21.89 -6.80
CA VAL D 421 -15.65 -22.45 -6.05
C VAL D 421 -14.99 -23.61 -6.81
N TYR D 422 -13.66 -23.52 -6.91
CA TYR D 422 -12.87 -24.46 -7.66
C TYR D 422 -11.85 -25.12 -6.75
N ILE D 423 -12.02 -26.43 -6.57
CA ILE D 423 -11.06 -27.22 -5.81
C ILE D 423 -10.28 -28.11 -6.76
N GLY D 424 -9.02 -28.37 -6.43
CA GLY D 424 -8.17 -29.20 -7.26
C GLY D 424 -7.62 -28.47 -8.48
N LYS D 425 -8.04 -27.21 -8.73
CA LYS D 425 -7.58 -26.39 -9.85
C LYS D 425 -6.43 -25.48 -9.44
N ASP D 426 -5.63 -25.00 -10.39
CA ASP D 426 -4.45 -24.22 -10.06
C ASP D 426 -4.38 -22.85 -10.70
N LEU D 427 -3.25 -22.16 -10.52
CA LEU D 427 -3.10 -20.81 -11.02
C LEU D 427 -3.05 -20.68 -12.54
N TRP D 428 -2.81 -21.75 -13.32
CA TRP D 428 -2.93 -21.60 -14.78
C TRP D 428 -4.41 -21.67 -15.16
N HIS D 429 -5.18 -22.45 -14.40
CA HIS D 429 -6.62 -22.47 -14.52
C HIS D 429 -7.17 -21.08 -14.24
N LEU D 430 -6.77 -20.46 -13.11
CA LEU D 430 -7.20 -19.13 -12.70
C LEU D 430 -6.77 -18.03 -13.66
N ARG D 431 -5.61 -18.19 -14.32
CA ARG D 431 -5.17 -17.27 -15.36
C ARG D 431 -6.21 -17.13 -16.46
N SER D 432 -6.89 -18.24 -16.82
CA SER D 432 -7.96 -18.19 -17.81
C SER D 432 -9.24 -17.54 -17.25
N LEU D 433 -9.66 -17.85 -16.01
CA LEU D 433 -10.86 -17.24 -15.45
C LEU D 433 -10.78 -15.73 -15.29
N VAL D 434 -9.59 -15.17 -15.04
CA VAL D 434 -9.44 -13.73 -14.97
C VAL D 434 -9.29 -13.10 -16.37
N PHE D 435 -9.17 -13.91 -17.44
CA PHE D 435 -9.21 -13.37 -18.78
C PHE D 435 -10.64 -13.39 -19.32
N THR D 436 -11.33 -14.54 -19.18
CA THR D 436 -12.66 -14.73 -19.74
C THR D 436 -13.80 -14.20 -18.90
N ASP D 437 -13.54 -14.06 -17.61
CA ASP D 437 -14.52 -13.43 -16.76
C ASP D 437 -13.77 -12.52 -15.79
N LYS D 438 -13.21 -11.47 -16.42
CA LYS D 438 -12.35 -10.50 -15.78
C LYS D 438 -12.93 -9.92 -14.51
N PRO D 439 -12.25 -10.12 -13.38
CA PRO D 439 -12.52 -9.44 -12.14
C PRO D 439 -11.77 -8.11 -12.11
N ASP D 440 -12.03 -7.38 -11.04
CA ASP D 440 -11.37 -6.11 -10.80
C ASP D 440 -9.96 -6.29 -10.24
N PHE D 441 -9.81 -7.20 -9.27
CA PHE D 441 -8.52 -7.48 -8.63
C PHE D 441 -8.38 -8.96 -8.30
N MET D 442 -7.21 -9.37 -7.80
CA MET D 442 -7.01 -10.71 -7.29
C MET D 442 -6.43 -10.54 -5.90
N ILE D 443 -6.84 -11.41 -4.99
CA ILE D 443 -6.25 -11.40 -3.67
C ILE D 443 -5.54 -12.74 -3.61
N GLY D 444 -4.21 -12.70 -3.51
CA GLY D 444 -3.44 -13.92 -3.48
C GLY D 444 -1.99 -13.68 -3.16
N ASN D 445 -1.19 -14.75 -3.24
CA ASN D 445 0.21 -14.66 -2.95
C ASN D 445 1.01 -14.11 -4.14
N SER D 446 2.32 -14.06 -3.97
CA SER D 446 3.22 -13.54 -4.97
C SER D 446 3.17 -14.22 -6.32
N TYR D 447 2.75 -15.50 -6.40
CA TYR D 447 2.69 -16.20 -7.68
C TYR D 447 1.66 -15.58 -8.59
N GLY D 448 0.77 -14.77 -8.00
CA GLY D 448 -0.22 -14.02 -8.73
C GLY D 448 0.38 -12.86 -9.50
N LYS D 449 1.63 -12.42 -9.27
CA LYS D 449 2.21 -11.31 -10.04
C LYS D 449 2.38 -11.64 -11.52
N PHE D 450 2.57 -12.94 -11.81
CA PHE D 450 2.74 -13.42 -13.15
C PHE D 450 1.40 -13.49 -13.85
N ILE D 451 0.28 -13.61 -13.13
CA ILE D 451 -1.02 -13.54 -13.76
C ILE D 451 -1.26 -12.07 -14.10
N GLN D 452 -0.86 -11.12 -13.23
CA GLN D 452 -1.10 -9.71 -13.52
C GLN D 452 -0.33 -9.20 -14.74
N ARG D 453 0.93 -9.61 -14.93
CA ARG D 453 1.63 -9.17 -16.12
C ARG D 453 1.12 -9.83 -17.38
N ASP D 454 0.54 -11.04 -17.28
CA ASP D 454 -0.14 -11.70 -18.39
C ASP D 454 -1.39 -10.94 -18.80
N THR D 455 -2.20 -10.46 -17.84
CA THR D 455 -3.37 -9.66 -18.20
C THR D 455 -2.99 -8.29 -18.75
N LEU D 456 -1.88 -7.66 -18.34
CA LEU D 456 -1.43 -6.36 -18.89
C LEU D 456 -0.94 -6.51 -20.31
N HIS D 457 -0.39 -7.67 -20.66
CA HIS D 457 0.09 -7.95 -22.00
C HIS D 457 -1.04 -7.90 -23.02
N LYS D 458 -2.25 -8.36 -22.63
CA LYS D 458 -3.39 -8.24 -23.52
C LYS D 458 -3.75 -6.77 -23.72
N GLY D 459 -3.54 -5.98 -22.65
CA GLY D 459 -3.81 -4.55 -22.64
C GLY D 459 -4.15 -4.05 -21.25
N LYS D 460 -4.08 -2.72 -21.08
CA LYS D 460 -4.41 -2.06 -19.81
C LYS D 460 -5.82 -2.28 -19.34
N GLU D 461 -6.79 -2.27 -20.27
CA GLU D 461 -8.21 -2.51 -19.96
C GLU D 461 -8.43 -3.91 -19.39
N PHE D 462 -7.55 -4.83 -19.75
CA PHE D 462 -7.65 -6.21 -19.33
C PHE D 462 -6.83 -6.50 -18.11
N GLU D 463 -5.99 -5.56 -17.65
CA GLU D 463 -5.18 -5.82 -16.48
C GLU D 463 -5.97 -5.95 -15.18
N VAL D 464 -5.64 -7.05 -14.49
CA VAL D 464 -6.24 -7.37 -13.19
C VAL D 464 -5.12 -7.25 -12.16
N PRO D 465 -5.02 -6.16 -11.36
CA PRO D 465 -4.02 -5.96 -10.30
C PRO D 465 -4.01 -6.98 -9.17
N LEU D 466 -2.82 -7.33 -8.65
CA LEU D 466 -2.74 -8.21 -7.50
C LEU D 466 -2.71 -7.43 -6.19
N ILE D 467 -3.41 -8.00 -5.21
CA ILE D 467 -3.48 -7.51 -3.83
C ILE D 467 -2.87 -8.68 -3.05
N ARG D 468 -1.66 -8.52 -2.54
CA ARG D 468 -0.94 -9.57 -1.85
C ARG D 468 -1.40 -9.83 -0.41
N ILE D 469 -2.18 -10.91 -0.28
CA ILE D 469 -2.67 -11.41 1.01
C ILE D 469 -2.58 -12.92 0.88
N GLY D 470 -1.73 -13.53 1.69
CA GLY D 470 -1.54 -14.98 1.66
C GLY D 470 -0.11 -15.36 1.96
N PHE D 471 0.23 -16.54 1.44
CA PHE D 471 1.53 -17.17 1.60
C PHE D 471 1.86 -17.83 0.28
N PRO D 472 3.06 -17.75 -0.31
CA PRO D 472 4.14 -16.88 0.16
C PRO D 472 4.15 -15.48 -0.45
N ILE D 473 4.54 -14.49 0.34
CA ILE D 473 4.74 -13.16 -0.16
C ILE D 473 6.26 -12.90 -0.07
N PHE D 474 6.84 -13.05 -1.27
CA PHE D 474 8.27 -12.93 -1.49
C PHE D 474 8.74 -11.65 -2.15
N ASP D 475 7.88 -10.92 -2.84
CA ASP D 475 8.30 -9.73 -3.56
C ASP D 475 8.00 -8.36 -2.96
N ARG D 476 7.55 -8.38 -1.71
CA ARG D 476 7.27 -7.20 -0.90
C ARG D 476 7.91 -7.45 0.45
N HIS D 477 8.37 -6.40 1.14
CA HIS D 477 8.91 -6.53 2.47
C HIS D 477 7.95 -6.30 3.64
N HIS D 478 8.10 -7.21 4.62
CA HIS D 478 7.47 -7.19 5.94
C HIS D 478 5.97 -7.29 6.10
N LEU D 479 5.30 -7.71 5.03
CA LEU D 479 3.87 -7.98 5.10
C LEU D 479 3.59 -9.24 5.90
N HIS D 480 4.59 -10.03 6.30
CA HIS D 480 4.34 -11.18 7.15
C HIS D 480 4.00 -10.74 8.57
N ARG D 481 4.18 -9.44 8.86
CA ARG D 481 3.88 -8.87 10.16
C ARG D 481 2.44 -8.49 10.35
N SER D 482 1.64 -8.55 9.28
CA SER D 482 0.29 -8.05 9.39
C SER D 482 -0.74 -9.03 9.92
N THR D 483 -2.01 -8.66 9.85
CA THR D 483 -3.08 -9.42 10.49
C THR D 483 -4.25 -9.63 9.55
N THR D 484 -4.72 -10.86 9.46
CA THR D 484 -5.94 -11.15 8.73
C THR D 484 -7.08 -11.63 9.63
N LEU D 485 -6.80 -12.01 10.89
CA LEU D 485 -7.86 -12.47 11.79
C LEU D 485 -8.34 -11.37 12.71
N GLY D 486 -9.54 -11.57 13.24
CA GLY D 486 -10.19 -10.65 14.16
C GLY D 486 -10.73 -9.42 13.46
N TYR D 487 -11.08 -8.46 14.34
CA TYR D 487 -11.52 -7.14 13.93
C TYR D 487 -10.33 -6.37 13.40
N GLU D 488 -9.16 -6.52 14.06
CA GLU D 488 -7.91 -5.89 13.64
C GLU D 488 -7.61 -6.28 12.20
N GLY D 489 -7.69 -7.59 11.97
CA GLY D 489 -7.41 -8.17 10.68
C GLY D 489 -8.37 -7.74 9.62
N ALA D 490 -9.64 -7.59 10.00
CA ALA D 490 -10.67 -7.14 9.07
C ALA D 490 -10.47 -5.68 8.72
N MET D 491 -9.93 -4.90 9.67
CA MET D 491 -9.62 -3.48 9.45
C MET D 491 -8.44 -3.35 8.51
N GLN D 492 -7.48 -4.27 8.60
CA GLN D 492 -6.35 -4.18 7.71
C GLN D 492 -6.71 -4.58 6.28
N ILE D 493 -7.57 -5.58 6.10
CA ILE D 493 -7.96 -6.04 4.78
C ILE D 493 -8.88 -5.01 4.14
N LEU D 494 -9.82 -4.43 4.91
CA LEU D 494 -10.71 -3.40 4.43
C LEU D 494 -9.86 -2.25 3.93
N THR D 495 -8.87 -1.77 4.72
CA THR D 495 -8.02 -0.66 4.28
C THR D 495 -7.19 -0.99 3.04
N THR D 496 -6.72 -2.24 2.86
CA THR D 496 -5.96 -2.65 1.68
C THR D 496 -6.87 -2.73 0.45
N LEU D 497 -8.05 -3.34 0.57
CA LEU D 497 -9.00 -3.46 -0.52
C LEU D 497 -9.49 -2.10 -0.99
N VAL D 498 -9.94 -1.20 -0.09
CA VAL D 498 -10.40 0.13 -0.49
C VAL D 498 -9.27 0.94 -1.10
N ASN D 499 -8.06 0.88 -0.51
CA ASN D 499 -7.00 1.69 -1.06
C ASN D 499 -6.39 1.19 -2.34
N SER D 500 -6.46 -0.13 -2.61
CA SER D 500 -5.99 -0.67 -3.88
C SER D 500 -6.92 -0.19 -5.00
N ILE D 501 -8.23 -0.15 -4.66
CA ILE D 501 -9.28 0.35 -5.54
C ILE D 501 -9.07 1.83 -5.84
N LEU D 502 -8.80 2.63 -4.81
CA LEU D 502 -8.61 4.05 -5.04
C LEU D 502 -7.31 4.42 -5.75
N GLU D 503 -6.31 3.58 -5.53
CA GLU D 503 -5.04 3.70 -6.22
C GLU D 503 -5.18 3.49 -7.72
N ARG D 504 -5.92 2.42 -8.06
CA ARG D 504 -6.19 2.09 -9.45
C ARG D 504 -7.07 3.15 -10.09
N LEU D 505 -7.99 3.80 -9.34
CA LEU D 505 -8.78 4.87 -9.91
C LEU D 505 -7.88 6.06 -10.18
N ASP D 506 -6.95 6.38 -9.29
CA ASP D 506 -6.04 7.50 -9.52
C ASP D 506 -5.13 7.25 -10.69
N GLU D 507 -4.78 5.97 -10.90
CA GLU D 507 -3.90 5.56 -11.97
C GLU D 507 -4.62 5.71 -13.30
N GLU D 508 -5.89 5.29 -13.33
CA GLU D 508 -6.72 5.42 -14.51
C GLU D 508 -7.15 6.85 -14.81
N THR D 509 -7.14 7.74 -13.82
CA THR D 509 -7.48 9.14 -14.04
C THR D 509 -6.30 10.11 -13.91
N ARG D 510 -5.04 9.66 -13.98
CA ARG D 510 -3.86 10.52 -13.87
C ARG D 510 -3.41 11.14 -15.19
N GLY D 511 -4.20 10.98 -16.28
CA GLY D 511 -3.85 11.50 -17.59
C GLY D 511 -4.40 12.88 -17.84
N MET D 512 -3.48 13.85 -18.04
CA MET D 512 -3.81 15.25 -18.36
C MET D 512 -4.70 15.47 -19.56
N GLN D 513 -5.81 16.15 -19.27
CA GLN D 513 -6.85 16.49 -20.24
C GLN D 513 -7.45 15.28 -20.96
N ALA D 514 -7.23 14.09 -20.43
CA ALA D 514 -7.76 12.87 -21.01
C ALA D 514 -8.74 12.35 -20.00
N THR D 515 -8.23 11.88 -18.87
CA THR D 515 -9.04 11.25 -17.85
C THR D 515 -8.95 11.92 -16.46
N ASP D 516 -8.09 12.95 -16.32
CA ASP D 516 -7.93 13.59 -15.01
C ASP D 516 -9.07 14.45 -14.52
N TYR D 517 -10.17 14.60 -15.28
CA TYR D 517 -11.37 15.29 -14.79
C TYR D 517 -11.93 14.60 -13.56
N ASN D 518 -11.59 13.31 -13.36
CA ASN D 518 -12.00 12.52 -12.19
C ASN D 518 -10.78 12.24 -11.31
N HIS D 519 -9.78 13.12 -11.26
CA HIS D 519 -8.61 12.90 -10.43
C HIS D 519 -8.86 13.78 -9.23
N ASP D 520 -9.80 13.28 -8.45
CA ASP D 520 -10.33 13.98 -7.27
C ASP D 520 -9.39 14.02 -6.08
N LEU D 521 -9.36 15.19 -5.42
CA LEU D 521 -8.57 15.36 -4.21
C LEU D 521 -9.20 14.54 -3.09
N VAL D 522 -10.53 14.67 -2.97
CA VAL D 522 -11.25 13.93 -1.96
C VAL D 522 -11.98 12.77 -2.60
N ARG D 523 -11.76 11.60 -1.99
CA ARG D 523 -12.50 10.38 -2.33
C ARG D 523 -12.95 9.70 -1.02
#